data_9LFT
#
_entry.id   9LFT
#
_cell.length_a   90.571
_cell.length_b   108.202
_cell.length_c   99.055
_cell.angle_alpha   90.00
_cell.angle_beta   99.46
_cell.angle_gamma   90.00
#
_symmetry.space_group_name_H-M   'P 1 21 1'
#
loop_
_entity.id
_entity.type
_entity.pdbx_description
1 polymer 4-Hydroxyphenylacetate-3-monooxygenase
2 non-polymer 2,5,8,11,14,17,20,23,26,29,32,35,38,41,44,47,50,53,56,59,62,65,68,71,74,77,80-HEPTACOSAOXADOOCTACONTAN-82-OL
3 water water
#
_entity_poly.entity_id   1
_entity_poly.type   'polypeptide(L)'
_entity_poly.pdbx_seq_one_letter_code
;MASMTGGQQMGRGSPAKTGQEYMERLKRAKSSVYIHGEKVEDVTVHPAFCNVVRSMAALYDRQYEKPEKMLYRSPTTGQL
VGMTFIQPTTIDELIARREATQEWARMSAGMMGRSPDYLNAEVMAMGVANDLFAEDDPMFAENAKNYYEYARENDISLTH
TLIHPQMNRAKALHEQNDADVPLHLVERRKDGIIVSGIRLLATQGGITDEILVFPSTVKKSTAGEDPYALAFAIPNNTPG
VKFICREAFDYGRSSWDHPLASRFEEGDAIVSFENVFVPWERVFVCGNSSICNRTFRETNAVIHMSHQVVAKNIVKTEFL
LGVTLCLIEAIGIGEFQHVKDKGAEIMLVLETMKSHLYRAEHNAKRDRWGTMTPDFAALDAARNWYPRIYPRLSEIIRIL
GASGLMAIPTEADFHNEEIGEIVSRAMQGATVDGYERVQLFRLAWDLTMSAFGARQTHYEYYFFGDPVRMGMAYFDGYEK
EPYKQFVREFLRGAKSVFIPSDNKHKLAAALEHHHHHH
;
_entity_poly.pdbx_strand_id   A,B,C,D
#
loop_
_chem_comp.id
_chem_comp.type
_chem_comp.name
_chem_comp.formula
PEU non-polymer 2,5,8,11,14,17,20,23,26,29,32,35,38,41,44,47,50,53,56,59,62,65,68,71,74,77,80-HEPTACOSAOXADOOCTACONTAN-82-OL 'C55 H112 O28'
#
# COMPACT_ATOMS: atom_id res chain seq x y z
N SER A 14 17.72 -42.56 29.41
CA SER A 14 17.44 -41.74 28.20
C SER A 14 18.07 -40.35 28.32
N PRO A 15 18.93 -39.91 27.36
CA PRO A 15 19.58 -38.60 27.41
C PRO A 15 18.72 -37.37 27.09
N ALA A 16 17.61 -37.55 26.37
CA ALA A 16 16.66 -36.47 26.18
C ALA A 16 16.15 -36.01 27.55
N LYS A 17 16.07 -34.69 27.73
CA LYS A 17 15.89 -34.12 29.05
C LYS A 17 14.42 -33.78 29.34
N THR A 18 14.11 -33.73 30.64
CA THR A 18 12.82 -33.30 31.14
C THR A 18 12.91 -31.81 31.47
N GLY A 19 11.76 -31.21 31.79
CA GLY A 19 11.69 -29.84 32.21
C GLY A 19 12.58 -29.56 33.42
N GLN A 20 12.51 -30.41 34.45
CA GLN A 20 13.24 -30.11 35.66
C GLN A 20 14.73 -30.36 35.38
N GLU A 21 15.07 -31.35 34.55
CA GLU A 21 16.47 -31.56 34.25
C GLU A 21 17.01 -30.31 33.53
N TYR A 22 16.18 -29.70 32.68
CA TYR A 22 16.55 -28.48 31.98
C TYR A 22 16.78 -27.33 32.97
N MET A 23 15.89 -27.18 33.95
CA MET A 23 16.01 -26.07 34.88
C MET A 23 17.22 -26.27 35.78
N GLU A 24 17.47 -27.52 36.16
CA GLU A 24 18.55 -27.85 37.07
C GLU A 24 19.89 -27.52 36.41
N ARG A 25 19.99 -27.72 35.09
CA ARG A 25 21.23 -27.44 34.36
C ARG A 25 21.48 -25.95 34.26
N LEU A 26 20.43 -25.13 34.15
CA LEU A 26 20.60 -23.70 34.07
C LEU A 26 21.06 -23.15 35.42
N LYS A 27 20.49 -23.70 36.49
CA LYS A 27 20.78 -23.28 37.85
C LYS A 27 22.25 -23.57 38.18
N ARG A 28 22.72 -24.75 37.79
CA ARG A 28 24.06 -25.22 38.10
C ARG A 28 25.10 -24.53 37.22
N ALA A 29 24.68 -23.90 36.11
CA ALA A 29 25.61 -23.31 35.16
C ALA A 29 26.14 -21.97 35.66
N LYS A 30 25.25 -21.12 36.18
CA LYS A 30 25.62 -19.85 36.79
C LYS A 30 26.25 -18.89 35.77
N SER A 31 25.64 -18.73 34.59
CA SER A 31 26.20 -17.84 33.58
C SER A 31 26.19 -16.40 34.10
N SER A 32 27.14 -15.58 33.64
CA SER A 32 27.18 -14.17 33.98
C SER A 32 26.13 -13.40 33.17
N VAL A 33 25.03 -13.04 33.84
CA VAL A 33 23.88 -12.47 33.17
C VAL A 33 23.50 -11.21 33.93
N TYR A 34 23.36 -10.08 33.22
CA TYR A 34 23.02 -8.80 33.81
C TYR A 34 21.70 -8.33 33.20
N ILE A 35 20.79 -7.87 34.07
CA ILE A 35 19.59 -7.17 33.67
C ILE A 35 19.24 -6.11 34.72
N HIS A 36 18.64 -5.02 34.27
CA HIS A 36 18.21 -3.93 35.13
C HIS A 36 19.35 -3.50 36.06
N GLY A 37 20.57 -3.38 35.53
CA GLY A 37 21.68 -2.85 36.29
C GLY A 37 22.31 -3.83 37.28
N GLU A 38 21.88 -5.10 37.36
CA GLU A 38 22.42 -6.02 38.36
C GLU A 38 22.80 -7.40 37.78
N LYS A 39 23.79 -8.05 38.41
CA LYS A 39 24.13 -9.43 38.12
C LYS A 39 22.97 -10.29 38.59
N VAL A 40 22.66 -11.34 37.82
CA VAL A 40 21.59 -12.26 38.13
C VAL A 40 22.17 -13.45 38.87
N GLU A 41 21.63 -13.77 40.06
CA GLU A 41 22.14 -14.89 40.82
C GLU A 41 21.64 -16.19 40.20
N ASP A 42 20.34 -16.26 39.90
CA ASP A 42 19.72 -17.49 39.43
C ASP A 42 18.70 -17.11 38.37
N VAL A 43 18.94 -17.56 37.13
CA VAL A 43 18.04 -17.24 36.01
C VAL A 43 16.71 -17.99 36.20
N THR A 44 16.70 -19.14 36.89
CA THR A 44 15.48 -19.91 36.99
C THR A 44 14.46 -19.25 37.92
N VAL A 45 14.88 -18.31 38.78
CA VAL A 45 13.92 -17.68 39.68
C VAL A 45 13.89 -16.16 39.56
N HIS A 46 14.83 -15.50 38.86
CA HIS A 46 14.79 -14.05 38.65
C HIS A 46 13.50 -13.65 37.93
N PRO A 47 12.74 -12.62 38.36
CA PRO A 47 11.45 -12.30 37.74
C PRO A 47 11.47 -12.10 36.22
N ALA A 48 12.59 -11.67 35.66
CA ALA A 48 12.62 -11.32 34.26
C ALA A 48 12.70 -12.57 33.39
N PHE A 49 12.98 -13.73 33.98
CA PHE A 49 13.35 -14.91 33.21
C PHE A 49 12.53 -16.13 33.62
N CYS A 50 12.04 -16.17 34.85
CA CYS A 50 11.53 -17.41 35.41
C CYS A 50 10.34 -17.95 34.61
N ASN A 51 9.47 -17.06 34.09
CA ASN A 51 8.30 -17.49 33.31
C ASN A 51 8.68 -18.13 31.99
N VAL A 52 9.60 -17.51 31.26
CA VAL A 52 9.96 -18.03 29.95
C VAL A 52 10.74 -19.33 30.14
N VAL A 53 11.46 -19.45 31.26
CA VAL A 53 12.22 -20.66 31.58
C VAL A 53 11.24 -21.80 31.83
N ARG A 54 10.12 -21.47 32.49
CA ARG A 54 9.06 -22.41 32.79
C ARG A 54 8.42 -22.92 31.50
N SER A 55 8.19 -21.98 30.57
CA SER A 55 7.63 -22.27 29.25
C SER A 55 8.56 -23.22 28.48
N MET A 56 9.87 -22.95 28.49
CA MET A 56 10.83 -23.86 27.85
C MET A 56 10.78 -25.23 28.51
N ALA A 57 10.71 -25.25 29.85
CA ALA A 57 10.66 -26.49 30.61
C ALA A 57 9.46 -27.34 30.18
N ALA A 58 8.32 -26.69 29.94
CA ALA A 58 7.13 -27.39 29.50
C ALA A 58 7.33 -28.06 28.14
N LEU A 59 8.16 -27.48 27.26
CA LEU A 59 8.48 -28.09 25.98
C LEU A 59 9.21 -29.42 26.22
N TYR A 60 10.16 -29.42 27.17
CA TYR A 60 10.95 -30.63 27.40
C TYR A 60 10.06 -31.69 28.04
N ASP A 61 9.03 -31.27 28.76
CA ASP A 61 8.10 -32.22 29.35
C ASP A 61 7.22 -32.83 28.26
N ARG A 62 6.88 -32.04 27.24
CA ARG A 62 6.04 -32.54 26.16
C ARG A 62 6.75 -33.70 25.44
N GLN A 63 8.10 -33.70 25.36
CA GLN A 63 8.79 -34.76 24.66
C GLN A 63 8.48 -36.09 25.34
N TYR A 64 8.39 -36.10 26.68
CA TYR A 64 8.17 -37.33 27.42
C TYR A 64 6.69 -37.69 27.44
N GLU A 65 5.79 -36.70 27.40
CA GLU A 65 4.36 -36.96 27.29
C GLU A 65 4.03 -37.62 25.95
N LYS A 66 4.73 -37.24 24.86
CA LYS A 66 4.45 -37.75 23.52
C LYS A 66 5.72 -38.30 22.87
N PRO A 67 6.31 -39.40 23.39
CA PRO A 67 7.60 -39.87 22.92
C PRO A 67 7.60 -40.32 21.47
N GLU A 68 6.55 -41.02 21.06
CA GLU A 68 6.44 -41.58 19.71
C GLU A 68 6.57 -40.48 18.65
N LYS A 69 6.08 -39.29 18.96
CA LYS A 69 6.16 -38.17 18.04
C LYS A 69 7.37 -37.27 18.28
N MET A 70 7.88 -37.20 19.52
CA MET A 70 8.80 -36.13 19.87
C MET A 70 10.21 -36.64 20.10
N LEU A 71 10.43 -37.96 19.99
CA LEU A 71 11.73 -38.56 20.21
C LEU A 71 12.01 -39.55 19.08
N TYR A 72 13.27 -39.97 18.91
CA TYR A 72 13.63 -41.02 17.96
C TYR A 72 14.93 -41.66 18.44
N ARG A 73 15.35 -42.76 17.78
CA ARG A 73 16.53 -43.51 18.17
C ARG A 73 17.75 -42.94 17.47
N SER A 74 18.77 -42.62 18.26
CA SER A 74 20.01 -42.05 17.79
C SER A 74 20.72 -43.06 16.89
N PRO A 75 21.15 -42.70 15.65
CA PRO A 75 21.91 -43.63 14.82
C PRO A 75 23.27 -44.05 15.40
N THR A 76 23.80 -43.32 16.40
CA THR A 76 25.12 -43.61 16.97
C THR A 76 25.02 -44.38 18.30
N THR A 77 24.00 -44.08 19.13
CA THR A 77 23.93 -44.62 20.48
C THR A 77 22.71 -45.51 20.67
N GLY A 78 21.69 -45.38 19.83
CA GLY A 78 20.48 -46.18 19.95
C GLY A 78 19.50 -45.68 21.00
N GLN A 79 19.82 -44.56 21.67
CA GLN A 79 18.98 -44.05 22.74
C GLN A 79 18.01 -43.01 22.20
N LEU A 80 16.97 -42.73 22.98
CA LEU A 80 15.92 -41.81 22.60
C LEU A 80 16.42 -40.37 22.75
N VAL A 81 16.43 -39.65 21.62
CA VAL A 81 16.93 -38.29 21.54
C VAL A 81 15.84 -37.44 20.92
N GLY A 82 16.00 -36.12 20.97
CA GLY A 82 14.99 -35.22 20.42
C GLY A 82 14.76 -35.38 18.91
N MET A 83 13.48 -35.46 18.52
CA MET A 83 13.11 -35.57 17.12
C MET A 83 13.64 -34.38 16.30
N THR A 84 13.74 -33.20 16.91
CA THR A 84 14.11 -31.97 16.20
C THR A 84 15.59 -31.99 15.83
N PHE A 85 16.36 -32.93 16.38
CA PHE A 85 17.75 -33.09 15.96
C PHE A 85 17.89 -34.00 14.74
N ILE A 86 16.78 -34.62 14.29
CA ILE A 86 16.93 -35.71 13.32
C ILE A 86 17.56 -35.17 12.05
N GLN A 87 18.37 -36.03 11.44
CA GLN A 87 18.74 -35.94 10.05
C GLN A 87 17.73 -36.71 9.20
N PRO A 88 16.71 -36.03 8.60
CA PRO A 88 15.72 -36.74 7.80
C PRO A 88 16.33 -37.35 6.55
N THR A 89 16.00 -38.63 6.28
CA THR A 89 16.53 -39.36 5.15
C THR A 89 15.37 -39.78 4.23
N THR A 90 14.13 -39.50 4.66
CA THR A 90 12.93 -39.77 3.89
C THR A 90 11.96 -38.63 4.14
N ILE A 91 11.00 -38.44 3.23
CA ILE A 91 9.98 -37.42 3.37
C ILE A 91 9.18 -37.65 4.64
N ASP A 92 8.98 -38.91 5.05
CA ASP A 92 8.27 -39.21 6.27
C ASP A 92 9.02 -38.67 7.50
N GLU A 93 10.33 -38.95 7.59
CA GLU A 93 11.14 -38.42 8.67
C GLU A 93 11.13 -36.90 8.67
N LEU A 94 11.09 -36.29 7.47
CA LEU A 94 11.08 -34.84 7.35
C LEU A 94 9.78 -34.24 7.88
N ILE A 95 8.64 -34.83 7.50
CA ILE A 95 7.34 -34.44 8.02
C ILE A 95 7.29 -34.68 9.53
N ALA A 96 7.84 -35.80 9.98
CA ALA A 96 7.84 -36.10 11.41
C ALA A 96 8.56 -34.98 12.16
N ARG A 97 9.69 -34.52 11.61
CA ARG A 97 10.46 -33.47 12.26
C ARG A 97 9.60 -32.21 12.36
N ARG A 98 8.88 -31.90 11.28
CA ARG A 98 8.04 -30.72 11.24
C ARG A 98 6.87 -30.81 12.23
N GLU A 99 6.26 -31.99 12.37
CA GLU A 99 5.11 -32.18 13.26
C GLU A 99 5.55 -31.97 14.69
N ALA A 100 6.80 -32.34 15.01
CA ALA A 100 7.37 -32.13 16.34
C ALA A 100 7.56 -30.63 16.59
N THR A 101 8.08 -29.92 15.58
CA THR A 101 8.20 -28.47 15.61
C THR A 101 6.83 -27.81 15.84
N GLN A 102 5.77 -28.35 15.25
CA GLN A 102 4.48 -27.70 15.32
C GLN A 102 3.84 -27.92 16.69
N GLU A 103 4.12 -29.08 17.30
CA GLU A 103 3.62 -29.38 18.62
C GLU A 103 4.14 -28.37 19.62
N TRP A 104 5.47 -28.14 19.65
CA TRP A 104 6.05 -27.10 20.49
C TRP A 104 5.54 -25.71 20.11
N ALA A 105 5.37 -25.45 18.81
CA ALA A 105 4.98 -24.13 18.36
C ALA A 105 3.56 -23.85 18.83
N ARG A 106 2.73 -24.89 18.88
CA ARG A 106 1.37 -24.74 19.37
C ARG A 106 1.35 -24.37 20.85
N MET A 107 2.29 -24.94 21.62
CA MET A 107 2.40 -24.68 23.04
C MET A 107 2.78 -23.24 23.35
N SER A 108 3.49 -22.58 22.42
CA SER A 108 4.01 -21.23 22.58
C SER A 108 3.32 -20.24 21.65
N ALA A 109 2.19 -20.64 21.05
CA ALA A 109 1.43 -19.83 20.10
C ALA A 109 2.31 -19.18 19.02
N GLY A 110 3.44 -19.81 18.67
CA GLY A 110 4.31 -19.31 17.62
C GLY A 110 5.11 -18.08 18.04
N MET A 111 5.23 -17.85 19.34
CA MET A 111 5.78 -16.60 19.86
C MET A 111 7.28 -16.73 20.13
N MET A 112 7.80 -17.96 20.16
CA MET A 112 9.20 -18.19 20.49
C MET A 112 10.04 -18.25 19.23
N GLY A 113 11.07 -17.40 19.13
CA GLY A 113 12.02 -17.49 18.03
C GLY A 113 13.21 -18.45 18.25
N ARG A 114 13.40 -18.97 19.47
CA ARG A 114 14.56 -19.82 19.73
C ARG A 114 14.15 -20.97 20.63
N SER A 115 12.97 -21.51 20.34
CA SER A 115 12.67 -22.87 20.77
C SER A 115 13.77 -23.77 20.23
N PRO A 116 14.12 -24.85 20.97
CA PRO A 116 15.34 -25.60 20.68
C PRO A 116 15.46 -26.09 19.24
N ASP A 117 14.31 -26.25 18.58
CA ASP A 117 14.19 -26.84 17.25
C ASP A 117 14.82 -25.96 16.17
N TYR A 118 14.82 -24.64 16.34
CA TYR A 118 15.43 -23.74 15.38
C TYR A 118 16.93 -23.99 15.25
N LEU A 119 17.61 -23.96 16.38
CA LEU A 119 19.05 -24.18 16.39
C LEU A 119 19.39 -25.65 16.13
N ASN A 120 18.54 -26.57 16.61
CA ASN A 120 18.75 -28.00 16.40
C ASN A 120 18.88 -28.31 14.91
N ALA A 121 18.11 -27.61 14.07
CA ALA A 121 18.18 -27.79 12.63
C ALA A 121 19.52 -27.30 12.06
N GLU A 122 19.99 -26.13 12.53
CA GLU A 122 21.24 -25.51 12.09
C GLU A 122 22.41 -26.41 12.40
N VAL A 123 22.45 -26.93 13.64
CA VAL A 123 23.54 -27.77 14.12
C VAL A 123 23.60 -29.10 13.38
N MET A 124 22.43 -29.69 13.09
CA MET A 124 22.33 -30.94 12.35
C MET A 124 22.86 -30.73 10.93
N ALA A 125 22.36 -29.70 10.25
CA ALA A 125 22.72 -29.44 8.86
C ALA A 125 24.25 -29.35 8.71
N MET A 126 24.89 -28.63 9.62
CA MET A 126 26.31 -28.35 9.54
C MET A 126 27.15 -29.51 10.06
N GLY A 127 26.57 -30.30 10.98
CA GLY A 127 27.20 -31.54 11.39
C GLY A 127 27.34 -32.50 10.21
N VAL A 128 26.28 -32.59 9.44
CA VAL A 128 26.14 -33.62 8.43
C VAL A 128 26.79 -33.17 7.13
N ALA A 129 26.57 -31.92 6.73
CA ALA A 129 27.16 -31.39 5.52
C ALA A 129 28.37 -30.52 5.86
N ASN A 130 29.40 -31.13 6.44
CA ASN A 130 30.46 -30.38 7.11
C ASN A 130 31.68 -30.10 6.23
N ASP A 131 31.64 -30.51 4.95
CA ASP A 131 32.83 -30.59 4.11
C ASP A 131 33.43 -29.22 3.85
N LEU A 132 32.60 -28.19 3.73
CA LEU A 132 33.01 -26.80 3.49
C LEU A 132 34.15 -26.41 4.43
N PHE A 133 33.99 -26.79 5.71
CA PHE A 133 34.91 -26.45 6.79
C PHE A 133 36.29 -27.05 6.56
N ALA A 134 36.38 -28.22 5.91
CA ALA A 134 37.65 -28.90 5.66
C ALA A 134 38.52 -28.15 4.64
N GLU A 135 37.96 -27.23 3.84
CA GLU A 135 38.77 -26.36 3.00
C GLU A 135 39.83 -25.62 3.83
N ASP A 136 39.45 -25.23 5.05
CA ASP A 136 40.35 -24.54 5.95
C ASP A 136 41.29 -25.55 6.58
N ASP A 137 40.71 -26.55 7.27
CA ASP A 137 41.47 -27.63 7.90
C ASP A 137 40.50 -28.78 8.17
N PRO A 138 40.87 -30.06 7.88
CA PRO A 138 39.97 -31.20 8.11
C PRO A 138 39.37 -31.29 9.51
N MET A 139 40.08 -30.75 10.51
CA MET A 139 39.66 -30.81 11.90
C MET A 139 38.36 -30.03 12.15
N PHE A 140 38.19 -28.88 11.50
CA PHE A 140 36.99 -28.09 11.70
C PHE A 140 35.74 -28.86 11.24
N ALA A 141 35.87 -29.68 10.18
CA ALA A 141 34.79 -30.50 9.68
C ALA A 141 34.43 -31.62 10.66
N GLU A 142 35.44 -32.28 11.23
CA GLU A 142 35.26 -33.27 12.29
C GLU A 142 34.54 -32.66 13.49
N ASN A 143 35.00 -31.47 13.90
CA ASN A 143 34.44 -30.74 15.02
C ASN A 143 32.93 -30.54 14.82
N ALA A 144 32.53 -30.14 13.61
CA ALA A 144 31.14 -29.92 13.29
C ALA A 144 30.32 -31.17 13.55
N LYS A 145 30.80 -32.30 13.03
CA LYS A 145 30.09 -33.56 13.18
C LYS A 145 30.03 -33.94 14.66
N ASN A 146 31.18 -33.86 15.36
CA ASN A 146 31.24 -34.19 16.77
C ASN A 146 30.33 -33.26 17.59
N TYR A 147 30.19 -32.01 17.14
CA TYR A 147 29.45 -31.02 17.91
C TYR A 147 27.97 -31.36 17.84
N TYR A 148 27.50 -31.73 16.65
CA TYR A 148 26.11 -32.09 16.44
C TYR A 148 25.77 -33.30 17.29
N GLU A 149 26.61 -34.33 17.26
CA GLU A 149 26.39 -35.53 18.06
C GLU A 149 26.36 -35.19 19.54
N TYR A 150 27.30 -34.35 19.99
CA TYR A 150 27.32 -33.96 21.39
C TYR A 150 26.02 -33.21 21.74
N ALA A 151 25.54 -32.34 20.85
CA ALA A 151 24.37 -31.54 21.15
C ALA A 151 23.14 -32.44 21.26
N ARG A 152 23.04 -33.43 20.36
CA ARG A 152 21.88 -34.31 20.25
C ARG A 152 21.84 -35.29 21.42
N GLU A 153 23.01 -35.89 21.72
CA GLU A 153 23.13 -36.94 22.72
C GLU A 153 23.14 -36.38 24.14
N ASN A 154 23.22 -35.05 24.29
CA ASN A 154 23.16 -34.40 25.60
C ASN A 154 21.99 -33.43 25.74
N ASP A 155 21.02 -33.51 24.80
CA ASP A 155 19.90 -32.59 24.63
C ASP A 155 20.27 -31.16 25.03
N ILE A 156 21.29 -30.60 24.39
CA ILE A 156 21.71 -29.22 24.64
C ILE A 156 20.65 -28.25 24.12
N SER A 157 20.41 -27.17 24.88
CA SER A 157 19.56 -26.11 24.38
C SER A 157 20.42 -24.92 23.93
N LEU A 158 20.14 -24.42 22.72
CA LEU A 158 21.05 -23.51 22.04
C LEU A 158 20.33 -22.24 21.65
N THR A 159 21.08 -21.14 21.59
CA THR A 159 20.74 -20.04 20.73
C THR A 159 21.97 -19.69 19.90
N HIS A 160 21.86 -18.63 19.09
CA HIS A 160 23.00 -18.14 18.34
C HIS A 160 23.04 -16.63 18.41
N THR A 161 24.11 -16.09 17.85
CA THR A 161 24.25 -14.66 17.68
C THR A 161 24.94 -14.47 16.35
N LEU A 162 24.29 -13.72 15.46
CA LEU A 162 24.72 -13.56 14.08
C LEU A 162 25.06 -12.10 13.80
N ILE A 163 24.95 -11.22 14.80
CA ILE A 163 24.87 -9.80 14.52
C ILE A 163 26.03 -9.09 15.22
N HIS A 164 26.80 -8.36 14.40
CA HIS A 164 27.92 -7.55 14.83
C HIS A 164 27.41 -6.17 15.27
N PRO A 165 28.13 -5.46 16.16
CA PRO A 165 27.93 -4.03 16.29
C PRO A 165 28.55 -3.32 15.10
N GLN A 166 27.76 -3.21 14.04
CA GLN A 166 28.03 -2.14 13.09
C GLN A 166 27.65 -0.87 13.86
N MET A 167 28.46 0.16 13.68
CA MET A 167 28.22 1.40 14.38
C MET A 167 27.90 2.40 13.30
N ASN A 168 28.83 2.50 12.35
CA ASN A 168 28.64 3.19 11.09
C ASN A 168 28.35 2.20 9.96
N ARG A 169 27.07 2.13 9.52
CA ARG A 169 26.60 1.20 8.50
C ARG A 169 27.14 1.57 7.10
N ALA A 170 27.61 2.82 6.93
CA ALA A 170 28.25 3.26 5.69
C ALA A 170 29.59 2.56 5.44
N LYS A 171 30.07 1.74 6.40
CA LYS A 171 31.45 1.28 6.38
C LYS A 171 31.53 -0.15 6.92
N ALA A 172 32.67 -0.80 6.62
CA ALA A 172 32.96 -2.16 7.03
C ALA A 172 33.51 -2.17 8.46
N LEU A 173 33.43 -3.32 9.14
CA LEU A 173 33.79 -3.49 10.53
C LEU A 173 35.21 -2.97 10.81
N HIS A 174 36.13 -3.19 9.86
CA HIS A 174 37.53 -2.87 10.02
C HIS A 174 37.78 -1.35 9.92
N GLU A 175 36.78 -0.60 9.41
CA GLU A 175 36.91 0.83 9.16
C GLU A 175 36.31 1.67 10.29
N GLN A 176 35.51 1.06 11.17
CA GLN A 176 34.87 1.77 12.27
C GLN A 176 35.91 2.60 13.03
N ASN A 177 35.42 3.61 13.76
CA ASN A 177 36.26 4.38 14.70
C ASN A 177 36.98 3.40 15.62
N ASP A 178 36.21 2.46 16.23
CA ASP A 178 36.79 1.45 17.11
C ASP A 178 36.62 0.06 16.48
N ALA A 179 37.69 -0.37 15.80
CA ALA A 179 37.72 -1.61 15.07
C ALA A 179 37.75 -2.84 15.98
N ASP A 180 38.09 -2.67 17.27
CA ASP A 180 38.20 -3.79 18.20
C ASP A 180 36.88 -4.11 18.91
N VAL A 181 35.83 -3.30 18.70
CA VAL A 181 34.57 -3.54 19.38
C VAL A 181 33.94 -4.84 18.89
N PRO A 182 33.86 -5.10 17.56
CA PRO A 182 33.22 -6.32 17.10
C PRO A 182 34.08 -7.52 17.44
N LEU A 183 33.42 -8.67 17.62
CA LEU A 183 34.06 -9.90 18.06
C LEU A 183 35.11 -10.33 17.05
N HIS A 184 36.34 -10.55 17.52
CA HIS A 184 37.43 -10.88 16.61
C HIS A 184 38.47 -11.76 17.27
N LEU A 185 39.29 -12.36 16.42
CA LEU A 185 40.29 -13.31 16.83
C LEU A 185 41.47 -12.54 17.39
N VAL A 186 41.86 -12.85 18.63
CA VAL A 186 42.94 -12.13 19.26
C VAL A 186 44.24 -12.90 19.04
N GLU A 187 44.20 -14.23 19.20
CA GLU A 187 45.37 -15.04 18.89
C GLU A 187 45.01 -16.52 18.85
N ARG A 188 45.97 -17.32 18.36
CA ARG A 188 45.89 -18.76 18.20
C ARG A 188 46.86 -19.43 19.16
N ARG A 189 46.47 -20.58 19.71
CA ARG A 189 47.29 -21.30 20.66
C ARG A 189 47.24 -22.79 20.34
N LYS A 190 48.05 -23.55 21.07
CA LYS A 190 48.07 -25.00 20.97
C LYS A 190 46.65 -25.51 21.15
N ASP A 191 45.99 -25.06 22.22
CA ASP A 191 44.86 -25.76 22.80
C ASP A 191 43.53 -25.14 22.34
N GLY A 192 43.58 -23.97 21.67
CA GLY A 192 42.39 -23.27 21.22
C GLY A 192 42.73 -21.85 20.75
N ILE A 193 41.74 -20.95 20.81
CA ILE A 193 41.87 -19.56 20.36
C ILE A 193 41.34 -18.62 21.43
N ILE A 194 41.72 -17.34 21.31
CA ILE A 194 41.25 -16.29 22.19
C ILE A 194 40.48 -15.30 21.35
N VAL A 195 39.30 -14.88 21.83
CA VAL A 195 38.48 -13.90 21.15
C VAL A 195 37.97 -12.85 22.13
N SER A 196 37.77 -11.64 21.58
CA SER A 196 37.38 -10.44 22.32
C SER A 196 36.45 -9.59 21.47
N GLY A 197 35.47 -8.98 22.13
CA GLY A 197 34.59 -8.02 21.51
C GLY A 197 33.15 -8.42 21.76
N ILE A 198 32.25 -8.00 20.86
CA ILE A 198 30.85 -7.94 21.17
C ILE A 198 30.05 -8.45 19.99
N ARG A 199 29.00 -9.20 20.32
CA ARG A 199 27.98 -9.63 19.40
C ARG A 199 26.64 -9.17 19.96
N LEU A 200 25.65 -8.94 19.09
CA LEU A 200 24.38 -8.36 19.49
C LEU A 200 23.25 -9.38 19.33
N LEU A 201 22.11 -9.08 19.97
CA LEU A 201 20.88 -9.80 19.78
C LEU A 201 21.07 -11.31 19.98
N ALA A 202 21.51 -11.72 21.17
CA ALA A 202 21.38 -13.12 21.56
C ALA A 202 20.04 -13.35 22.26
N THR A 203 19.06 -13.85 21.50
CA THR A 203 17.72 -14.11 21.99
C THR A 203 17.79 -15.36 22.86
N GLN A 204 17.24 -15.30 24.09
CA GLN A 204 17.42 -16.35 25.10
C GLN A 204 18.90 -16.46 25.53
N GLY A 205 19.67 -15.39 25.35
CA GLY A 205 21.03 -15.30 25.85
C GLY A 205 21.12 -15.65 27.33
N GLY A 206 21.85 -16.72 27.64
CA GLY A 206 22.10 -17.10 29.02
C GLY A 206 20.88 -17.65 29.76
N ILE A 207 19.84 -18.09 29.03
CA ILE A 207 18.95 -19.10 29.58
C ILE A 207 18.91 -20.31 28.66
N THR A 208 20.00 -20.49 27.91
CA THR A 208 20.29 -21.70 27.16
C THR A 208 21.56 -22.31 27.74
N ASP A 209 21.84 -23.55 27.31
CA ASP A 209 23.06 -24.23 27.71
C ASP A 209 24.24 -23.63 26.95
N GLU A 210 24.16 -23.58 25.62
CA GLU A 210 25.29 -23.17 24.79
C GLU A 210 24.86 -22.17 23.74
N ILE A 211 25.84 -21.47 23.15
CA ILE A 211 25.59 -20.43 22.17
C ILE A 211 26.49 -20.63 20.95
N LEU A 212 25.89 -20.64 19.75
CA LEU A 212 26.60 -20.70 18.49
C LEU A 212 26.95 -19.28 18.06
N VAL A 213 28.24 -19.00 17.88
CA VAL A 213 28.65 -17.74 17.26
C VAL A 213 28.93 -17.99 15.79
N PHE A 214 28.08 -17.44 14.91
CA PHE A 214 28.11 -17.72 13.49
C PHE A 214 28.01 -16.43 12.68
N PRO A 215 28.43 -16.43 11.39
CA PRO A 215 28.24 -15.26 10.51
C PRO A 215 26.78 -14.92 10.22
N SER A 216 26.55 -13.76 9.61
CA SER A 216 25.20 -13.37 9.23
C SER A 216 24.68 -14.27 8.11
N THR A 217 23.34 -14.37 8.01
CA THR A 217 22.64 -15.05 6.94
C THR A 217 22.79 -14.28 5.61
N VAL A 218 22.78 -12.94 5.71
CA VAL A 218 22.66 -12.03 4.57
C VAL A 218 23.95 -11.21 4.40
N LYS A 219 24.37 -10.54 5.47
CA LYS A 219 25.39 -9.51 5.39
C LYS A 219 26.72 -10.19 5.03
N LYS A 220 27.20 -9.88 3.82
CA LYS A 220 28.29 -10.60 3.17
C LYS A 220 29.58 -9.85 3.49
N SER A 221 30.57 -10.53 4.08
CA SER A 221 31.77 -9.88 4.61
C SER A 221 32.99 -10.10 3.69
N THR A 222 33.94 -9.14 3.71
CA THR A 222 35.01 -9.02 2.72
C THR A 222 36.34 -9.42 3.36
N ALA A 223 37.44 -9.28 2.58
CA ALA A 223 38.77 -9.77 2.96
C ALA A 223 39.28 -9.10 4.25
N GLY A 224 39.06 -7.79 4.38
CA GLY A 224 39.54 -7.03 5.53
C GLY A 224 38.82 -7.40 6.83
N GLU A 225 37.74 -8.18 6.71
CA GLU A 225 36.94 -8.61 7.86
C GLU A 225 37.22 -10.08 8.21
N ASP A 226 38.35 -10.63 7.78
CA ASP A 226 38.75 -11.98 8.17
C ASP A 226 38.90 -12.12 9.69
N PRO A 227 39.49 -11.15 10.43
CA PRO A 227 39.56 -11.26 11.89
C PRO A 227 38.22 -11.42 12.60
N TYR A 228 37.13 -11.05 11.91
CA TYR A 228 35.80 -11.10 12.50
C TYR A 228 35.02 -12.34 12.03
N ALA A 229 35.62 -13.13 11.14
CA ALA A 229 34.89 -14.20 10.50
C ALA A 229 35.11 -15.51 11.25
N LEU A 230 34.28 -15.69 12.28
CA LEU A 230 34.40 -16.77 13.24
C LEU A 230 33.12 -17.60 13.24
N ALA A 231 33.26 -18.91 13.40
CA ALA A 231 32.16 -19.77 13.82
C ALA A 231 32.67 -20.74 14.89
N PHE A 232 31.95 -20.77 16.02
CA PHE A 232 32.24 -21.68 17.12
C PHE A 232 31.02 -21.75 18.04
N ALA A 233 31.02 -22.75 18.93
CA ALA A 233 29.97 -22.95 19.92
C ALA A 233 30.58 -23.25 21.30
N ILE A 234 30.09 -22.56 22.34
CA ILE A 234 30.67 -22.60 23.68
C ILE A 234 29.55 -22.59 24.71
N PRO A 235 29.79 -23.15 25.93
CA PRO A 235 28.85 -22.97 27.03
C PRO A 235 28.59 -21.50 27.32
N ASN A 236 27.35 -21.18 27.70
CA ASN A 236 27.00 -19.81 28.01
C ASN A 236 27.83 -19.29 29.17
N ASN A 237 28.26 -20.19 30.08
CA ASN A 237 28.97 -19.82 31.30
C ASN A 237 30.48 -19.88 31.11
N THR A 238 30.95 -19.91 29.87
CA THR A 238 32.39 -19.87 29.63
C THR A 238 32.95 -18.65 30.35
N PRO A 239 34.08 -18.77 31.07
CA PRO A 239 34.71 -17.60 31.68
C PRO A 239 34.95 -16.46 30.69
N GLY A 240 34.54 -15.23 31.06
CA GLY A 240 34.79 -14.05 30.24
C GLY A 240 33.64 -13.74 29.28
N VAL A 241 32.58 -14.55 29.31
CA VAL A 241 31.37 -14.24 28.60
C VAL A 241 30.37 -13.56 29.55
N LYS A 242 29.77 -12.46 29.08
CA LYS A 242 28.67 -11.84 29.78
C LYS A 242 27.53 -11.51 28.82
N PHE A 243 26.34 -11.72 29.37
CA PHE A 243 25.07 -11.50 28.73
C PHE A 243 24.45 -10.26 29.35
N ILE A 244 24.38 -9.19 28.57
CA ILE A 244 23.80 -7.96 29.08
C ILE A 244 22.42 -7.82 28.43
N CYS A 245 21.39 -8.14 29.19
CA CYS A 245 20.04 -8.17 28.66
C CYS A 245 19.49 -6.76 28.51
N ARG A 246 18.70 -6.54 27.46
CA ARG A 246 17.83 -5.37 27.43
C ARG A 246 16.78 -5.46 28.54
N GLU A 247 16.08 -4.35 28.76
CA GLU A 247 15.00 -4.31 29.73
C GLU A 247 13.98 -5.39 29.41
N ALA A 248 13.53 -6.10 30.45
CA ALA A 248 12.45 -7.06 30.35
C ALA A 248 11.12 -6.40 29.96
N PHE A 249 10.34 -7.14 29.16
CA PHE A 249 9.01 -6.74 28.73
C PHE A 249 7.96 -7.60 29.45
N ASP A 250 8.43 -8.47 30.36
CA ASP A 250 7.60 -9.12 31.37
C ASP A 250 7.64 -8.23 32.59
N TYR A 251 6.55 -7.50 32.85
CA TYR A 251 6.51 -6.58 33.99
C TYR A 251 5.92 -7.26 35.22
N GLY A 252 6.05 -8.59 35.34
CA GLY A 252 5.70 -9.30 36.56
C GLY A 252 4.19 -9.55 36.75
N ARG A 253 3.40 -9.50 35.67
CA ARG A 253 1.96 -9.56 35.78
C ARG A 253 1.47 -10.99 35.60
N SER A 254 0.19 -11.22 35.89
CA SER A 254 -0.43 -12.54 35.77
C SER A 254 -0.67 -12.83 34.30
N SER A 255 -0.96 -14.09 33.99
CA SER A 255 -1.08 -14.47 32.59
C SER A 255 -2.50 -14.27 32.09
N TRP A 256 -3.42 -13.85 32.97
CA TRP A 256 -4.71 -13.31 32.54
C TRP A 256 -4.55 -11.88 32.04
N ASP A 257 -3.79 -11.06 32.77
CA ASP A 257 -3.51 -9.68 32.40
C ASP A 257 -2.55 -9.56 31.23
N HIS A 258 -1.41 -10.26 31.27
CA HIS A 258 -0.41 -10.20 30.20
C HIS A 258 -0.18 -11.61 29.67
N PRO A 259 -1.09 -12.13 28.82
CA PRO A 259 -1.19 -13.56 28.55
C PRO A 259 -0.02 -14.13 27.78
N LEU A 260 0.74 -13.24 27.14
CA LEU A 260 1.87 -13.67 26.33
C LEU A 260 3.17 -13.22 27.00
N ALA A 261 3.25 -11.94 27.34
CA ALA A 261 4.44 -11.36 27.92
C ALA A 261 4.84 -12.08 29.22
N SER A 262 3.89 -12.68 29.93
CA SER A 262 4.17 -13.40 31.15
C SER A 262 4.38 -14.89 30.87
N ARG A 263 4.57 -15.29 29.61
CA ARG A 263 4.94 -16.67 29.32
C ARG A 263 6.11 -16.84 28.35
N PHE A 264 6.28 -15.92 27.38
CA PHE A 264 7.15 -16.16 26.25
C PHE A 264 8.19 -15.06 26.00
N GLU A 265 8.47 -14.25 27.01
CA GLU A 265 9.41 -13.14 26.89
C GLU A 265 10.82 -13.70 26.92
N GLU A 266 11.44 -13.88 25.74
CA GLU A 266 12.65 -14.65 25.61
C GLU A 266 13.92 -13.88 25.99
N GLY A 267 13.86 -12.55 26.10
CA GLY A 267 15.05 -11.75 26.29
C GLY A 267 15.84 -11.61 24.98
N ASP A 268 16.53 -10.47 24.84
CA ASP A 268 17.55 -10.26 23.82
C ASP A 268 18.75 -9.69 24.54
N ALA A 269 19.94 -10.19 24.18
CA ALA A 269 21.13 -9.88 24.98
C ALA A 269 22.31 -9.45 24.12
N ILE A 270 23.02 -8.46 24.62
CA ILE A 270 24.38 -8.18 24.18
C ILE A 270 25.25 -9.30 24.73
N VAL A 271 26.15 -9.83 23.88
CA VAL A 271 27.13 -10.80 24.33
C VAL A 271 28.51 -10.16 24.31
N SER A 272 29.14 -10.04 25.50
CA SER A 272 30.52 -9.61 25.65
C SER A 272 31.46 -10.81 25.78
N PHE A 273 32.64 -10.70 25.18
CA PHE A 273 33.73 -11.66 25.32
C PHE A 273 35.01 -10.92 25.68
N GLU A 274 35.53 -11.11 26.91
CA GLU A 274 36.55 -10.23 27.45
C GLU A 274 37.94 -10.79 27.11
N ASN A 275 38.21 -12.06 27.41
CA ASN A 275 39.34 -12.70 26.77
C ASN A 275 39.03 -14.19 26.76
N VAL A 276 38.14 -14.56 25.87
CA VAL A 276 37.44 -15.82 26.01
C VAL A 276 38.25 -16.86 25.28
N PHE A 277 38.51 -17.97 25.98
CA PHE A 277 39.20 -19.11 25.42
C PHE A 277 38.18 -20.06 24.82
N VAL A 278 38.36 -20.38 23.53
CA VAL A 278 37.57 -21.38 22.84
C VAL A 278 38.50 -22.55 22.50
N PRO A 279 38.31 -23.75 23.09
CA PRO A 279 39.10 -24.90 22.68
C PRO A 279 38.90 -25.22 21.21
N TRP A 280 39.94 -25.78 20.57
CA TRP A 280 39.93 -26.07 19.14
C TRP A 280 38.73 -26.93 18.74
N GLU A 281 38.34 -27.89 19.59
CA GLU A 281 37.30 -28.86 19.26
C GLU A 281 35.93 -28.19 19.10
N ARG A 282 35.76 -26.96 19.62
CA ARG A 282 34.52 -26.23 19.46
C ARG A 282 34.59 -25.17 18.36
N VAL A 283 35.66 -25.18 17.54
CA VAL A 283 35.78 -24.23 16.44
C VAL A 283 35.40 -24.87 15.10
N PHE A 284 34.64 -24.12 14.28
CA PHE A 284 34.24 -24.55 12.94
C PHE A 284 34.88 -23.67 11.87
N VAL A 285 34.85 -22.34 12.06
CA VAL A 285 35.51 -21.44 11.13
C VAL A 285 36.40 -20.46 11.90
N CYS A 286 37.66 -20.34 11.45
CA CYS A 286 38.64 -19.50 12.13
C CYS A 286 39.24 -18.44 11.20
N GLY A 287 38.57 -17.28 11.16
CA GLY A 287 39.14 -16.09 10.56
C GLY A 287 39.19 -16.19 9.04
N ASN A 288 38.03 -16.47 8.44
CA ASN A 288 37.94 -16.80 7.02
C ASN A 288 36.63 -16.28 6.42
N SER A 289 36.70 -15.12 5.75
CA SER A 289 35.51 -14.44 5.26
C SER A 289 34.81 -15.32 4.22
N SER A 290 35.61 -15.89 3.31
CA SER A 290 35.15 -16.66 2.18
C SER A 290 34.31 -17.84 2.67
N ILE A 291 34.83 -18.61 3.64
CA ILE A 291 34.12 -19.78 4.15
C ILE A 291 32.88 -19.33 4.92
N CYS A 292 33.04 -18.32 5.78
CA CYS A 292 31.91 -17.73 6.47
C CYS A 292 30.77 -17.41 5.51
N ASN A 293 31.09 -16.74 4.39
CA ASN A 293 30.07 -16.22 3.49
C ASN A 293 29.28 -17.33 2.80
N ARG A 294 29.79 -18.57 2.84
CA ARG A 294 29.19 -19.72 2.16
C ARG A 294 28.58 -20.71 3.15
N THR A 295 28.72 -20.45 4.46
CA THR A 295 28.43 -21.44 5.49
C THR A 295 26.95 -21.82 5.47
N PHE A 296 26.04 -20.83 5.44
CA PHE A 296 24.62 -21.11 5.56
C PHE A 296 24.11 -21.83 4.31
N ARG A 297 24.75 -21.57 3.16
CA ARG A 297 24.29 -22.09 1.89
C ARG A 297 24.77 -23.52 1.64
N GLU A 298 26.09 -23.77 1.72
CA GLU A 298 26.65 -25.04 1.30
C GLU A 298 26.50 -26.15 2.35
N THR A 299 26.06 -25.81 3.58
CA THR A 299 25.67 -26.81 4.56
C THR A 299 24.18 -27.16 4.46
N ASN A 300 23.45 -26.39 3.65
CA ASN A 300 22.00 -26.53 3.52
C ASN A 300 21.29 -26.14 4.81
N ALA A 301 21.97 -25.41 5.69
CA ALA A 301 21.43 -25.08 7.00
C ALA A 301 20.32 -24.04 6.88
N VAL A 302 20.44 -23.13 5.89
CA VAL A 302 19.42 -22.10 5.66
C VAL A 302 18.12 -22.82 5.25
N ILE A 303 18.23 -23.97 4.60
CA ILE A 303 17.04 -24.70 4.20
C ILE A 303 16.32 -25.29 5.42
N HIS A 304 17.01 -26.10 6.24
CA HIS A 304 16.39 -26.73 7.40
C HIS A 304 15.94 -25.69 8.42
N MET A 305 16.64 -24.56 8.51
CA MET A 305 16.25 -23.50 9.44
C MET A 305 14.96 -22.86 8.95
N SER A 306 14.87 -22.66 7.63
CA SER A 306 13.67 -22.13 7.00
C SER A 306 12.47 -23.08 7.14
N HIS A 307 12.73 -24.39 7.05
CA HIS A 307 11.66 -25.37 7.23
C HIS A 307 10.97 -25.12 8.57
N GLN A 308 11.77 -25.03 9.65
CA GLN A 308 11.25 -24.87 11.01
C GLN A 308 10.47 -23.56 11.13
N VAL A 309 11.03 -22.52 10.53
CA VAL A 309 10.47 -21.18 10.65
C VAL A 309 9.12 -21.14 9.96
N VAL A 310 9.06 -21.66 8.73
CA VAL A 310 7.82 -21.66 7.97
C VAL A 310 6.77 -22.48 8.72
N ALA A 311 7.13 -23.67 9.23
CA ALA A 311 6.19 -24.44 10.03
C ALA A 311 5.67 -23.64 11.22
N LYS A 312 6.54 -22.86 11.86
CA LYS A 312 6.22 -22.09 13.07
C LYS A 312 5.36 -20.88 12.74
N ASN A 313 5.70 -20.22 11.61
CA ASN A 313 4.92 -19.13 11.09
C ASN A 313 3.49 -19.58 10.83
N ILE A 314 3.29 -20.83 10.38
CA ILE A 314 1.94 -21.32 10.10
C ILE A 314 1.14 -21.38 11.41
N VAL A 315 1.74 -21.93 12.46
CA VAL A 315 1.08 -22.01 13.76
C VAL A 315 0.77 -20.60 14.25
N LYS A 316 1.71 -19.69 14.06
CA LYS A 316 1.51 -18.34 14.54
C LYS A 316 0.38 -17.63 13.80
N THR A 317 0.25 -17.89 12.49
CA THR A 317 -0.76 -17.26 11.66
C THR A 317 -2.14 -17.82 12.06
N GLU A 318 -2.17 -19.13 12.36
CA GLU A 318 -3.38 -19.75 12.87
C GLU A 318 -3.88 -19.03 14.12
N PHE A 319 -2.94 -18.62 14.98
CA PHE A 319 -3.27 -17.99 16.25
C PHE A 319 -3.79 -16.58 16.01
N LEU A 320 -3.05 -15.74 15.26
CA LEU A 320 -3.55 -14.41 14.92
C LEU A 320 -4.92 -14.53 14.27
N LEU A 321 -5.12 -15.55 13.41
CA LEU A 321 -6.41 -15.71 12.76
C LEU A 321 -7.47 -15.95 13.84
N GLY A 322 -7.19 -16.86 14.77
CA GLY A 322 -8.13 -17.16 15.84
C GLY A 322 -8.51 -15.92 16.63
N VAL A 323 -7.51 -15.11 16.96
CA VAL A 323 -7.77 -13.91 17.72
C VAL A 323 -8.67 -12.97 16.93
N THR A 324 -8.31 -12.76 15.65
CA THR A 324 -9.06 -11.90 14.74
C THR A 324 -10.52 -12.34 14.71
N LEU A 325 -10.75 -13.63 14.51
CA LEU A 325 -12.11 -14.16 14.40
C LEU A 325 -12.92 -14.05 15.69
N CYS A 326 -12.25 -14.28 16.84
CA CYS A 326 -12.87 -14.17 18.15
C CYS A 326 -13.25 -12.73 18.43
N LEU A 327 -12.36 -11.79 18.08
CA LEU A 327 -12.63 -10.36 18.22
C LEU A 327 -13.87 -10.03 17.40
N ILE A 328 -13.94 -10.57 16.17
CA ILE A 328 -15.01 -10.25 15.24
C ILE A 328 -16.35 -10.65 15.87
N GLU A 329 -16.38 -11.88 16.39
CA GLU A 329 -17.59 -12.40 16.98
C GLU A 329 -17.94 -11.63 18.27
N ALA A 330 -16.94 -11.31 19.10
CA ALA A 330 -17.18 -10.69 20.41
C ALA A 330 -17.84 -9.31 20.30
N ILE A 331 -17.52 -8.55 19.24
CA ILE A 331 -18.02 -7.21 19.01
C ILE A 331 -19.14 -7.19 17.96
N GLY A 332 -19.44 -8.33 17.31
CA GLY A 332 -20.53 -8.42 16.34
C GLY A 332 -20.29 -7.59 15.07
N ILE A 333 -19.08 -7.65 14.50
CA ILE A 333 -18.75 -6.85 13.33
C ILE A 333 -18.57 -7.74 12.09
N GLY A 334 -18.98 -9.01 12.21
CA GLY A 334 -18.78 -10.05 11.21
C GLY A 334 -19.52 -9.78 9.91
N GLU A 335 -20.43 -8.81 9.91
CA GLU A 335 -21.25 -8.59 8.73
C GLU A 335 -20.71 -7.45 7.87
N PHE A 336 -19.82 -6.60 8.38
CA PHE A 336 -19.32 -5.51 7.54
C PHE A 336 -18.31 -6.07 6.53
N GLN A 337 -18.42 -5.58 5.29
CA GLN A 337 -17.60 -6.00 4.16
C GLN A 337 -16.10 -5.81 4.43
N HIS A 338 -15.70 -4.62 4.88
CA HIS A 338 -14.30 -4.32 5.16
C HIS A 338 -13.72 -5.24 6.24
N VAL A 339 -14.54 -5.64 7.22
CA VAL A 339 -14.10 -6.56 8.25
C VAL A 339 -13.87 -7.93 7.63
N LYS A 340 -14.78 -8.37 6.74
CA LYS A 340 -14.66 -9.70 6.17
C LYS A 340 -13.43 -9.77 5.28
N ASP A 341 -13.09 -8.66 4.59
CA ASP A 341 -11.93 -8.63 3.73
C ASP A 341 -10.64 -8.68 4.58
N LYS A 342 -10.60 -7.94 5.68
CA LYS A 342 -9.48 -8.03 6.59
C LYS A 342 -9.30 -9.47 7.09
N GLY A 343 -10.40 -10.15 7.41
CA GLY A 343 -10.32 -11.54 7.84
C GLY A 343 -9.76 -12.37 6.69
N ALA A 344 -10.26 -12.10 5.47
CA ALA A 344 -9.78 -12.79 4.28
C ALA A 344 -8.27 -12.56 4.04
N GLU A 345 -7.71 -11.42 4.46
CA GLU A 345 -6.28 -11.18 4.24
C GLU A 345 -5.49 -12.20 5.03
N ILE A 346 -5.84 -12.37 6.30
CA ILE A 346 -5.13 -13.30 7.15
C ILE A 346 -5.32 -14.73 6.64
N MET A 347 -6.55 -15.07 6.19
CA MET A 347 -6.78 -16.42 5.70
C MET A 347 -5.88 -16.74 4.50
N LEU A 348 -5.69 -15.77 3.60
CA LEU A 348 -4.89 -15.97 2.40
C LEU A 348 -3.42 -16.20 2.78
N VAL A 349 -2.92 -15.42 3.74
CA VAL A 349 -1.57 -15.60 4.28
C VAL A 349 -1.41 -17.03 4.79
N LEU A 350 -2.40 -17.53 5.53
CA LEU A 350 -2.29 -18.85 6.12
C LEU A 350 -2.19 -19.91 5.03
N GLU A 351 -3.05 -19.80 3.99
CA GLU A 351 -3.09 -20.78 2.93
C GLU A 351 -1.82 -20.69 2.09
N THR A 352 -1.30 -19.47 1.95
CA THR A 352 -0.11 -19.29 1.16
C THR A 352 1.03 -20.02 1.86
N MET A 353 1.21 -19.75 3.17
CA MET A 353 2.28 -20.39 3.93
C MET A 353 2.12 -21.92 3.94
N LYS A 354 0.90 -22.42 4.15
CA LYS A 354 0.67 -23.85 4.03
C LYS A 354 1.05 -24.44 2.67
N SER A 355 0.79 -23.69 1.58
CA SER A 355 1.07 -24.19 0.25
C SER A 355 2.59 -24.35 0.04
N HIS A 356 3.37 -23.37 0.50
CA HIS A 356 4.82 -23.43 0.41
C HIS A 356 5.32 -24.63 1.21
N LEU A 357 4.78 -24.85 2.41
CA LEU A 357 5.24 -25.93 3.27
C LEU A 357 4.95 -27.27 2.62
N TYR A 358 3.73 -27.44 2.06
CA TYR A 358 3.36 -28.67 1.39
C TYR A 358 4.38 -28.97 0.27
N ARG A 359 4.72 -27.96 -0.53
CA ARG A 359 5.61 -28.17 -1.65
C ARG A 359 7.03 -28.48 -1.15
N ALA A 360 7.42 -27.76 -0.09
CA ALA A 360 8.74 -27.90 0.50
C ALA A 360 8.97 -29.35 0.91
N GLU A 361 7.95 -29.99 1.49
CA GLU A 361 8.12 -31.33 2.05
C GLU A 361 7.97 -32.39 0.95
N HIS A 362 6.95 -32.23 0.10
CA HIS A 362 6.61 -33.31 -0.81
C HIS A 362 7.51 -33.28 -2.05
N ASN A 363 8.09 -32.12 -2.34
CA ASN A 363 9.04 -32.04 -3.46
C ASN A 363 10.48 -32.15 -2.97
N ALA A 364 10.71 -32.60 -1.72
CA ALA A 364 12.05 -32.72 -1.18
C ALA A 364 12.86 -33.74 -1.98
N LYS A 365 14.20 -33.56 -2.01
CA LYS A 365 15.11 -34.47 -2.71
C LYS A 365 16.34 -34.70 -1.83
N ARG A 366 16.97 -35.88 -1.95
CA ARG A 366 18.17 -36.20 -1.17
C ARG A 366 19.34 -35.38 -1.69
N ASP A 367 20.14 -34.81 -0.77
CA ASP A 367 21.37 -34.10 -1.12
C ASP A 367 22.52 -35.11 -1.18
N ARG A 368 23.75 -34.63 -1.43
CA ARG A 368 24.88 -35.52 -1.65
C ARG A 368 25.35 -36.14 -0.33
N TRP A 369 24.75 -35.76 0.82
CA TRP A 369 25.02 -36.42 2.09
C TRP A 369 23.90 -37.39 2.51
N GLY A 370 22.87 -37.58 1.67
CA GLY A 370 21.74 -38.45 2.00
C GLY A 370 20.65 -37.74 2.82
N THR A 371 20.80 -36.45 3.14
CA THR A 371 19.74 -35.71 3.82
C THR A 371 18.59 -35.46 2.84
N MET A 372 17.36 -35.87 3.20
CA MET A 372 16.19 -35.45 2.45
C MET A 372 16.05 -33.95 2.66
N THR A 373 16.14 -33.18 1.57
CA THR A 373 16.31 -31.74 1.67
C THR A 373 15.09 -31.03 1.13
N PRO A 374 14.35 -30.23 1.93
CA PRO A 374 13.16 -29.53 1.46
C PRO A 374 13.39 -28.68 0.21
N ASP A 375 12.37 -28.57 -0.65
CA ASP A 375 12.43 -27.70 -1.81
C ASP A 375 12.57 -26.26 -1.33
N PHE A 376 13.73 -25.67 -1.61
CA PHE A 376 14.10 -24.38 -1.04
C PHE A 376 13.45 -23.28 -1.87
N ALA A 377 13.12 -23.54 -3.13
CA ALA A 377 12.40 -22.55 -3.91
C ALA A 377 11.13 -22.12 -3.18
N ALA A 378 10.45 -23.07 -2.52
CA ALA A 378 9.23 -22.77 -1.77
C ALA A 378 9.56 -22.03 -0.48
N LEU A 379 10.48 -22.60 0.32
CA LEU A 379 10.82 -22.01 1.62
C LEU A 379 11.51 -20.64 1.46
N ASP A 380 12.29 -20.45 0.40
CA ASP A 380 12.99 -19.20 0.25
C ASP A 380 11.98 -18.09 -0.06
N ALA A 381 10.97 -18.37 -0.88
CA ALA A 381 9.93 -17.40 -1.14
C ALA A 381 9.17 -17.11 0.15
N ALA A 382 8.84 -18.16 0.90
CA ALA A 382 8.03 -17.98 2.11
C ALA A 382 8.75 -17.11 3.13
N ARG A 383 10.04 -17.38 3.33
CA ARG A 383 10.77 -16.67 4.36
C ARG A 383 11.05 -15.23 3.96
N ASN A 384 10.98 -14.92 2.65
CA ASN A 384 11.22 -13.56 2.19
C ASN A 384 9.92 -12.77 2.22
N TRP A 385 8.79 -13.47 2.08
CA TRP A 385 7.49 -12.84 1.97
C TRP A 385 6.86 -12.61 3.34
N TYR A 386 6.86 -13.67 4.15
CA TYR A 386 6.13 -13.64 5.40
C TYR A 386 6.55 -12.41 6.22
N PRO A 387 7.84 -12.13 6.44
CA PRO A 387 8.23 -10.97 7.23
C PRO A 387 7.64 -9.67 6.69
N ARG A 388 7.57 -9.55 5.36
CA ARG A 388 7.11 -8.32 4.74
C ARG A 388 5.62 -8.07 4.99
N ILE A 389 4.84 -9.13 5.17
CA ILE A 389 3.40 -9.01 5.27
C ILE A 389 2.94 -9.07 6.74
N TYR A 390 3.84 -9.44 7.67
CA TYR A 390 3.43 -9.65 9.06
C TYR A 390 2.93 -8.35 9.70
N PRO A 391 3.56 -7.16 9.50
CA PRO A 391 3.04 -5.92 10.09
C PRO A 391 1.58 -5.60 9.77
N ARG A 392 1.12 -5.95 8.56
CA ARG A 392 -0.29 -5.83 8.20
C ARG A 392 -1.19 -6.79 9.00
N LEU A 393 -0.75 -8.03 9.28
CA LEU A 393 -1.55 -8.91 10.14
C LEU A 393 -1.79 -8.29 11.53
N SER A 394 -0.77 -7.63 12.05
CA SER A 394 -0.84 -6.96 13.33
C SER A 394 -1.70 -5.69 13.25
N GLU A 395 -1.53 -4.92 12.16
CA GLU A 395 -2.34 -3.74 11.92
C GLU A 395 -3.82 -4.15 11.87
N ILE A 396 -4.13 -5.33 11.33
CA ILE A 396 -5.52 -5.75 11.20
C ILE A 396 -6.18 -6.02 12.58
N ILE A 397 -5.45 -6.68 13.47
CA ILE A 397 -5.97 -6.96 14.80
C ILE A 397 -6.26 -5.64 15.52
N ARG A 398 -5.32 -4.71 15.40
CA ARG A 398 -5.35 -3.42 16.08
C ARG A 398 -6.60 -2.64 15.63
N ILE A 399 -6.84 -2.58 14.31
CA ILE A 399 -7.94 -1.81 13.72
C ILE A 399 -9.30 -2.40 14.10
N LEU A 400 -9.45 -3.72 14.02
CA LEU A 400 -10.67 -4.39 14.44
C LEU A 400 -10.96 -4.18 15.93
N GLY A 401 -9.94 -4.34 16.78
CA GLY A 401 -10.16 -4.14 18.21
C GLY A 401 -10.60 -2.73 18.55
N ALA A 402 -10.08 -1.73 17.82
CA ALA A 402 -10.53 -0.35 17.96
C ALA A 402 -10.46 0.08 19.42
N SER A 403 -11.40 0.94 19.85
CA SER A 403 -11.32 1.61 21.15
C SER A 403 -11.34 0.59 22.28
N GLY A 404 -11.89 -0.60 22.04
CA GLY A 404 -11.90 -1.70 22.99
C GLY A 404 -10.50 -2.19 23.40
N LEU A 405 -9.46 -1.89 22.62
CA LEU A 405 -8.12 -2.32 22.99
C LEU A 405 -7.57 -1.47 24.12
N MET A 406 -8.11 -0.25 24.27
CA MET A 406 -7.73 0.61 25.36
C MET A 406 -8.60 0.42 26.61
N ALA A 407 -9.72 -0.32 26.49
CA ALA A 407 -10.59 -0.58 27.62
C ALA A 407 -10.15 -1.87 28.34
N ILE A 408 -9.01 -1.82 29.03
CA ILE A 408 -8.42 -3.03 29.56
C ILE A 408 -8.10 -2.82 31.04
N PRO A 409 -9.14 -2.87 31.90
CA PRO A 409 -8.90 -2.97 33.33
C PRO A 409 -8.25 -4.30 33.66
N THR A 410 -7.66 -4.42 34.85
CA THR A 410 -6.98 -5.65 35.24
C THR A 410 -7.99 -6.65 35.79
N GLU A 411 -7.52 -7.88 35.96
CA GLU A 411 -8.32 -8.92 36.58
C GLU A 411 -8.79 -8.46 37.96
N ALA A 412 -7.85 -7.84 38.70
CA ALA A 412 -8.06 -7.31 40.03
C ALA A 412 -9.23 -6.31 40.08
N ASP A 413 -9.44 -5.57 38.98
CA ASP A 413 -10.54 -4.62 38.89
C ASP A 413 -11.88 -5.36 38.90
N PHE A 414 -11.89 -6.59 38.36
CA PHE A 414 -13.09 -7.42 38.35
C PHE A 414 -13.41 -7.98 39.73
N HIS A 415 -12.40 -8.30 40.56
CA HIS A 415 -12.63 -8.90 41.86
C HIS A 415 -12.76 -7.85 42.97
N ASN A 416 -12.73 -6.55 42.63
CA ASN A 416 -12.83 -5.52 43.65
C ASN A 416 -14.29 -5.44 44.09
N GLU A 417 -14.52 -5.25 45.40
CA GLU A 417 -15.87 -5.21 45.96
C GLU A 417 -16.66 -4.00 45.45
N GLU A 418 -16.04 -2.82 45.30
CA GLU A 418 -16.80 -1.63 44.93
C GLU A 418 -17.13 -1.61 43.44
N ILE A 419 -16.26 -2.15 42.57
CA ILE A 419 -16.42 -1.92 41.15
C ILE A 419 -16.56 -3.20 40.34
N GLY A 420 -16.42 -4.38 40.96
CA GLY A 420 -16.43 -5.64 40.23
C GLY A 420 -17.64 -5.81 39.31
N GLU A 421 -18.84 -5.44 39.79
CA GLU A 421 -20.05 -5.61 39.02
C GLU A 421 -20.12 -4.56 37.92
N ILE A 422 -19.79 -3.32 38.26
CA ILE A 422 -19.82 -2.22 37.30
C ILE A 422 -18.98 -2.62 36.08
N VAL A 423 -17.75 -3.07 36.35
CA VAL A 423 -16.80 -3.40 35.31
C VAL A 423 -17.31 -4.57 34.47
N SER A 424 -17.92 -5.58 35.10
CA SER A 424 -18.47 -6.74 34.39
C SER A 424 -19.54 -6.33 33.38
N ARG A 425 -20.51 -5.55 33.84
CA ARG A 425 -21.54 -5.06 32.96
C ARG A 425 -20.98 -4.14 31.87
N ALA A 426 -20.00 -3.28 32.23
CA ALA A 426 -19.51 -2.25 31.31
C ALA A 426 -18.87 -2.87 30.07
N MET A 427 -18.09 -3.94 30.27
CA MET A 427 -17.13 -4.46 29.30
C MET A 427 -17.72 -5.62 28.52
N GLN A 428 -18.98 -5.92 28.77
CA GLN A 428 -19.80 -6.81 27.98
C GLN A 428 -19.64 -6.58 26.47
N GLY A 429 -19.56 -7.69 25.72
CA GLY A 429 -19.61 -7.69 24.26
C GLY A 429 -20.99 -8.08 23.74
N ALA A 430 -21.04 -8.44 22.45
CA ALA A 430 -22.25 -8.91 21.81
C ALA A 430 -22.60 -10.29 22.36
N THR A 431 -21.60 -11.14 22.47
CA THR A 431 -21.80 -12.57 22.59
C THR A 431 -21.02 -13.11 23.78
N VAL A 432 -20.62 -12.19 24.69
CA VAL A 432 -19.69 -12.55 25.76
C VAL A 432 -19.90 -11.58 26.93
N ASP A 433 -19.64 -12.09 28.15
CA ASP A 433 -19.68 -11.27 29.35
C ASP A 433 -18.41 -10.43 29.41
N GLY A 434 -18.40 -9.45 30.31
CA GLY A 434 -17.31 -8.51 30.43
C GLY A 434 -15.97 -9.18 30.72
N TYR A 435 -15.94 -10.10 31.68
CA TYR A 435 -14.72 -10.77 32.10
C TYR A 435 -14.08 -11.48 30.91
N GLU A 436 -14.86 -12.20 30.11
CA GLU A 436 -14.30 -12.97 29.00
C GLU A 436 -13.86 -12.05 27.88
N ARG A 437 -14.56 -10.94 27.72
CA ARG A 437 -14.25 -9.99 26.66
C ARG A 437 -12.93 -9.28 26.95
N VAL A 438 -12.73 -8.80 28.19
CA VAL A 438 -11.50 -8.12 28.55
C VAL A 438 -10.35 -9.12 28.44
N GLN A 439 -10.57 -10.37 28.78
CA GLN A 439 -9.50 -11.34 28.67
C GLN A 439 -9.08 -11.43 27.21
N LEU A 440 -10.06 -11.55 26.32
CA LEU A 440 -9.83 -11.71 24.88
C LEU A 440 -9.07 -10.50 24.33
N PHE A 441 -9.53 -9.28 24.67
CA PHE A 441 -8.94 -8.06 24.15
C PHE A 441 -7.53 -7.89 24.67
N ARG A 442 -7.30 -8.30 25.91
CA ARG A 442 -5.98 -8.23 26.53
C ARG A 442 -5.00 -9.14 25.78
N LEU A 443 -5.47 -10.25 25.23
CA LEU A 443 -4.63 -11.10 24.40
C LEU A 443 -4.35 -10.38 23.07
N ALA A 444 -5.36 -9.76 22.45
CA ALA A 444 -5.11 -9.00 21.22
C ALA A 444 -4.12 -7.88 21.49
N TRP A 445 -4.31 -7.17 22.60
CA TRP A 445 -3.43 -6.08 22.98
C TRP A 445 -2.00 -6.56 23.21
N ASP A 446 -1.83 -7.69 23.91
CA ASP A 446 -0.50 -8.17 24.27
C ASP A 446 0.24 -8.64 23.02
N LEU A 447 -0.54 -9.05 22.01
CA LEU A 447 -0.03 -9.57 20.77
C LEU A 447 0.45 -8.44 19.84
N THR A 448 -0.07 -7.21 20.00
CA THR A 448 0.16 -6.18 19.00
C THR A 448 0.55 -4.83 19.59
N MET A 449 0.27 -4.52 20.86
CA MET A 449 0.42 -3.15 21.31
C MET A 449 1.16 -3.05 22.65
N SER A 450 1.44 -4.19 23.29
CA SER A 450 2.34 -4.18 24.41
C SER A 450 3.77 -4.11 23.86
N ALA A 451 4.76 -3.94 24.75
CA ALA A 451 6.15 -3.95 24.33
C ALA A 451 6.47 -5.34 23.81
N PHE A 452 5.84 -6.35 24.40
CA PHE A 452 6.05 -7.73 23.98
C PHE A 452 5.46 -7.92 22.58
N GLY A 453 4.26 -7.39 22.36
CA GLY A 453 3.58 -7.55 21.10
C GLY A 453 4.25 -6.78 19.96
N ALA A 454 4.60 -5.52 20.20
CA ALA A 454 5.31 -4.73 19.22
C ALA A 454 6.64 -5.40 18.87
N ARG A 455 7.29 -6.04 19.85
CA ARG A 455 8.55 -6.72 19.60
C ARG A 455 8.31 -7.94 18.69
N GLN A 456 7.23 -8.69 18.90
CA GLN A 456 6.87 -9.78 17.99
C GLN A 456 6.82 -9.29 16.53
N THR A 457 6.19 -8.16 16.28
CA THR A 457 6.09 -7.61 14.93
C THR A 457 7.49 -7.35 14.37
N HIS A 458 8.33 -6.68 15.18
CA HIS A 458 9.65 -6.26 14.79
C HIS A 458 10.54 -7.46 14.51
N TYR A 459 10.35 -8.51 15.30
CA TYR A 459 11.17 -9.70 15.25
C TYR A 459 10.84 -10.51 14.00
N GLU A 460 9.54 -10.63 13.69
CA GLU A 460 9.12 -11.30 12.47
C GLU A 460 9.68 -10.56 11.25
N TYR A 461 9.59 -9.23 11.23
CA TYR A 461 10.05 -8.43 10.10
C TYR A 461 11.55 -8.57 9.86
N TYR A 462 12.35 -8.73 10.94
CA TYR A 462 13.81 -8.73 10.86
C TYR A 462 14.38 -10.14 11.10
N PHE A 463 13.57 -11.19 11.03
CA PHE A 463 13.93 -12.47 11.60
C PHE A 463 15.18 -13.10 10.98
N PHE A 464 15.26 -13.23 9.65
CA PHE A 464 16.46 -13.69 8.96
C PHE A 464 17.32 -12.54 8.44
N GLY A 465 17.09 -11.33 8.92
CA GLY A 465 17.83 -10.19 8.41
C GLY A 465 16.91 -9.14 7.81
N ASP A 466 17.53 -8.07 7.32
CA ASP A 466 16.87 -6.90 6.80
C ASP A 466 16.22 -7.25 5.47
N PRO A 467 14.90 -7.05 5.31
CA PRO A 467 14.22 -7.33 4.04
C PRO A 467 14.84 -6.65 2.83
N VAL A 468 15.49 -5.49 3.04
CA VAL A 468 16.08 -4.78 1.94
C VAL A 468 17.20 -5.65 1.37
N ARG A 469 18.02 -6.23 2.24
CA ARG A 469 19.13 -7.06 1.80
C ARG A 469 18.62 -8.41 1.32
N MET A 470 17.68 -9.00 2.05
CA MET A 470 17.12 -10.27 1.66
C MET A 470 16.54 -10.17 0.25
N GLY A 471 15.91 -9.07 -0.09
CA GLY A 471 15.34 -8.90 -1.43
C GLY A 471 16.41 -8.83 -2.52
N MET A 472 17.53 -8.16 -2.22
CA MET A 472 18.63 -8.06 -3.15
C MET A 472 19.22 -9.44 -3.40
N ALA A 473 19.35 -10.24 -2.34
CA ALA A 473 19.94 -11.56 -2.44
C ALA A 473 18.99 -12.55 -3.13
N TYR A 474 17.68 -12.37 -2.93
CA TYR A 474 16.68 -13.22 -3.54
C TYR A 474 16.68 -13.02 -5.06
N PHE A 475 16.71 -11.77 -5.50
CA PHE A 475 16.80 -11.44 -6.92
C PHE A 475 18.08 -12.01 -7.53
N ASP A 476 19.23 -11.87 -6.84
CA ASP A 476 20.53 -12.23 -7.40
C ASP A 476 20.69 -13.75 -7.50
N GLY A 477 20.08 -14.47 -6.57
CA GLY A 477 20.17 -15.92 -6.54
C GLY A 477 19.12 -16.60 -7.43
N TYR A 478 18.12 -15.87 -7.91
CA TYR A 478 17.06 -16.48 -8.72
C TYR A 478 17.62 -16.85 -10.09
N GLU A 479 17.20 -18.02 -10.61
CA GLU A 479 17.66 -18.49 -11.91
C GLU A 479 16.84 -17.77 -12.99
N LYS A 480 17.41 -16.70 -13.55
CA LYS A 480 16.69 -15.71 -14.34
C LYS A 480 16.80 -15.91 -15.85
N GLU A 481 17.74 -16.74 -16.33
CA GLU A 481 17.99 -16.87 -17.77
C GLU A 481 16.79 -17.48 -18.50
N PRO A 482 16.20 -18.60 -18.05
CA PRO A 482 15.05 -19.19 -18.72
C PRO A 482 13.91 -18.23 -19.05
N TYR A 483 13.56 -17.31 -18.14
CA TYR A 483 12.43 -16.40 -18.36
C TYR A 483 12.73 -15.40 -19.48
N LYS A 484 14.01 -14.99 -19.58
CA LYS A 484 14.45 -14.14 -20.68
C LYS A 484 14.36 -14.90 -21.99
N GLN A 485 14.74 -16.18 -21.98
CA GLN A 485 14.82 -16.97 -23.20
C GLN A 485 13.40 -17.15 -23.74
N PHE A 486 12.42 -17.34 -22.85
CA PHE A 486 11.02 -17.51 -23.23
C PHE A 486 10.55 -16.23 -23.92
N VAL A 487 10.86 -15.07 -23.36
CA VAL A 487 10.39 -13.82 -23.95
C VAL A 487 11.14 -13.53 -25.25
N ARG A 488 12.44 -13.86 -25.30
CA ARG A 488 13.23 -13.61 -26.50
C ARG A 488 12.78 -14.50 -27.67
N GLU A 489 12.39 -15.74 -27.38
CA GLU A 489 11.80 -16.59 -28.40
C GLU A 489 10.52 -15.97 -28.93
N PHE A 490 9.70 -15.45 -28.02
CA PHE A 490 8.40 -14.95 -28.41
C PHE A 490 8.56 -13.74 -29.34
N LEU A 491 9.55 -12.87 -29.07
CA LEU A 491 9.82 -11.73 -29.93
C LEU A 491 10.38 -12.14 -31.28
N ARG A 492 11.14 -13.25 -31.33
CA ARG A 492 11.77 -13.76 -32.56
C ARG A 492 10.68 -14.21 -33.54
N GLY A 493 9.58 -14.80 -33.02
CA GLY A 493 8.42 -15.19 -33.79
C GLY A 493 7.64 -14.01 -34.40
N ALA A 494 8.17 -12.78 -34.28
CA ALA A 494 7.81 -11.66 -35.16
C ALA A 494 8.98 -11.38 -36.12
N SER B 14 -5.61 37.10 39.98
CA SER B 14 -5.62 36.58 38.58
C SER B 14 -6.16 35.15 38.53
N PRO B 15 -7.25 34.89 37.75
CA PRO B 15 -7.96 33.62 37.82
C PRO B 15 -7.34 32.47 37.05
N ALA B 16 -6.49 32.75 36.04
CA ALA B 16 -5.72 31.71 35.37
C ALA B 16 -4.89 31.01 36.43
N LYS B 17 -4.76 29.68 36.32
CA LYS B 17 -4.12 28.92 37.38
C LYS B 17 -2.67 28.61 37.07
N THR B 18 -1.88 28.54 38.15
CA THR B 18 -0.51 28.05 38.18
C THR B 18 -0.56 26.53 38.30
N GLY B 19 0.61 25.90 38.18
CA GLY B 19 0.76 24.46 38.30
C GLY B 19 0.35 23.96 39.68
N GLN B 20 0.76 24.67 40.74
CA GLN B 20 0.49 24.17 42.07
C GLN B 20 -0.99 24.43 42.40
N GLU B 21 -1.61 25.48 41.87
CA GLU B 21 -3.05 25.65 42.04
C GLU B 21 -3.77 24.46 41.40
N TYR B 22 -3.34 24.07 40.20
CA TYR B 22 -3.90 22.91 39.50
C TYR B 22 -3.75 21.63 40.33
N MET B 23 -2.56 21.35 40.87
CA MET B 23 -2.37 20.13 41.66
C MET B 23 -3.18 20.19 42.96
N GLU B 24 -3.36 21.39 43.52
CA GLU B 24 -4.02 21.53 44.80
C GLU B 24 -5.51 21.26 44.63
N ARG B 25 -6.06 21.67 43.48
CA ARG B 25 -7.47 21.57 43.20
C ARG B 25 -7.87 20.11 43.04
N LEU B 26 -7.08 19.33 42.30
CA LEU B 26 -7.24 17.88 42.12
C LEU B 26 -7.20 17.13 43.46
N LYS B 27 -6.22 17.49 44.30
CA LYS B 27 -6.00 16.83 45.58
C LYS B 27 -7.18 17.02 46.52
N ARG B 28 -7.82 18.21 46.45
CA ARG B 28 -8.95 18.56 47.30
C ARG B 28 -10.25 17.96 46.76
N ALA B 29 -10.33 17.61 45.47
CA ALA B 29 -11.57 17.15 44.89
C ALA B 29 -11.86 15.69 45.25
N LYS B 30 -10.85 14.82 45.32
CA LYS B 30 -11.05 13.45 45.78
C LYS B 30 -12.05 12.67 44.92
N SER B 31 -11.93 12.74 43.60
CA SER B 31 -12.78 11.93 42.73
C SER B 31 -12.63 10.46 43.07
N SER B 32 -13.63 9.66 42.72
CA SER B 32 -13.57 8.22 42.89
C SER B 32 -12.88 7.63 41.67
N VAL B 33 -11.59 7.29 41.83
CA VAL B 33 -10.75 6.79 40.76
C VAL B 33 -10.15 5.45 41.18
N TYR B 34 -10.24 4.44 40.31
CA TYR B 34 -9.73 3.11 40.60
C TYR B 34 -8.74 2.68 39.53
N ILE B 35 -7.65 2.04 39.95
CA ILE B 35 -6.69 1.49 39.00
C ILE B 35 -6.00 0.30 39.67
N HIS B 36 -5.72 -0.74 38.89
CA HIS B 36 -5.03 -1.92 39.40
C HIS B 36 -5.79 -2.54 40.59
N GLY B 37 -7.12 -2.45 40.58
CA GLY B 37 -7.95 -3.17 41.53
C GLY B 37 -8.16 -2.42 42.85
N GLU B 38 -7.69 -1.16 42.95
CA GLU B 38 -7.79 -0.42 44.20
C GLU B 38 -8.22 1.02 43.96
N LYS B 39 -8.87 1.60 44.98
CA LYS B 39 -9.22 3.01 45.06
C LYS B 39 -7.96 3.85 45.18
N VAL B 40 -7.83 4.89 44.35
CA VAL B 40 -6.76 5.87 44.43
C VAL B 40 -7.09 6.90 45.50
N GLU B 41 -6.15 7.12 46.43
CA GLU B 41 -6.35 8.08 47.50
C GLU B 41 -6.15 9.50 46.95
N ASP B 42 -5.02 9.70 46.29
CA ASP B 42 -4.57 11.01 45.86
C ASP B 42 -3.98 10.84 44.46
N VAL B 43 -4.61 11.47 43.46
CA VAL B 43 -4.12 11.35 42.10
C VAL B 43 -2.81 12.12 41.91
N THR B 44 -2.50 13.11 42.76
CA THR B 44 -1.24 13.83 42.63
C THR B 44 -0.05 12.96 43.03
N VAL B 45 -0.24 11.92 43.86
CA VAL B 45 0.91 11.14 44.31
C VAL B 45 0.85 9.66 43.88
N HIS B 46 -0.27 9.17 43.34
CA HIS B 46 -0.31 7.78 42.94
C HIS B 46 0.72 7.55 41.83
N PRO B 47 1.51 6.46 41.85
CA PRO B 47 2.51 6.23 40.81
C PRO B 47 1.96 6.20 39.39
N ALA B 48 0.65 5.99 39.19
CA ALA B 48 0.14 5.83 37.83
C ALA B 48 -0.21 7.18 37.21
N PHE B 49 -0.28 8.25 38.02
CA PHE B 49 -0.74 9.55 37.56
C PHE B 49 0.25 10.66 37.89
N CYS B 50 1.15 10.46 38.86
CA CYS B 50 1.91 11.59 39.40
C CYS B 50 2.75 12.26 38.31
N ASN B 51 3.33 11.48 37.40
CA ASN B 51 4.14 12.05 36.35
C ASN B 51 3.33 12.92 35.38
N VAL B 52 2.18 12.42 34.93
CA VAL B 52 1.40 13.14 33.95
C VAL B 52 0.83 14.38 34.62
N VAL B 53 0.56 14.29 35.92
CA VAL B 53 0.01 15.41 36.64
C VAL B 53 1.04 16.54 36.70
N ARG B 54 2.32 16.19 36.88
CA ARG B 54 3.39 17.17 36.87
C ARG B 54 3.52 17.79 35.48
N SER B 55 3.39 16.96 34.43
CA SER B 55 3.43 17.46 33.06
C SER B 55 2.30 18.47 32.81
N MET B 56 1.10 18.21 33.32
CA MET B 56 0.01 19.17 33.13
C MET B 56 0.30 20.42 33.96
N ALA B 57 0.85 20.22 35.17
CA ALA B 57 1.16 21.32 36.06
C ALA B 57 2.09 22.28 35.35
N ALA B 58 3.13 21.72 34.71
CA ALA B 58 4.09 22.50 33.95
C ALA B 58 3.44 23.29 32.80
N LEU B 59 2.40 22.76 32.14
CA LEU B 59 1.71 23.58 31.14
C LEU B 59 1.10 24.82 31.80
N TYR B 60 0.56 24.69 33.02
CA TYR B 60 -0.07 25.82 33.67
C TYR B 60 0.98 26.81 34.18
N ASP B 61 2.19 26.33 34.49
CA ASP B 61 3.26 27.23 34.86
C ASP B 61 3.76 27.96 33.62
N ARG B 62 3.75 27.30 32.44
CA ARG B 62 4.25 27.96 31.23
C ARG B 62 3.42 29.22 30.96
N GLN B 63 2.11 29.12 31.23
CA GLN B 63 1.14 30.19 31.06
C GLN B 63 1.66 31.49 31.70
N TYR B 64 2.25 31.35 32.89
CA TYR B 64 2.68 32.49 33.69
C TYR B 64 4.09 32.92 33.32
N GLU B 65 4.93 32.01 32.82
CA GLU B 65 6.26 32.36 32.33
C GLU B 65 6.20 33.23 31.07
N LYS B 66 5.14 33.07 30.26
CA LYS B 66 5.01 33.70 28.95
C LYS B 66 3.61 34.30 28.85
N PRO B 67 3.29 35.27 29.73
CA PRO B 67 1.94 35.79 29.83
C PRO B 67 1.44 36.48 28.56
N GLU B 68 2.35 37.15 27.85
CA GLU B 68 1.99 38.00 26.72
C GLU B 68 1.42 37.15 25.57
N LYS B 69 1.86 35.90 25.53
CA LYS B 69 1.49 34.94 24.50
C LYS B 69 0.47 33.93 25.01
N MET B 70 0.44 33.63 26.31
CA MET B 70 -0.44 32.56 26.76
C MET B 70 -1.68 33.05 27.53
N LEU B 71 -1.81 34.35 27.78
CA LEU B 71 -2.94 34.89 28.52
C LEU B 71 -3.51 36.06 27.74
N TYR B 72 -4.76 36.44 28.07
CA TYR B 72 -5.40 37.62 27.51
C TYR B 72 -6.45 38.11 28.52
N ARG B 73 -6.95 39.33 28.30
CA ARG B 73 -7.93 39.97 29.16
C ARG B 73 -9.34 39.47 28.82
N SER B 74 -10.01 38.91 29.83
CA SER B 74 -11.36 38.38 29.72
C SER B 74 -12.30 39.45 29.16
N PRO B 75 -13.17 39.16 28.17
CA PRO B 75 -14.15 40.15 27.71
C PRO B 75 -15.25 40.48 28.72
N THR B 76 -15.46 39.62 29.74
CA THR B 76 -16.51 39.85 30.72
C THR B 76 -15.98 40.46 32.02
N THR B 77 -14.77 40.10 32.48
CA THR B 77 -14.27 40.51 33.79
C THR B 77 -13.04 41.40 33.68
N GLY B 78 -12.31 41.31 32.58
CA GLY B 78 -11.14 42.15 32.40
C GLY B 78 -9.87 41.56 33.02
N GLN B 79 -9.94 40.36 33.63
CA GLN B 79 -8.76 39.75 34.24
C GLN B 79 -8.15 38.71 33.30
N LEU B 80 -6.91 38.30 33.63
CA LEU B 80 -6.08 37.49 32.76
C LEU B 80 -6.55 36.04 32.79
N VAL B 81 -6.93 35.54 31.63
CA VAL B 81 -7.39 34.17 31.47
C VAL B 81 -6.60 33.50 30.34
N GLY B 82 -6.75 32.19 30.23
CA GLY B 82 -6.01 31.42 29.25
C GLY B 82 -6.38 31.76 27.80
N MET B 83 -5.36 31.91 26.96
CA MET B 83 -5.50 32.26 25.56
C MET B 83 -6.27 31.18 24.79
N THR B 84 -6.17 29.90 25.17
CA THR B 84 -6.80 28.87 24.37
C THR B 84 -8.31 28.89 24.61
N PHE B 85 -8.78 29.77 25.49
CA PHE B 85 -10.22 29.94 25.66
C PHE B 85 -10.75 30.97 24.67
N ILE B 86 -9.86 31.71 23.99
CA ILE B 86 -10.28 32.93 23.33
C ILE B 86 -11.32 32.60 22.27
N GLN B 87 -12.30 33.50 22.16
CA GLN B 87 -13.18 33.56 21.01
C GLN B 87 -12.52 34.44 19.95
N PRO B 88 -11.87 33.88 18.92
CA PRO B 88 -11.12 34.72 17.99
C PRO B 88 -12.06 35.55 17.13
N THR B 89 -11.79 36.85 16.97
CA THR B 89 -12.58 37.72 16.11
C THR B 89 -11.78 38.20 14.89
N THR B 90 -10.48 37.96 14.87
CA THR B 90 -9.65 38.31 13.72
C THR B 90 -8.75 37.11 13.43
N ILE B 91 -8.14 37.12 12.24
CA ILE B 91 -7.12 36.14 11.89
C ILE B 91 -5.93 36.21 12.87
N ASP B 92 -5.65 37.40 13.43
CA ASP B 92 -4.50 37.55 14.32
C ASP B 92 -4.74 36.83 15.64
N GLU B 93 -5.94 37.01 16.21
CA GLU B 93 -6.33 36.34 17.45
C GLU B 93 -6.40 34.83 17.25
N LEU B 94 -6.78 34.41 16.04
CA LEU B 94 -6.84 32.99 15.70
C LEU B 94 -5.43 32.39 15.61
N ILE B 95 -4.53 33.08 14.93
CA ILE B 95 -3.13 32.67 14.94
C ILE B 95 -2.57 32.70 16.36
N ALA B 96 -2.94 33.66 17.20
CA ALA B 96 -2.38 33.72 18.54
C ALA B 96 -2.85 32.53 19.36
N ARG B 97 -4.11 32.13 19.19
CA ARG B 97 -4.63 30.96 19.89
C ARG B 97 -3.79 29.74 19.53
N ARG B 98 -3.40 29.65 18.26
CA ARG B 98 -2.76 28.45 17.75
C ARG B 98 -1.32 28.37 18.25
N GLU B 99 -0.65 29.52 18.32
CA GLU B 99 0.72 29.60 18.83
C GLU B 99 0.79 29.17 20.30
N ALA B 100 -0.23 29.52 21.08
CA ALA B 100 -0.35 29.03 22.45
C ALA B 100 -0.49 27.51 22.47
N THR B 101 -1.39 26.96 21.63
CA THR B 101 -1.57 25.52 21.52
C THR B 101 -0.21 24.87 21.21
N GLN B 102 0.58 25.50 20.33
CA GLN B 102 1.83 24.89 19.91
C GLN B 102 2.90 24.99 20.98
N GLU B 103 2.86 26.05 21.81
CA GLU B 103 3.76 26.17 22.95
C GLU B 103 3.63 24.96 23.88
N TRP B 104 2.40 24.68 24.31
CA TRP B 104 2.12 23.51 25.11
C TRP B 104 2.42 22.19 24.38
N ALA B 105 2.09 22.10 23.08
CA ALA B 105 2.34 20.89 22.30
C ALA B 105 3.84 20.61 22.23
N ARG B 106 4.66 21.66 22.15
CA ARG B 106 6.10 21.46 22.08
C ARG B 106 6.63 20.91 23.39
N MET B 107 6.08 21.34 24.53
CA MET B 107 6.53 20.83 25.82
C MET B 107 6.25 19.33 25.94
N SER B 108 5.22 18.85 25.21
CA SER B 108 4.71 17.48 25.32
C SER B 108 5.10 16.65 24.10
N ALA B 109 5.88 17.25 23.20
CA ALA B 109 6.25 16.64 21.92
C ALA B 109 5.03 16.20 21.11
N GLY B 110 3.88 16.85 21.27
CA GLY B 110 2.68 16.49 20.54
C GLY B 110 1.98 15.24 21.08
N MET B 111 2.34 14.76 22.29
CA MET B 111 1.94 13.44 22.75
C MET B 111 0.65 13.47 23.57
N MET B 112 0.20 14.65 23.98
CA MET B 112 -0.95 14.80 24.87
C MET B 112 -2.23 15.03 24.07
N GLY B 113 -3.18 14.11 24.20
CA GLY B 113 -4.44 14.21 23.47
C GLY B 113 -5.46 15.11 24.16
N ARG B 114 -5.32 15.32 25.46
CA ARG B 114 -6.30 16.14 26.17
C ARG B 114 -5.61 17.23 26.98
N SER B 115 -4.59 17.86 26.40
CA SER B 115 -4.16 19.15 26.92
C SER B 115 -5.36 20.10 26.92
N PRO B 116 -5.43 21.02 27.89
CA PRO B 116 -6.67 21.74 28.15
C PRO B 116 -7.23 22.47 26.94
N ASP B 117 -6.33 22.88 26.02
CA ASP B 117 -6.63 23.66 24.83
C ASP B 117 -7.59 22.94 23.87
N TYR B 118 -7.58 21.60 23.85
CA TYR B 118 -8.48 20.87 22.97
C TYR B 118 -9.92 21.11 23.42
N LEU B 119 -10.16 20.84 24.71
CA LEU B 119 -11.46 21.02 25.31
C LEU B 119 -11.84 22.49 25.33
N ASN B 120 -10.87 23.36 25.61
CA ASN B 120 -11.17 24.77 25.76
C ASN B 120 -11.74 25.30 24.45
N ALA B 121 -11.34 24.73 23.32
CA ALA B 121 -11.83 25.16 22.01
C ALA B 121 -13.28 24.72 21.77
N GLU B 122 -13.63 23.47 22.16
CA GLU B 122 -14.98 22.90 22.11
C GLU B 122 -15.93 23.77 22.93
N VAL B 123 -15.53 24.07 24.18
CA VAL B 123 -16.40 24.72 25.14
C VAL B 123 -16.67 26.15 24.72
N MET B 124 -15.64 26.84 24.23
CA MET B 124 -15.79 28.15 23.61
C MET B 124 -16.77 28.11 22.44
N ALA B 125 -16.64 27.11 21.56
CA ALA B 125 -17.42 27.10 20.34
C ALA B 125 -18.91 27.00 20.66
N MET B 126 -19.24 26.16 21.64
CA MET B 126 -20.61 25.88 22.05
C MET B 126 -21.17 26.95 22.97
N GLY B 127 -20.28 27.66 23.67
CA GLY B 127 -20.68 28.77 24.50
C GLY B 127 -21.17 29.92 23.64
N VAL B 128 -20.45 30.15 22.56
CA VAL B 128 -20.69 31.30 21.71
C VAL B 128 -21.80 30.99 20.70
N ALA B 129 -21.80 29.79 20.11
CA ALA B 129 -22.73 29.44 19.05
C ALA B 129 -23.74 28.43 19.58
N ASN B 130 -24.58 28.91 20.52
CA ASN B 130 -25.32 28.08 21.44
C ASN B 130 -26.78 27.91 21.00
N ASP B 131 -27.15 28.53 19.87
CA ASP B 131 -28.53 28.69 19.44
C ASP B 131 -29.21 27.34 19.18
N LEU B 132 -28.45 26.39 18.64
CA LEU B 132 -28.91 25.04 18.40
C LEU B 132 -29.63 24.46 19.62
N PHE B 133 -29.04 24.61 20.81
CA PHE B 133 -29.57 24.00 22.02
C PHE B 133 -30.94 24.57 22.39
N ALA B 134 -31.25 25.81 21.97
CA ALA B 134 -32.55 26.44 22.26
C ALA B 134 -33.69 25.71 21.54
N GLU B 135 -33.37 24.94 20.48
CA GLU B 135 -34.35 24.16 19.77
C GLU B 135 -35.12 23.24 20.74
N ASP B 136 -34.42 22.68 21.72
CA ASP B 136 -35.03 21.78 22.69
C ASP B 136 -35.65 22.61 23.81
N ASP B 137 -34.85 23.53 24.38
CA ASP B 137 -35.25 24.34 25.53
C ASP B 137 -34.32 25.55 25.60
N PRO B 138 -34.84 26.79 25.66
CA PRO B 138 -34.00 27.99 25.66
C PRO B 138 -32.97 28.06 26.79
N MET B 139 -33.24 27.43 27.94
CA MET B 139 -32.31 27.46 29.05
C MET B 139 -30.99 26.78 28.65
N PHE B 140 -31.07 25.77 27.79
CA PHE B 140 -29.89 24.99 27.45
C PHE B 140 -28.90 25.84 26.64
N ALA B 141 -29.37 26.81 25.85
CA ALA B 141 -28.48 27.71 25.14
C ALA B 141 -27.78 28.65 26.12
N GLU B 142 -28.53 29.16 27.11
CA GLU B 142 -27.97 30.01 28.14
C GLU B 142 -26.90 29.24 28.94
N ASN B 143 -27.21 28.00 29.32
CA ASN B 143 -26.30 27.13 30.05
C ASN B 143 -24.97 27.00 29.32
N ALA B 144 -24.99 26.81 28.00
CA ALA B 144 -23.76 26.62 27.24
C ALA B 144 -22.90 27.87 27.30
N LYS B 145 -23.54 29.04 27.17
CA LYS B 145 -22.85 30.31 27.32
C LYS B 145 -22.29 30.48 28.75
N ASN B 146 -23.12 30.22 29.75
CA ASN B 146 -22.70 30.27 31.14
C ASN B 146 -21.53 29.33 31.41
N TYR B 147 -21.55 28.15 30.78
CA TYR B 147 -20.57 27.14 31.07
C TYR B 147 -19.22 27.60 30.55
N TYR B 148 -19.21 28.17 29.34
CA TYR B 148 -18.01 28.69 28.71
C TYR B 148 -17.35 29.72 29.62
N GLU B 149 -18.14 30.67 30.16
CA GLU B 149 -17.61 31.77 30.98
C GLU B 149 -17.06 31.21 32.28
N TYR B 150 -17.77 30.25 32.87
CA TYR B 150 -17.35 29.61 34.10
C TYR B 150 -16.00 28.88 33.93
N ALA B 151 -15.86 28.16 32.81
CA ALA B 151 -14.66 27.40 32.58
C ALA B 151 -13.46 28.32 32.34
N ARG B 152 -13.69 29.42 31.60
CA ARG B 152 -12.66 30.39 31.30
C ARG B 152 -12.25 31.13 32.57
N GLU B 153 -13.26 31.63 33.32
CA GLU B 153 -13.01 32.51 34.46
C GLU B 153 -12.41 31.74 35.63
N ASN B 154 -12.53 30.40 35.65
CA ASN B 154 -11.95 29.62 36.74
C ASN B 154 -10.87 28.67 36.24
N ASP B 155 -10.45 28.83 35.00
CA ASP B 155 -9.44 27.99 34.36
C ASP B 155 -9.70 26.51 34.66
N ILE B 156 -10.93 26.06 34.37
CA ILE B 156 -11.33 24.67 34.52
C ILE B 156 -10.56 23.81 33.52
N SER B 157 -9.98 22.73 34.00
CA SER B 157 -9.38 21.76 33.10
C SER B 157 -10.32 20.57 32.93
N LEU B 158 -10.52 20.21 31.67
CA LEU B 158 -11.62 19.39 31.21
C LEU B 158 -11.05 18.24 30.41
N THR B 159 -11.81 17.15 30.41
CA THR B 159 -11.74 16.19 29.33
C THR B 159 -13.18 15.88 28.92
N HIS B 160 -13.35 14.89 28.05
CA HIS B 160 -14.67 14.51 27.61
C HIS B 160 -14.72 13.01 27.35
N THR B 161 -15.95 12.50 27.23
CA THR B 161 -16.19 11.16 26.74
C THR B 161 -17.35 11.22 25.73
N LEU B 162 -17.07 10.73 24.51
CA LEU B 162 -18.01 10.72 23.40
C LEU B 162 -18.34 9.29 22.97
N ILE B 163 -17.89 8.29 23.69
CA ILE B 163 -18.00 6.93 23.20
C ILE B 163 -18.88 6.09 24.12
N HIS B 164 -19.88 5.46 23.49
CA HIS B 164 -20.78 4.55 24.17
C HIS B 164 -20.12 3.18 24.22
N PRO B 165 -20.43 2.32 25.21
CA PRO B 165 -20.02 0.95 25.11
C PRO B 165 -20.75 0.34 23.94
N GLN B 166 -20.09 0.25 22.81
CA GLN B 166 -20.69 -0.57 21.78
C GLN B 166 -20.34 -1.99 22.23
N MET B 167 -21.39 -2.81 22.25
CA MET B 167 -21.26 -4.18 22.67
C MET B 167 -21.40 -4.99 21.38
N ASN B 168 -22.58 -4.87 20.77
CA ASN B 168 -22.83 -5.34 19.42
C ASN B 168 -22.89 -4.13 18.49
N ARG B 169 -21.82 -3.90 17.73
CA ARG B 169 -21.68 -2.75 16.86
C ARG B 169 -22.63 -2.82 15.65
N ALA B 170 -23.15 -4.00 15.32
CA ALA B 170 -24.14 -4.15 14.25
C ALA B 170 -25.56 -3.70 14.65
N LYS B 171 -25.74 -3.11 15.83
CA LYS B 171 -27.08 -2.79 16.27
C LYS B 171 -27.06 -1.48 17.05
N ALA B 172 -28.23 -0.85 17.15
CA ALA B 172 -28.39 0.38 17.91
C ALA B 172 -28.37 0.09 19.41
N LEU B 173 -28.06 1.13 20.19
CA LEU B 173 -27.96 1.08 21.63
C LEU B 173 -29.21 0.48 22.28
N HIS B 174 -30.39 0.74 21.72
CA HIS B 174 -31.66 0.30 22.33
C HIS B 174 -32.00 -1.15 21.95
N GLU B 175 -31.14 -1.78 21.14
CA GLU B 175 -31.32 -3.16 20.72
C GLU B 175 -30.22 -4.06 21.31
N GLN B 176 -29.37 -3.51 22.17
CA GLN B 176 -28.34 -4.27 22.84
C GLN B 176 -28.96 -5.28 23.80
N ASN B 177 -28.23 -6.37 24.08
CA ASN B 177 -28.67 -7.34 25.08
C ASN B 177 -28.96 -6.63 26.38
N ASP B 178 -28.12 -5.65 26.73
CA ASP B 178 -28.37 -4.78 27.88
C ASP B 178 -28.48 -3.33 27.42
N ALA B 179 -29.73 -2.86 27.30
CA ALA B 179 -30.01 -1.51 26.83
C ALA B 179 -29.75 -0.49 27.93
N ASP B 180 -29.57 -0.95 29.18
CA ASP B 180 -29.38 -0.03 30.30
C ASP B 180 -27.88 0.20 30.56
N VAL B 181 -26.97 -0.52 29.89
CA VAL B 181 -25.55 -0.37 30.11
C VAL B 181 -25.08 1.01 29.61
N PRO B 182 -25.43 1.44 28.38
CA PRO B 182 -25.03 2.77 27.91
C PRO B 182 -25.70 3.89 28.72
N LEU B 183 -25.03 5.04 28.81
CA LEU B 183 -25.47 6.11 29.68
C LEU B 183 -26.80 6.64 29.14
N HIS B 184 -27.78 6.80 30.04
CA HIS B 184 -29.09 7.24 29.59
C HIS B 184 -29.83 8.00 30.69
N LEU B 185 -30.88 8.72 30.25
CA LEU B 185 -31.78 9.43 31.13
C LEU B 185 -32.61 8.44 31.92
N VAL B 186 -32.70 8.66 33.23
CA VAL B 186 -33.46 7.77 34.11
C VAL B 186 -34.77 8.46 34.47
N GLU B 187 -34.67 9.73 34.86
CA GLU B 187 -35.87 10.55 35.04
C GLU B 187 -35.47 12.02 35.03
N ARG B 188 -36.48 12.86 34.86
CA ARG B 188 -36.37 14.31 34.86
C ARG B 188 -37.05 14.84 36.12
N ARG B 189 -36.54 15.93 36.68
CA ARG B 189 -37.04 16.46 37.93
C ARG B 189 -37.29 17.95 37.79
N LYS B 190 -37.72 18.57 38.89
CA LYS B 190 -37.79 20.00 39.04
C LYS B 190 -36.42 20.58 38.78
N ASP B 191 -35.44 20.03 39.49
CA ASP B 191 -34.16 20.69 39.73
C ASP B 191 -33.05 20.17 38.82
N GLY B 192 -33.28 19.06 38.10
CA GLY B 192 -32.23 18.45 37.30
C GLY B 192 -32.64 17.09 36.71
N ILE B 193 -31.65 16.25 36.37
CA ILE B 193 -31.91 14.94 35.82
C ILE B 193 -31.10 13.86 36.53
N ILE B 194 -31.61 12.62 36.48
CA ILE B 194 -30.89 11.43 36.91
C ILE B 194 -30.42 10.66 35.67
N VAL B 195 -29.12 10.34 35.64
CA VAL B 195 -28.52 9.52 34.60
C VAL B 195 -27.79 8.32 35.21
N SER B 196 -27.87 7.19 34.49
CA SER B 196 -27.22 5.93 34.86
C SER B 196 -26.61 5.28 33.63
N GLY B 197 -25.47 4.60 33.82
CA GLY B 197 -24.86 3.82 32.75
C GLY B 197 -23.38 4.16 32.62
N ILE B 198 -22.84 4.00 31.40
CA ILE B 198 -21.42 3.90 31.21
C ILE B 198 -21.00 4.65 29.96
N ARG B 199 -19.81 5.26 30.04
CA ARG B 199 -19.13 5.87 28.91
C ARG B 199 -17.69 5.34 28.91
N LEU B 200 -17.01 5.35 27.76
CA LEU B 200 -15.99 4.34 27.55
C LEU B 200 -14.56 4.83 27.47
N LEU B 201 -14.29 6.09 27.10
CA LEU B 201 -12.90 6.42 26.84
C LEU B 201 -12.61 7.82 27.31
N ALA B 202 -12.57 7.97 28.63
CA ALA B 202 -12.25 9.25 29.22
C ALA B 202 -10.74 9.31 29.39
N THR B 203 -10.09 10.01 28.44
CA THR B 203 -8.67 10.25 28.52
C THR B 203 -8.41 11.35 29.55
N GLN B 204 -7.51 11.07 30.50
CA GLN B 204 -7.27 11.94 31.65
C GLN B 204 -8.49 11.96 32.57
N GLY B 205 -9.28 10.88 32.56
CA GLY B 205 -10.35 10.71 33.53
C GLY B 205 -9.84 10.87 34.95
N GLY B 206 -10.50 11.73 35.72
CA GLY B 206 -10.15 11.84 37.14
C GLY B 206 -8.77 12.46 37.41
N ILE B 207 -8.13 13.04 36.39
CA ILE B 207 -7.12 14.04 36.70
C ILE B 207 -7.46 15.37 36.04
N THR B 208 -8.76 15.60 35.83
CA THR B 208 -9.23 16.91 35.40
C THR B 208 -10.22 17.40 36.44
N ASP B 209 -10.67 18.65 36.29
CA ASP B 209 -11.61 19.21 37.24
C ASP B 209 -13.01 18.74 36.90
N GLU B 210 -13.39 18.84 35.61
CA GLU B 210 -14.73 18.50 35.16
C GLU B 210 -14.64 17.64 33.89
N ILE B 211 -15.72 16.91 33.60
CA ILE B 211 -15.78 16.10 32.38
C ILE B 211 -17.02 16.49 31.59
N LEU B 212 -16.83 16.61 30.26
CA LEU B 212 -17.89 16.80 29.30
C LEU B 212 -18.43 15.45 28.83
N VAL B 213 -19.74 15.25 28.97
CA VAL B 213 -20.38 14.08 28.39
C VAL B 213 -21.18 14.52 27.16
N PHE B 214 -20.63 14.22 25.98
CA PHE B 214 -21.15 14.70 24.70
C PHE B 214 -21.42 13.57 23.70
N PRO B 215 -22.17 13.84 22.61
CA PRO B 215 -22.38 12.84 21.56
C PRO B 215 -21.11 12.56 20.77
N SER B 216 -21.14 11.51 19.96
CA SER B 216 -20.06 11.30 19.00
C SER B 216 -20.01 12.41 17.94
N THR B 217 -18.78 12.66 17.49
CA THR B 217 -18.45 13.55 16.39
C THR B 217 -18.95 12.96 15.08
N VAL B 218 -18.91 11.62 14.93
CA VAL B 218 -19.24 10.98 13.66
C VAL B 218 -20.55 10.19 13.76
N LYS B 219 -20.63 9.33 14.77
CA LYS B 219 -21.70 8.34 14.80
C LYS B 219 -23.07 9.05 14.96
N LYS B 220 -23.97 8.84 13.99
CA LYS B 220 -25.35 9.33 14.07
C LYS B 220 -26.13 8.42 15.04
N SER B 221 -27.09 9.00 15.77
CA SER B 221 -28.05 8.23 16.54
C SER B 221 -29.48 8.50 16.04
N THR B 222 -30.31 7.45 16.05
CA THR B 222 -31.66 7.48 15.51
C THR B 222 -32.65 7.67 16.66
N ALA B 223 -33.93 7.86 16.36
CA ALA B 223 -34.90 7.79 17.44
C ALA B 223 -34.95 6.33 17.93
N GLY B 224 -35.25 6.18 19.22
CA GLY B 224 -34.97 4.94 19.92
C GLY B 224 -33.72 5.11 20.77
N GLU B 225 -32.78 5.94 20.28
CA GLU B 225 -31.58 6.25 21.05
C GLU B 225 -31.70 7.61 21.73
N ASP B 226 -32.91 8.20 21.73
CA ASP B 226 -33.18 9.44 22.46
C ASP B 226 -32.74 9.35 23.91
N PRO B 227 -33.06 8.28 24.68
CA PRO B 227 -32.58 8.20 26.06
C PRO B 227 -31.04 8.30 26.19
N TYR B 228 -30.31 8.03 25.11
CA TYR B 228 -28.85 8.00 25.17
C TYR B 228 -28.25 9.32 24.65
N ALA B 229 -29.08 10.23 24.14
CA ALA B 229 -28.58 11.45 23.52
C ALA B 229 -28.52 12.58 24.55
N LEU B 230 -27.39 12.62 25.26
CA LEU B 230 -27.16 13.53 26.36
C LEU B 230 -25.95 14.40 26.06
N ALA B 231 -26.04 15.67 26.46
CA ALA B 231 -24.89 16.54 26.56
C ALA B 231 -24.92 17.25 27.92
N PHE B 232 -23.83 17.14 28.69
CA PHE B 232 -23.74 17.87 29.94
C PHE B 232 -22.30 17.94 30.43
N ALA B 233 -22.10 18.78 31.44
CA ALA B 233 -20.81 18.88 32.12
C ALA B 233 -21.03 18.79 33.62
N ILE B 234 -20.13 18.06 34.30
CA ILE B 234 -20.18 17.91 35.74
C ILE B 234 -18.78 17.80 36.31
N PRO B 235 -18.58 18.21 37.59
CA PRO B 235 -17.33 17.91 38.29
C PRO B 235 -17.00 16.42 38.30
N ASN B 236 -15.72 16.08 38.14
CA ASN B 236 -15.28 14.69 38.16
C ASN B 236 -15.64 14.01 39.48
N ASN B 237 -15.85 14.77 40.56
CA ASN B 237 -16.08 14.19 41.87
C ASN B 237 -17.58 14.13 42.23
N THR B 238 -18.46 14.35 41.25
CA THR B 238 -19.88 14.28 41.49
C THR B 238 -20.19 12.91 42.12
N PRO B 239 -20.98 12.86 43.24
CA PRO B 239 -21.41 11.57 43.78
C PRO B 239 -22.08 10.69 42.74
N GLY B 240 -21.68 9.41 42.74
CA GLY B 240 -22.17 8.40 41.81
C GLY B 240 -21.25 8.22 40.60
N VAL B 241 -20.24 9.08 40.44
CA VAL B 241 -19.33 8.96 39.30
C VAL B 241 -18.07 8.22 39.72
N LYS B 242 -17.68 7.19 38.96
CA LYS B 242 -16.42 6.50 39.17
C LYS B 242 -15.64 6.42 37.87
N PHE B 243 -14.34 6.70 37.97
CA PHE B 243 -13.38 6.48 36.89
C PHE B 243 -12.63 5.18 37.18
N ILE B 244 -12.81 4.20 36.30
CA ILE B 244 -12.12 2.93 36.40
C ILE B 244 -11.11 2.88 35.27
N CYS B 245 -9.83 2.99 35.64
CA CYS B 245 -8.77 3.21 34.66
C CYS B 245 -8.28 1.87 34.15
N ARG B 246 -7.88 1.85 32.87
CA ARG B 246 -7.10 0.74 32.34
C ARG B 246 -5.75 0.74 33.04
N GLU B 247 -5.02 -0.37 32.94
CA GLU B 247 -3.70 -0.44 33.52
C GLU B 247 -2.84 0.68 32.96
N ALA B 248 -2.09 1.31 33.87
CA ALA B 248 -1.02 2.26 33.59
C ALA B 248 0.00 1.68 32.62
N PHE B 249 0.49 2.53 31.72
CA PHE B 249 1.61 2.18 30.86
C PHE B 249 2.89 2.89 31.29
N ASP B 250 2.84 3.60 32.42
CA ASP B 250 4.01 4.11 33.10
C ASP B 250 4.35 3.07 34.17
N TYR B 251 5.37 2.26 33.88
CA TYR B 251 5.78 1.16 34.73
C TYR B 251 6.86 1.66 35.71
N GLY B 252 6.83 2.95 36.06
CA GLY B 252 7.63 3.50 37.15
C GLY B 252 9.14 3.62 36.85
N ARG B 253 9.52 3.81 35.59
CA ARG B 253 10.92 3.90 35.20
C ARG B 253 11.32 5.37 35.09
N SER B 254 12.64 5.60 34.98
CA SER B 254 13.18 6.94 34.82
C SER B 254 12.86 7.46 33.42
N SER B 255 13.06 8.75 33.21
CA SER B 255 12.69 9.36 31.95
C SER B 255 13.85 9.31 30.95
N TRP B 256 14.98 8.74 31.39
CA TRP B 256 16.02 8.30 30.48
C TRP B 256 15.63 6.95 29.84
N ASP B 257 15.08 6.04 30.66
CA ASP B 257 14.67 4.73 30.19
C ASP B 257 13.40 4.84 29.35
N HIS B 258 12.39 5.53 29.90
CA HIS B 258 11.06 5.65 29.32
C HIS B 258 10.76 7.14 29.16
N PRO B 259 11.39 7.83 28.19
CA PRO B 259 11.35 9.29 28.13
C PRO B 259 9.97 9.90 27.90
N LEU B 260 9.03 9.14 27.31
CA LEU B 260 7.70 9.65 27.05
C LEU B 260 6.69 9.07 28.03
N ALA B 261 6.74 7.74 28.24
CA ALA B 261 5.76 7.04 29.05
C ALA B 261 5.79 7.53 30.49
N SER B 262 6.96 7.99 30.93
CA SER B 262 7.11 8.45 32.30
C SER B 262 6.91 9.97 32.41
N ARG B 263 6.42 10.63 31.36
CA ARG B 263 5.97 12.01 31.50
C ARG B 263 4.54 12.23 31.00
N PHE B 264 4.07 11.48 29.98
CA PHE B 264 2.84 11.86 29.31
C PHE B 264 1.81 10.73 29.23
N GLU B 265 1.80 9.80 30.19
CA GLU B 265 0.81 8.74 30.21
C GLU B 265 -0.48 9.28 30.79
N GLU B 266 -1.42 9.66 29.90
CA GLU B 266 -2.61 10.40 30.27
C GLU B 266 -3.67 9.53 30.93
N GLY B 267 -3.63 8.20 30.70
CA GLY B 267 -4.63 7.29 31.25
C GLY B 267 -5.91 7.32 30.41
N ASP B 268 -6.55 6.15 30.26
CA ASP B 268 -7.88 6.06 29.69
C ASP B 268 -8.83 5.42 30.70
N ALA B 269 -10.04 5.97 30.83
CA ALA B 269 -10.93 5.59 31.91
C ALA B 269 -12.31 5.23 31.39
N ILE B 270 -12.85 4.12 31.92
CA ILE B 270 -14.27 3.84 31.93
C ILE B 270 -14.95 4.79 32.92
N VAL B 271 -16.07 5.39 32.53
CA VAL B 271 -16.79 6.32 33.38
C VAL B 271 -18.16 5.71 33.67
N SER B 272 -18.37 5.48 34.96
CA SER B 272 -19.54 4.81 35.51
C SER B 272 -20.41 5.87 36.20
N PHE B 273 -21.71 5.77 35.99
CA PHE B 273 -22.68 6.66 36.64
C PHE B 273 -23.77 5.82 37.28
N GLU B 274 -23.84 5.82 38.62
CA GLU B 274 -24.90 5.17 39.39
C GLU B 274 -25.89 6.25 39.84
N ASN B 275 -27.01 6.37 39.13
CA ASN B 275 -28.07 7.32 39.41
C ASN B 275 -27.47 8.66 39.84
N VAL B 276 -26.70 9.27 38.93
CA VAL B 276 -26.02 10.53 39.20
C VAL B 276 -26.98 11.70 38.95
N PHE B 277 -26.93 12.70 39.81
CA PHE B 277 -27.79 13.86 39.65
C PHE B 277 -27.03 14.93 38.88
N VAL B 278 -27.62 15.40 37.76
CA VAL B 278 -27.10 16.54 37.02
C VAL B 278 -28.08 17.69 37.14
N PRO B 279 -27.70 18.86 37.70
CA PRO B 279 -28.61 19.99 37.77
C PRO B 279 -28.87 20.57 36.39
N TRP B 280 -30.04 21.17 36.20
CA TRP B 280 -30.45 21.67 34.91
C TRP B 280 -29.46 22.67 34.33
N GLU B 281 -28.78 23.45 35.17
CA GLU B 281 -27.84 24.46 34.69
C GLU B 281 -26.61 23.82 34.01
N ARG B 282 -26.40 22.51 34.17
CA ARG B 282 -25.26 21.84 33.58
C ARG B 282 -25.67 21.02 32.34
N VAL B 283 -26.94 21.12 31.91
CA VAL B 283 -27.42 20.37 30.78
C VAL B 283 -27.43 21.23 29.52
N PHE B 284 -27.05 20.64 28.40
CA PHE B 284 -27.04 21.32 27.11
C PHE B 284 -27.98 20.61 26.15
N VAL B 285 -28.01 19.27 26.22
CA VAL B 285 -28.91 18.45 25.43
C VAL B 285 -29.45 17.35 26.32
N CYS B 286 -30.77 17.16 26.28
CA CYS B 286 -31.45 16.21 27.15
C CYS B 286 -32.31 15.25 26.32
N GLY B 287 -31.72 14.12 25.93
CA GLY B 287 -32.48 13.04 25.33
C GLY B 287 -33.02 13.45 23.97
N ASN B 288 -32.15 14.01 23.12
CA ASN B 288 -32.55 14.45 21.79
C ASN B 288 -31.50 14.07 20.73
N SER B 289 -31.78 12.98 19.99
CA SER B 289 -30.85 12.45 19.01
C SER B 289 -30.52 13.47 17.93
N SER B 290 -31.57 14.10 17.38
CA SER B 290 -31.48 14.96 16.23
C SER B 290 -30.57 16.16 16.51
N ILE B 291 -30.68 16.71 17.74
CA ILE B 291 -29.88 17.86 18.15
C ILE B 291 -28.45 17.42 18.44
N CYS B 292 -28.30 16.25 19.07
CA CYS B 292 -27.01 15.63 19.30
C CYS B 292 -26.25 15.37 18.00
N ASN B 293 -26.97 14.93 16.97
CA ASN B 293 -26.37 14.61 15.69
C ASN B 293 -25.82 15.86 15.00
N ARG B 294 -26.26 17.06 15.41
CA ARG B 294 -25.88 18.31 14.76
C ARG B 294 -25.01 19.18 15.67
N THR B 295 -24.71 18.70 16.88
CA THR B 295 -24.10 19.52 17.91
C THR B 295 -22.71 20.01 17.46
N PHE B 296 -21.91 19.11 16.86
CA PHE B 296 -20.53 19.43 16.53
C PHE B 296 -20.44 20.30 15.29
N ARG B 297 -21.39 20.17 14.34
CA ARG B 297 -21.36 20.97 13.13
C ARG B 297 -21.89 22.39 13.36
N GLU B 298 -23.12 22.50 13.88
CA GLU B 298 -23.83 23.77 13.87
C GLU B 298 -23.25 24.77 14.89
N THR B 299 -22.42 24.30 15.83
CA THR B 299 -21.72 25.16 16.78
C THR B 299 -20.34 25.54 16.25
N ASN B 300 -19.93 24.91 15.13
CA ASN B 300 -18.60 25.08 14.56
C ASN B 300 -17.53 24.50 15.48
N ALA B 301 -17.92 23.71 16.49
CA ALA B 301 -16.97 23.20 17.46
C ALA B 301 -15.98 22.22 16.82
N VAL B 302 -16.42 21.47 15.80
CA VAL B 302 -15.52 20.53 15.14
C VAL B 302 -14.42 21.30 14.39
N ILE B 303 -14.74 22.53 13.95
CA ILE B 303 -13.78 23.35 13.24
C ILE B 303 -12.66 23.77 14.21
N HIS B 304 -13.04 24.33 15.36
CA HIS B 304 -12.05 24.87 16.28
C HIS B 304 -11.27 23.76 16.96
N MET B 305 -11.93 22.63 17.25
CA MET B 305 -11.23 21.46 17.74
C MET B 305 -10.21 20.96 16.70
N SER B 306 -10.62 20.92 15.43
CA SER B 306 -9.74 20.52 14.33
C SER B 306 -8.52 21.45 14.21
N HIS B 307 -8.73 22.76 14.37
CA HIS B 307 -7.63 23.69 14.38
C HIS B 307 -6.57 23.24 15.39
N GLN B 308 -7.01 23.05 16.63
CA GLN B 308 -6.15 22.65 17.74
C GLN B 308 -5.38 21.39 17.36
N VAL B 309 -6.09 20.38 16.82
CA VAL B 309 -5.52 19.06 16.57
C VAL B 309 -4.44 19.12 15.49
N VAL B 310 -4.71 19.83 14.38
CA VAL B 310 -3.76 19.97 13.28
C VAL B 310 -2.50 20.69 13.73
N ALA B 311 -2.62 21.82 14.44
CA ALA B 311 -1.46 22.50 14.99
C ALA B 311 -0.60 21.56 15.86
N LYS B 312 -1.27 20.70 16.63
CA LYS B 312 -0.62 19.74 17.52
C LYS B 312 0.01 18.61 16.72
N ASN B 313 -0.71 18.12 15.70
CA ASN B 313 -0.22 17.15 14.75
C ASN B 313 1.05 17.62 14.01
N ILE B 314 1.16 18.93 13.71
CA ILE B 314 2.36 19.49 13.12
C ILE B 314 3.54 19.40 14.10
N VAL B 315 3.34 19.79 15.36
CA VAL B 315 4.41 19.68 16.33
C VAL B 315 4.84 18.22 16.48
N LYS B 316 3.86 17.32 16.52
CA LYS B 316 4.15 15.92 16.65
C LYS B 316 4.93 15.38 15.45
N THR B 317 4.57 15.78 14.23
CA THR B 317 5.32 15.35 13.06
C THR B 317 6.75 15.91 13.08
N GLU B 318 6.92 17.17 13.49
CA GLU B 318 8.25 17.75 13.61
C GLU B 318 9.13 16.92 14.56
N PHE B 319 8.53 16.34 15.60
CA PHE B 319 9.28 15.53 16.54
C PHE B 319 9.61 14.17 15.93
N LEU B 320 8.65 13.47 15.29
CA LEU B 320 8.93 12.22 14.61
C LEU B 320 10.04 12.42 13.57
N LEU B 321 9.93 13.51 12.80
CA LEU B 321 10.93 13.82 11.81
C LEU B 321 12.30 13.91 12.50
N GLY B 322 12.37 14.69 13.58
CA GLY B 322 13.58 14.89 14.36
C GLY B 322 14.15 13.57 14.84
N VAL B 323 13.28 12.67 15.33
CA VAL B 323 13.76 11.36 15.77
C VAL B 323 14.31 10.60 14.57
N THR B 324 13.57 10.57 13.46
CA THR B 324 13.96 9.86 12.26
C THR B 324 15.35 10.31 11.79
N LEU B 325 15.59 11.63 11.71
CA LEU B 325 16.85 12.16 11.23
C LEU B 325 18.00 11.87 12.20
N CYS B 326 17.74 11.97 13.52
CA CYS B 326 18.77 11.65 14.50
C CYS B 326 19.22 10.20 14.38
N LEU B 327 18.25 9.28 14.23
CA LEU B 327 18.52 7.85 14.01
C LEU B 327 19.40 7.65 12.79
N ILE B 328 19.09 8.36 11.69
CA ILE B 328 19.79 8.18 10.41
C ILE B 328 21.26 8.60 10.56
N GLU B 329 21.51 9.81 11.08
CA GLU B 329 22.87 10.23 11.40
C GLU B 329 23.61 9.26 12.32
N ALA B 330 22.97 8.85 13.43
CA ALA B 330 23.60 8.06 14.47
C ALA B 330 24.15 6.74 13.96
N ILE B 331 23.46 6.16 12.96
CA ILE B 331 23.67 4.81 12.47
C ILE B 331 24.45 4.86 11.14
N GLY B 332 24.44 6.01 10.48
CA GLY B 332 25.26 6.26 9.31
C GLY B 332 24.64 5.72 8.02
N ILE B 333 23.31 5.80 7.92
CA ILE B 333 22.56 5.17 6.83
C ILE B 333 22.00 6.24 5.88
N GLY B 334 22.43 7.49 6.05
CA GLY B 334 21.86 8.64 5.33
C GLY B 334 22.14 8.64 3.82
N GLU B 335 23.08 7.80 3.35
CA GLU B 335 23.36 7.82 1.92
C GLU B 335 22.62 6.71 1.15
N PHE B 336 21.86 5.81 1.80
CA PHE B 336 21.07 4.84 1.06
C PHE B 336 19.79 5.48 0.50
N GLN B 337 19.40 5.09 -0.72
CA GLN B 337 18.26 5.76 -1.35
C GLN B 337 16.96 5.41 -0.62
N HIS B 338 16.77 4.15 -0.23
CA HIS B 338 15.53 3.76 0.44
C HIS B 338 15.38 4.55 1.74
N VAL B 339 16.51 4.87 2.41
CA VAL B 339 16.46 5.56 3.69
C VAL B 339 16.05 7.02 3.46
N LYS B 340 16.62 7.65 2.42
CA LYS B 340 16.30 9.02 2.08
C LYS B 340 14.84 9.16 1.67
N ASP B 341 14.29 8.19 0.94
CA ASP B 341 12.89 8.27 0.54
C ASP B 341 11.98 8.18 1.76
N LYS B 342 12.32 7.32 2.72
CA LYS B 342 11.56 7.22 3.97
C LYS B 342 11.61 8.53 4.76
N GLY B 343 12.73 9.24 4.71
CA GLY B 343 12.82 10.57 5.27
C GLY B 343 11.84 11.51 4.58
N ALA B 344 11.84 11.45 3.23
CA ALA B 344 11.02 12.29 2.38
C ALA B 344 9.53 12.05 2.63
N GLU B 345 9.14 10.81 2.90
CA GLU B 345 7.77 10.53 3.30
C GLU B 345 7.36 11.39 4.49
N ILE B 346 8.22 11.51 5.52
CA ILE B 346 7.84 12.24 6.72
C ILE B 346 7.78 13.73 6.40
N MET B 347 8.71 14.21 5.59
CA MET B 347 8.78 15.64 5.25
C MET B 347 7.53 16.08 4.49
N LEU B 348 7.05 15.22 3.58
CA LEU B 348 5.87 15.50 2.77
C LEU B 348 4.64 15.63 3.67
N VAL B 349 4.50 14.71 4.63
CA VAL B 349 3.41 14.80 5.58
C VAL B 349 3.47 16.11 6.35
N LEU B 350 4.65 16.51 6.81
CA LEU B 350 4.80 17.73 7.59
C LEU B 350 4.42 18.94 6.74
N GLU B 351 4.87 18.97 5.48
CA GLU B 351 4.57 20.10 4.61
C GLU B 351 3.08 20.11 4.28
N THR B 352 2.49 18.92 4.13
CA THR B 352 1.07 18.80 3.81
C THR B 352 0.25 19.42 4.95
N MET B 353 0.59 19.07 6.21
CA MET B 353 -0.13 19.55 7.37
C MET B 353 0.05 21.08 7.55
N LYS B 354 1.25 21.57 7.33
CA LYS B 354 1.53 23.00 7.42
C LYS B 354 0.75 23.81 6.39
N SER B 355 0.63 23.26 5.16
CA SER B 355 -0.15 23.90 4.10
C SER B 355 -1.64 23.97 4.49
N HIS B 356 -2.15 22.90 5.12
CA HIS B 356 -3.56 22.87 5.46
C HIS B 356 -3.82 23.94 6.51
N LEU B 357 -2.94 23.96 7.53
CA LEU B 357 -3.04 24.93 8.61
C LEU B 357 -2.99 26.34 8.04
N TYR B 358 -2.08 26.60 7.11
CA TYR B 358 -1.94 27.93 6.55
C TYR B 358 -3.25 28.36 5.89
N ARG B 359 -3.82 27.49 5.06
CA ARG B 359 -5.06 27.79 4.37
C ARG B 359 -6.19 27.99 5.37
N ALA B 360 -6.19 27.14 6.40
CA ALA B 360 -7.21 27.16 7.45
C ALA B 360 -7.30 28.53 8.10
N GLU B 361 -6.16 29.13 8.43
CA GLU B 361 -6.11 30.36 9.21
C GLU B 361 -6.27 31.58 8.30
N HIS B 362 -5.56 31.63 7.17
CA HIS B 362 -5.52 32.84 6.37
C HIS B 362 -6.78 32.94 5.51
N ASN B 363 -7.45 31.81 5.27
CA ASN B 363 -8.69 31.84 4.53
C ASN B 363 -9.89 31.75 5.49
N ALA B 364 -9.68 32.06 6.78
CA ALA B 364 -10.76 32.02 7.76
C ALA B 364 -11.74 33.15 7.48
N LYS B 365 -13.01 32.95 7.85
CA LYS B 365 -14.05 33.95 7.64
C LYS B 365 -14.95 33.96 8.88
N ARG B 366 -15.60 35.11 9.13
CA ARG B 366 -16.46 35.22 10.29
C ARG B 366 -17.72 34.42 10.08
N ASP B 367 -18.28 33.92 11.20
CA ASP B 367 -19.54 33.22 11.19
C ASP B 367 -20.60 34.23 11.61
N ARG B 368 -21.86 33.79 11.72
CA ARG B 368 -22.96 34.69 12.06
C ARG B 368 -22.89 35.19 13.51
N TRP B 369 -22.06 34.55 14.36
CA TRP B 369 -21.85 35.03 15.72
C TRP B 369 -20.61 35.91 15.86
N GLY B 370 -19.87 36.11 14.76
CA GLY B 370 -18.74 37.03 14.75
C GLY B 370 -17.40 36.35 15.07
N THR B 371 -17.42 35.02 15.26
CA THR B 371 -16.20 34.27 15.49
C THR B 371 -15.46 34.12 14.17
N MET B 372 -14.19 34.51 14.13
CA MET B 372 -13.34 34.18 13.01
C MET B 372 -13.17 32.66 12.94
N THR B 373 -13.71 32.06 11.87
CA THR B 373 -13.84 30.61 11.77
C THR B 373 -12.87 30.06 10.74
N PRO B 374 -11.91 29.18 11.14
CA PRO B 374 -10.99 28.58 10.17
C PRO B 374 -11.71 27.96 8.99
N ASP B 375 -11.04 27.90 7.83
CA ASP B 375 -11.53 27.23 6.64
C ASP B 375 -11.54 25.72 6.88
N PHE B 376 -12.75 25.15 7.00
CA PHE B 376 -12.90 23.76 7.37
C PHE B 376 -12.61 22.84 6.20
N ALA B 377 -12.68 23.34 4.96
CA ALA B 377 -12.30 22.54 3.81
C ALA B 377 -10.88 22.01 4.01
N ALA B 378 -10.00 22.85 4.57
CA ALA B 378 -8.61 22.50 4.78
C ALA B 378 -8.45 21.56 5.97
N LEU B 379 -9.07 21.94 7.10
CA LEU B 379 -8.94 21.22 8.36
C LEU B 379 -9.63 19.86 8.29
N ASP B 380 -10.76 19.76 7.56
CA ASP B 380 -11.47 18.50 7.47
C ASP B 380 -10.63 17.50 6.67
N ALA B 381 -10.01 17.95 5.59
CA ALA B 381 -9.11 17.06 4.87
C ALA B 381 -7.96 16.63 5.79
N ALA B 382 -7.26 17.60 6.40
CA ALA B 382 -6.16 17.32 7.29
C ALA B 382 -6.50 16.25 8.32
N ARG B 383 -7.67 16.36 8.98
CA ARG B 383 -8.00 15.53 10.13
C ARG B 383 -8.44 14.14 9.70
N ASN B 384 -9.00 13.99 8.49
CA ASN B 384 -9.36 12.70 7.91
C ASN B 384 -8.12 11.95 7.43
N TRP B 385 -7.10 12.69 6.94
CA TRP B 385 -5.94 12.16 6.23
C TRP B 385 -4.83 11.75 7.19
N TYR B 386 -4.50 12.64 8.14
CA TYR B 386 -3.38 12.42 9.04
C TYR B 386 -3.54 11.09 9.81
N PRO B 387 -4.71 10.78 10.41
CA PRO B 387 -4.90 9.50 11.07
C PRO B 387 -4.60 8.31 10.17
N ARG B 388 -4.91 8.42 8.88
CA ARG B 388 -4.68 7.31 7.97
C ARG B 388 -3.19 7.15 7.70
N ILE B 389 -2.43 8.24 7.77
CA ILE B 389 -1.05 8.18 7.34
C ILE B 389 -0.12 8.00 8.55
N TYR B 390 -0.63 8.16 9.78
CA TYR B 390 0.23 8.14 10.94
C TYR B 390 0.91 6.78 11.14
N PRO B 391 0.22 5.63 11.02
CA PRO B 391 0.88 4.33 11.25
C PRO B 391 2.11 4.12 10.39
N ARG B 392 2.12 4.71 9.18
CA ARG B 392 3.26 4.65 8.28
C ARG B 392 4.44 5.41 8.88
N LEU B 393 4.21 6.58 9.49
CA LEU B 393 5.29 7.34 10.08
C LEU B 393 5.93 6.53 11.20
N SER B 394 5.10 5.86 11.99
CA SER B 394 5.61 5.00 13.05
C SER B 394 6.42 3.84 12.49
N GLU B 395 5.91 3.18 11.45
CA GLU B 395 6.57 2.02 10.86
C GLU B 395 7.95 2.43 10.32
N ILE B 396 8.10 3.68 9.86
CA ILE B 396 9.36 4.15 9.31
C ILE B 396 10.42 4.22 10.43
N ILE B 397 10.05 4.75 11.60
CA ILE B 397 10.98 4.80 12.72
C ILE B 397 11.38 3.39 13.14
N ARG B 398 10.42 2.47 13.23
CA ARG B 398 10.64 1.07 13.57
C ARG B 398 11.59 0.40 12.58
N ILE B 399 11.34 0.59 11.28
CA ILE B 399 12.14 -0.02 10.24
C ILE B 399 13.56 0.48 10.29
N LEU B 400 13.75 1.81 10.34
CA LEU B 400 15.06 2.41 10.32
C LEU B 400 15.88 2.03 11.54
N GLY B 401 15.26 1.91 12.72
CA GLY B 401 15.95 1.60 13.97
C GLY B 401 16.41 0.13 14.02
N ALA B 402 15.62 -0.77 13.45
CA ALA B 402 16.06 -2.14 13.18
C ALA B 402 16.50 -2.81 14.48
N SER B 403 17.57 -3.60 14.44
CA SER B 403 18.04 -4.38 15.59
C SER B 403 18.37 -3.49 16.78
N GLY B 404 18.82 -2.26 16.50
CA GLY B 404 19.17 -1.30 17.53
C GLY B 404 18.00 -1.00 18.47
N LEU B 405 16.76 -1.16 18.00
CA LEU B 405 15.61 -0.89 18.86
C LEU B 405 15.52 -1.95 19.97
N MET B 406 16.09 -3.13 19.75
CA MET B 406 16.04 -4.16 20.76
C MET B 406 17.30 -4.16 21.62
N ALA B 407 18.32 -3.36 21.24
CA ALA B 407 19.52 -3.23 22.04
C ALA B 407 19.33 -2.04 23.00
N ILE B 408 18.48 -2.24 24.01
CA ILE B 408 18.12 -1.14 24.88
C ILE B 408 18.33 -1.56 26.32
N PRO B 409 19.60 -1.60 26.78
CA PRO B 409 19.90 -1.70 28.20
C PRO B 409 19.46 -0.45 28.95
N THR B 410 19.29 -0.60 30.27
CA THR B 410 18.77 0.46 31.10
C THR B 410 19.92 1.39 31.48
N GLU B 411 19.52 2.55 32.01
CA GLU B 411 20.45 3.54 32.53
C GLU B 411 21.32 2.89 33.59
N ALA B 412 20.68 2.13 34.49
CA ALA B 412 21.38 1.42 35.56
C ALA B 412 22.44 0.46 35.02
N ASP B 413 22.25 -0.10 33.82
CA ASP B 413 23.28 -0.91 33.21
C ASP B 413 24.51 -0.07 32.92
N PHE B 414 24.34 1.19 32.50
CA PHE B 414 25.48 2.05 32.23
C PHE B 414 26.19 2.39 33.54
N HIS B 415 25.47 2.42 34.67
CA HIS B 415 26.00 2.87 35.95
C HIS B 415 26.57 1.72 36.80
N ASN B 416 26.48 0.48 36.31
CA ASN B 416 27.04 -0.67 37.00
C ASN B 416 28.56 -0.67 36.80
N GLU B 417 29.34 -0.99 37.84
CA GLU B 417 30.81 -0.97 37.72
C GLU B 417 31.31 -2.13 36.85
N GLU B 418 30.71 -3.32 36.95
CA GLU B 418 31.18 -4.49 36.22
C GLU B 418 30.90 -4.40 34.72
N ILE B 419 29.83 -3.70 34.28
CA ILE B 419 29.46 -3.76 32.87
C ILE B 419 29.38 -2.38 32.22
N GLY B 420 29.42 -1.30 32.99
CA GLY B 420 29.17 0.03 32.44
C GLY B 420 30.00 0.34 31.20
N GLU B 421 31.31 0.02 31.25
CA GLU B 421 32.24 0.37 30.18
C GLU B 421 32.06 -0.56 28.98
N ILE B 422 31.73 -1.83 29.22
CA ILE B 422 31.47 -2.77 28.13
C ILE B 422 30.29 -2.26 27.32
N VAL B 423 29.23 -1.85 28.02
CA VAL B 423 28.00 -1.41 27.38
C VAL B 423 28.24 -0.14 26.58
N SER B 424 29.09 0.78 27.09
CA SER B 424 29.34 2.04 26.41
C SER B 424 30.08 1.83 25.09
N ARG B 425 31.11 1.00 25.15
CA ARG B 425 31.85 0.64 23.95
C ARG B 425 30.92 -0.08 22.98
N ALA B 426 30.10 -1.01 23.50
CA ALA B 426 29.33 -1.91 22.66
C ALA B 426 28.25 -1.17 21.87
N MET B 427 27.67 -0.12 22.45
CA MET B 427 26.49 0.51 21.89
C MET B 427 26.86 1.78 21.14
N GLN B 428 28.14 2.01 20.86
CA GLN B 428 28.49 3.19 20.07
C GLN B 428 27.71 3.22 18.76
N GLY B 429 27.52 4.44 18.25
CA GLY B 429 27.03 4.67 16.90
C GLY B 429 28.17 5.20 16.02
N ALA B 430 27.83 5.53 14.76
CA ALA B 430 28.74 6.22 13.84
C ALA B 430 29.16 7.60 14.37
N THR B 431 28.19 8.43 14.79
CA THR B 431 28.46 9.82 15.17
C THR B 431 28.16 10.11 16.65
N VAL B 432 27.93 9.07 17.47
CA VAL B 432 27.51 9.23 18.85
C VAL B 432 28.15 8.15 19.73
N ASP B 433 28.33 8.43 21.02
CA ASP B 433 28.83 7.42 21.94
C ASP B 433 27.65 6.59 22.41
N GLY B 434 27.96 5.50 23.14
CA GLY B 434 27.01 4.47 23.54
C GLY B 434 25.85 5.03 24.36
N TYR B 435 26.15 5.88 25.34
CA TYR B 435 25.13 6.42 26.24
C TYR B 435 24.13 7.28 25.44
N GLU B 436 24.65 8.16 24.56
CA GLU B 436 23.81 9.08 23.82
C GLU B 436 22.97 8.29 22.82
N ARG B 437 23.55 7.19 22.33
CA ARG B 437 22.86 6.38 21.35
C ARG B 437 21.69 5.62 21.97
N VAL B 438 21.92 4.94 23.08
CA VAL B 438 20.87 4.11 23.65
C VAL B 438 19.74 5.04 24.11
N GLN B 439 20.10 6.25 24.54
CA GLN B 439 19.09 7.22 24.92
C GLN B 439 18.20 7.56 23.72
N LEU B 440 18.80 7.80 22.55
CA LEU B 440 18.06 8.14 21.34
C LEU B 440 17.18 6.99 20.91
N PHE B 441 17.72 5.76 20.89
CA PHE B 441 16.96 4.62 20.44
C PHE B 441 15.82 4.33 21.41
N ARG B 442 16.02 4.63 22.70
CA ARG B 442 14.99 4.42 23.69
C ARG B 442 13.82 5.39 23.50
N LEU B 443 14.10 6.59 22.99
CA LEU B 443 13.07 7.53 22.62
C LEU B 443 12.31 6.98 21.40
N ALA B 444 13.05 6.46 20.44
CA ALA B 444 12.44 5.86 19.25
C ALA B 444 11.58 4.69 19.66
N TRP B 445 12.09 3.86 20.58
CA TRP B 445 11.35 2.70 21.06
C TRP B 445 10.09 3.10 21.82
N ASP B 446 10.19 4.11 22.70
CA ASP B 446 9.08 4.51 23.55
C ASP B 446 8.00 5.21 22.73
N LEU B 447 8.37 5.64 21.53
CA LEU B 447 7.49 6.38 20.64
C LEU B 447 6.67 5.44 19.75
N THR B 448 7.18 4.23 19.48
CA THR B 448 6.55 3.36 18.52
C THR B 448 6.31 1.94 19.04
N MET B 449 7.03 1.49 20.06
CA MET B 449 7.06 0.08 20.34
C MET B 449 6.86 -0.23 21.82
N SER B 450 6.81 0.77 22.69
CA SER B 450 6.29 0.59 24.04
C SER B 450 4.76 0.49 24.03
N ALA B 451 4.18 0.05 25.14
CA ALA B 451 2.74 0.18 25.34
C ALA B 451 2.32 1.62 25.09
N PHE B 452 3.16 2.56 25.56
CA PHE B 452 2.92 3.98 25.39
C PHE B 452 2.92 4.33 23.92
N GLY B 453 3.91 3.83 23.20
CA GLY B 453 4.16 4.17 21.81
C GLY B 453 3.05 3.65 20.90
N ALA B 454 2.69 2.39 21.07
CA ALA B 454 1.65 1.76 20.28
C ALA B 454 0.33 2.45 20.54
N ARG B 455 0.09 2.84 21.80
CA ARG B 455 -1.12 3.57 22.12
C ARG B 455 -1.13 4.87 21.34
N GLN B 456 0.01 5.57 21.28
CA GLN B 456 0.05 6.82 20.57
C GLN B 456 -0.45 6.61 19.13
N THR B 457 0.06 5.55 18.49
CA THR B 457 -0.23 5.28 17.09
C THR B 457 -1.72 4.96 16.94
N HIS B 458 -2.26 4.25 17.93
CA HIS B 458 -3.64 3.78 17.92
C HIS B 458 -4.59 4.92 18.24
N TYR B 459 -4.11 5.85 19.06
CA TYR B 459 -4.92 6.98 19.46
C TYR B 459 -5.03 7.98 18.30
N GLU B 460 -3.91 8.25 17.61
CA GLU B 460 -3.91 9.13 16.45
C GLU B 460 -4.86 8.59 15.38
N TYR B 461 -4.84 7.28 15.15
CA TYR B 461 -5.67 6.64 14.14
C TYR B 461 -7.16 6.76 14.42
N TYR B 462 -7.54 6.78 15.71
CA TYR B 462 -8.93 6.64 16.15
C TYR B 462 -9.40 7.94 16.80
N PHE B 463 -8.61 9.00 16.66
CA PHE B 463 -8.71 10.20 17.48
C PHE B 463 -10.13 10.81 17.41
N PHE B 464 -10.58 11.18 16.22
CA PHE B 464 -11.92 11.73 16.04
C PHE B 464 -12.92 10.67 15.56
N GLY B 465 -12.63 9.39 15.80
CA GLY B 465 -13.53 8.33 15.37
C GLY B 465 -12.86 7.38 14.38
N ASP B 466 -13.63 6.36 13.98
CA ASP B 466 -13.19 5.31 13.08
C ASP B 466 -13.09 5.89 11.66
N PRO B 467 -11.90 5.80 11.02
CA PRO B 467 -11.70 6.31 9.66
C PRO B 467 -12.73 5.79 8.65
N VAL B 468 -13.22 4.57 8.84
CA VAL B 468 -14.24 4.04 7.97
C VAL B 468 -15.51 4.91 8.01
N ARG B 469 -15.90 5.38 9.19
CA ARG B 469 -17.12 6.16 9.31
C ARG B 469 -16.82 7.60 8.93
N MET B 470 -15.62 8.06 9.28
CA MET B 470 -15.20 9.41 8.96
C MET B 470 -15.15 9.59 7.44
N GLY B 471 -14.64 8.57 6.74
CA GLY B 471 -14.54 8.59 5.29
C GLY B 471 -15.91 8.63 4.63
N MET B 472 -16.88 7.86 5.15
CA MET B 472 -18.24 7.94 4.65
C MET B 472 -18.78 9.36 4.82
N ALA B 473 -18.58 9.96 6.01
CA ALA B 473 -19.13 11.26 6.35
C ALA B 473 -18.51 12.38 5.50
N TYR B 474 -17.21 12.22 5.19
CA TYR B 474 -16.44 13.16 4.40
C TYR B 474 -16.96 13.19 2.94
N PHE B 475 -17.20 11.99 2.38
CA PHE B 475 -17.80 11.83 1.07
C PHE B 475 -19.20 12.43 1.04
N ASP B 476 -20.03 12.10 2.03
CA ASP B 476 -21.42 12.53 2.04
C ASP B 476 -21.52 14.04 2.18
N GLY B 477 -20.57 14.64 2.91
CA GLY B 477 -20.62 16.05 3.26
C GLY B 477 -20.02 16.92 2.16
N TYR B 478 -19.30 16.29 1.22
CA TYR B 478 -18.54 17.04 0.23
C TYR B 478 -19.51 17.66 -0.76
N GLU B 479 -19.18 18.84 -1.29
CA GLU B 479 -20.04 19.56 -2.22
C GLU B 479 -19.73 19.00 -3.62
N LYS B 480 -20.52 18.02 -4.06
CA LYS B 480 -20.14 17.12 -5.15
C LYS B 480 -20.63 17.57 -6.52
N GLU B 481 -21.71 18.37 -6.55
CA GLU B 481 -22.42 18.70 -7.77
C GLU B 481 -21.54 19.46 -8.78
N PRO B 482 -20.83 20.55 -8.39
CA PRO B 482 -19.95 21.27 -9.30
C PRO B 482 -19.02 20.42 -10.18
N TYR B 483 -18.48 19.32 -9.62
CA TYR B 483 -17.54 18.47 -10.33
C TYR B 483 -18.27 17.62 -11.36
N LYS B 484 -19.54 17.31 -11.08
CA LYS B 484 -20.37 16.58 -12.04
C LYS B 484 -20.81 17.48 -13.18
N GLN B 485 -21.16 18.74 -12.88
CA GLN B 485 -21.53 19.69 -13.92
C GLN B 485 -20.36 19.91 -14.89
N PHE B 486 -19.14 20.13 -14.35
CA PHE B 486 -17.95 20.29 -15.17
C PHE B 486 -17.83 19.13 -16.17
N VAL B 487 -17.86 17.89 -15.68
CA VAL B 487 -17.72 16.71 -16.54
C VAL B 487 -18.86 16.63 -17.54
N ARG B 488 -20.09 16.93 -17.13
CA ARG B 488 -21.23 16.81 -18.01
C ARG B 488 -21.19 17.85 -19.13
N GLU B 489 -20.70 19.08 -18.85
CA GLU B 489 -20.60 20.11 -19.88
C GLU B 489 -19.59 19.68 -20.93
N PHE B 490 -18.49 19.08 -20.44
CA PHE B 490 -17.45 18.57 -21.31
C PHE B 490 -17.99 17.49 -22.24
N LEU B 491 -18.77 16.54 -21.69
CA LEU B 491 -19.41 15.48 -22.47
C LEU B 491 -20.41 16.03 -23.48
N ARG B 492 -21.13 17.09 -23.11
CA ARG B 492 -22.19 17.64 -23.93
C ARG B 492 -21.63 18.10 -25.27
N GLY B 493 -20.37 18.56 -25.27
CA GLY B 493 -19.64 18.98 -26.47
C GLY B 493 -19.64 17.95 -27.59
N ALA B 494 -19.64 16.66 -27.25
CA ALA B 494 -19.50 15.59 -28.23
C ALA B 494 -20.80 14.82 -28.51
N LYS B 495 -21.97 15.35 -28.11
CA LYS B 495 -23.23 14.61 -28.27
C LYS B 495 -23.70 14.70 -29.73
N SER B 496 -24.01 13.55 -30.35
CA SER B 496 -24.65 13.53 -31.65
C SER B 496 -26.12 13.90 -31.45
N VAL B 497 -26.77 14.45 -32.49
CA VAL B 497 -28.16 14.85 -32.38
C VAL B 497 -29.07 13.77 -32.97
N PHE B 498 -28.49 12.63 -33.37
CA PHE B 498 -29.23 11.38 -33.57
C PHE B 498 -29.40 10.69 -32.19
N SER C 14 -16.40 -37.74 -34.00
CA SER C 14 -15.71 -36.75 -34.87
C SER C 14 -14.23 -36.61 -34.47
N PRO C 15 -13.32 -36.52 -35.48
CA PRO C 15 -11.95 -36.15 -35.19
C PRO C 15 -11.89 -34.80 -34.48
N ALA C 16 -11.15 -34.78 -33.37
CA ALA C 16 -10.58 -33.56 -32.81
C ALA C 16 -10.24 -32.59 -33.93
N LYS C 17 -10.36 -31.30 -33.62
CA LYS C 17 -10.24 -30.25 -34.61
C LYS C 17 -8.79 -29.91 -34.91
N THR C 18 -8.54 -29.64 -36.20
CA THR C 18 -7.35 -28.90 -36.63
C THR C 18 -7.68 -27.42 -36.63
N GLY C 19 -6.66 -26.62 -36.95
CA GLY C 19 -6.82 -25.18 -37.11
C GLY C 19 -7.76 -24.87 -38.26
N GLN C 20 -7.56 -25.58 -39.38
CA GLN C 20 -8.39 -25.36 -40.56
C GLN C 20 -9.84 -25.72 -40.22
N GLU C 21 -10.07 -26.85 -39.55
CA GLU C 21 -11.42 -27.30 -39.23
C GLU C 21 -12.09 -26.23 -38.37
N TYR C 22 -11.37 -25.76 -37.35
CA TYR C 22 -11.88 -24.70 -36.48
C TYR C 22 -12.31 -23.47 -37.29
N MET C 23 -11.50 -23.01 -38.24
CA MET C 23 -11.85 -21.82 -39.03
C MET C 23 -13.00 -22.11 -39.99
N GLU C 24 -13.08 -23.35 -40.48
CA GLU C 24 -14.13 -23.73 -41.41
C GLU C 24 -15.50 -23.65 -40.74
N ARG C 25 -15.59 -24.11 -39.49
CA ARG C 25 -16.88 -24.13 -38.81
C ARG C 25 -17.41 -22.72 -38.55
N LEU C 26 -16.54 -21.80 -38.14
CA LEU C 26 -16.94 -20.42 -37.93
C LEU C 26 -17.49 -19.80 -39.22
N LYS C 27 -16.82 -20.09 -40.33
CA LYS C 27 -17.14 -19.50 -41.63
C LYS C 27 -18.54 -19.97 -42.06
N ARG C 28 -18.80 -21.26 -41.86
CA ARG C 28 -20.04 -21.91 -42.27
C ARG C 28 -21.21 -21.52 -41.35
N ALA C 29 -20.93 -21.11 -40.11
CA ALA C 29 -21.97 -20.83 -39.12
C ALA C 29 -22.62 -19.46 -39.33
N LYS C 30 -21.83 -18.46 -39.76
CA LYS C 30 -22.25 -17.08 -39.96
C LYS C 30 -23.16 -16.63 -38.81
N SER C 31 -22.59 -16.42 -37.63
CA SER C 31 -23.32 -15.87 -36.51
C SER C 31 -23.62 -14.40 -36.79
N SER C 32 -24.66 -13.88 -36.17
CA SER C 32 -24.92 -12.46 -36.18
C SER C 32 -23.92 -11.76 -35.26
N VAL C 33 -22.92 -11.10 -35.86
CA VAL C 33 -21.86 -10.41 -35.13
C VAL C 33 -21.83 -8.97 -35.65
N TYR C 34 -21.74 -8.01 -34.72
CA TYR C 34 -21.69 -6.61 -35.08
C TYR C 34 -20.47 -6.00 -34.39
N ILE C 35 -19.74 -5.17 -35.14
CA ILE C 35 -18.68 -4.36 -34.56
C ILE C 35 -18.59 -3.06 -35.35
N HIS C 36 -18.21 -1.98 -34.65
CA HIS C 36 -17.99 -0.68 -35.28
C HIS C 36 -19.15 -0.36 -36.21
N GLY C 37 -20.38 -0.65 -35.77
CA GLY C 37 -21.57 -0.14 -36.44
C GLY C 37 -22.01 -0.94 -37.66
N GLU C 38 -21.39 -2.09 -37.94
CA GLU C 38 -21.76 -2.87 -39.11
C GLU C 38 -21.84 -4.35 -38.79
N LYS C 39 -22.68 -5.08 -39.56
CA LYS C 39 -22.73 -6.53 -39.52
C LYS C 39 -21.42 -7.08 -40.06
N VAL C 40 -20.98 -8.20 -39.48
CA VAL C 40 -19.75 -8.87 -39.89
C VAL C 40 -20.18 -10.03 -40.76
N GLU C 41 -19.61 -10.13 -41.97
CA GLU C 41 -19.96 -11.20 -42.88
C GLU C 41 -19.18 -12.46 -42.51
N ASP C 42 -17.87 -12.32 -42.27
CA ASP C 42 -16.99 -13.44 -42.06
C ASP C 42 -16.02 -13.07 -40.94
N VAL C 43 -16.15 -13.73 -39.79
CA VAL C 43 -15.29 -13.42 -38.66
C VAL C 43 -13.88 -13.90 -38.92
N THR C 44 -13.68 -14.87 -39.82
CA THR C 44 -12.35 -15.38 -40.08
C THR C 44 -11.52 -14.41 -40.93
N VAL C 45 -12.11 -13.41 -41.59
CA VAL C 45 -11.33 -12.45 -42.37
C VAL C 45 -11.56 -10.98 -41.95
N HIS C 46 -12.59 -10.66 -41.16
CA HIS C 46 -12.77 -9.29 -40.69
C HIS C 46 -11.55 -8.88 -39.84
N PRO C 47 -10.99 -7.66 -40.07
CA PRO C 47 -9.79 -7.21 -39.36
C PRO C 47 -9.87 -7.17 -37.83
N ALA C 48 -11.06 -7.07 -37.23
CA ALA C 48 -11.15 -7.08 -35.77
C ALA C 48 -10.93 -8.48 -35.18
N PHE C 49 -11.18 -9.55 -35.93
CA PHE C 49 -11.17 -10.90 -35.38
C PHE C 49 -10.14 -11.82 -36.03
N CYS C 50 -9.65 -11.52 -37.24
CA CYS C 50 -8.94 -12.54 -38.01
C CYS C 50 -7.68 -13.01 -37.28
N ASN C 51 -6.98 -12.09 -36.60
CA ASN C 51 -5.73 -12.40 -35.94
C ASN C 51 -5.94 -13.33 -34.74
N VAL C 52 -7.00 -13.09 -33.97
CA VAL C 52 -7.22 -13.88 -32.77
C VAL C 52 -7.72 -15.26 -33.18
N VAL C 53 -8.48 -15.30 -34.28
CA VAL C 53 -8.92 -16.56 -34.86
C VAL C 53 -7.70 -17.39 -35.28
N ARG C 54 -6.68 -16.73 -35.84
CA ARG C 54 -5.47 -17.44 -36.22
C ARG C 54 -4.69 -17.93 -35.00
N SER C 55 -4.65 -17.16 -33.91
CA SER C 55 -4.03 -17.67 -32.69
C SER C 55 -4.79 -18.89 -32.16
N MET C 56 -6.12 -18.81 -32.09
CA MET C 56 -6.96 -19.93 -31.70
C MET C 56 -6.69 -21.16 -32.57
N ALA C 57 -6.74 -20.96 -33.89
CA ALA C 57 -6.42 -22.01 -34.86
C ALA C 57 -5.12 -22.72 -34.49
N ALA C 58 -4.10 -21.94 -34.15
CA ALA C 58 -2.77 -22.48 -33.93
C ALA C 58 -2.74 -23.37 -32.69
N LEU C 59 -3.64 -23.11 -31.72
CA LEU C 59 -3.77 -23.97 -30.55
C LEU C 59 -4.26 -25.34 -30.97
N TYR C 60 -5.19 -25.36 -31.92
CA TYR C 60 -5.78 -26.61 -32.39
C TYR C 60 -4.76 -27.37 -33.22
N ASP C 61 -3.92 -26.66 -33.96
CA ASP C 61 -2.85 -27.31 -34.70
C ASP C 61 -1.87 -27.98 -33.72
N ARG C 62 -1.62 -27.37 -32.55
CA ARG C 62 -0.63 -27.91 -31.61
C ARG C 62 -1.10 -29.26 -31.07
N GLN C 63 -2.41 -29.41 -30.96
CA GLN C 63 -3.05 -30.63 -30.50
C GLN C 63 -2.71 -31.83 -31.38
N TYR C 64 -2.45 -31.61 -32.67
CA TYR C 64 -2.20 -32.70 -33.60
C TYR C 64 -0.70 -32.86 -33.75
N GLU C 65 0.06 -31.79 -33.58
CA GLU C 65 1.51 -31.88 -33.56
C GLU C 65 2.00 -32.65 -32.34
N LYS C 66 1.27 -32.59 -31.20
CA LYS C 66 1.68 -33.33 -30.00
C LYS C 66 0.52 -34.11 -29.42
N PRO C 67 0.05 -35.20 -30.10
CA PRO C 67 -1.17 -35.89 -29.70
C PRO C 67 -1.09 -36.63 -28.38
N GLU C 68 0.12 -37.05 -27.99
CA GLU C 68 0.34 -37.85 -26.79
C GLU C 68 0.09 -37.00 -25.54
N LYS C 69 0.40 -35.71 -25.69
CA LYS C 69 0.23 -34.75 -24.62
C LYS C 69 -1.11 -34.01 -24.70
N MET C 70 -1.66 -33.81 -25.90
CA MET C 70 -2.82 -32.95 -26.01
C MET C 70 -4.12 -33.74 -26.26
N LEU C 71 -4.05 -35.05 -26.52
CA LEU C 71 -5.26 -35.84 -26.74
C LEU C 71 -5.27 -37.06 -25.83
N TYR C 72 -6.47 -37.61 -25.58
CA TYR C 72 -6.62 -38.89 -24.91
C TYR C 72 -7.80 -39.65 -25.54
N ARG C 73 -7.83 -40.96 -25.30
CA ARG C 73 -8.90 -41.86 -25.70
C ARG C 73 -10.19 -41.60 -24.91
N SER C 74 -11.25 -41.21 -25.62
CA SER C 74 -12.57 -41.01 -25.03
C SER C 74 -13.01 -42.27 -24.30
N PRO C 75 -13.42 -42.20 -23.01
CA PRO C 75 -13.94 -43.39 -22.34
C PRO C 75 -15.27 -43.88 -22.90
N THR C 76 -15.94 -43.12 -23.79
CA THR C 76 -17.22 -43.56 -24.35
C THR C 76 -17.06 -44.10 -25.77
N THR C 77 -16.20 -43.50 -26.62
CA THR C 77 -16.13 -43.86 -28.03
C THR C 77 -14.76 -44.42 -28.42
N GLY C 78 -13.76 -44.34 -27.55
CA GLY C 78 -12.43 -44.82 -27.88
C GLY C 78 -11.63 -43.86 -28.78
N GLN C 79 -12.24 -42.78 -29.26
CA GLN C 79 -11.56 -41.85 -30.14
C GLN C 79 -10.70 -40.83 -29.40
N LEU C 80 -9.70 -40.29 -30.09
CA LEU C 80 -8.87 -39.26 -29.51
C LEU C 80 -9.68 -37.97 -29.43
N VAL C 81 -9.73 -37.39 -28.23
CA VAL C 81 -10.47 -36.16 -27.98
C VAL C 81 -9.56 -35.27 -27.15
N GLY C 82 -9.83 -33.96 -27.10
CA GLY C 82 -8.97 -33.03 -26.38
C GLY C 82 -8.71 -33.41 -24.91
N MET C 83 -7.46 -33.29 -24.49
CA MET C 83 -7.04 -33.63 -23.14
C MET C 83 -7.69 -32.70 -22.13
N THR C 84 -8.01 -31.47 -22.53
CA THR C 84 -8.47 -30.50 -21.56
C THR C 84 -9.95 -30.75 -21.28
N PHE C 85 -10.52 -31.77 -21.93
CA PHE C 85 -11.86 -32.23 -21.58
C PHE C 85 -11.80 -33.38 -20.55
N ILE C 86 -10.60 -33.86 -20.23
CA ILE C 86 -10.54 -35.09 -19.46
C ILE C 86 -11.24 -34.90 -18.11
N GLN C 87 -11.94 -35.96 -17.72
CA GLN C 87 -12.34 -36.18 -16.36
C GLN C 87 -11.22 -36.92 -15.64
N PRO C 88 -10.33 -36.23 -14.92
CA PRO C 88 -9.18 -36.89 -14.32
C PRO C 88 -9.62 -37.85 -13.23
N THR C 89 -9.11 -39.07 -13.25
CA THR C 89 -9.47 -40.07 -12.25
C THR C 89 -8.24 -40.43 -11.41
N THR C 90 -7.07 -39.88 -11.75
CA THR C 90 -5.82 -40.06 -11.01
C THR C 90 -5.10 -38.72 -10.95
N ILE C 91 -4.15 -38.60 -10.03
CA ILE C 91 -3.29 -37.42 -9.96
C ILE C 91 -2.55 -37.20 -11.30
N ASP C 92 -2.06 -38.29 -11.92
CA ASP C 92 -1.31 -38.20 -13.16
C ASP C 92 -2.16 -37.63 -14.29
N GLU C 93 -3.41 -38.11 -14.44
CA GLU C 93 -4.32 -37.54 -15.41
C GLU C 93 -4.61 -36.06 -15.14
N LEU C 94 -4.59 -35.65 -13.87
CA LEU C 94 -4.87 -34.28 -13.49
C LEU C 94 -3.71 -33.37 -13.89
N ILE C 95 -2.48 -33.83 -13.65
CA ILE C 95 -1.27 -33.14 -14.08
C ILE C 95 -1.22 -33.10 -15.60
N ALA C 96 -1.61 -34.20 -16.24
CA ALA C 96 -1.64 -34.26 -17.70
C ALA C 96 -2.58 -33.19 -18.27
N ARG C 97 -3.73 -32.96 -17.65
CA ARG C 97 -4.64 -31.94 -18.12
C ARG C 97 -3.99 -30.57 -17.98
N ARG C 98 -3.32 -30.35 -16.85
CA ARG C 98 -2.66 -29.08 -16.56
C ARG C 98 -1.53 -28.76 -17.55
N GLU C 99 -0.73 -29.77 -17.92
CA GLU C 99 0.39 -29.59 -18.84
C GLU C 99 -0.09 -29.19 -20.23
N ALA C 100 -1.25 -29.69 -20.62
CA ALA C 100 -1.85 -29.34 -21.90
C ALA C 100 -2.34 -27.89 -21.85
N THR C 101 -3.04 -27.50 -20.77
CA THR C 101 -3.40 -26.11 -20.58
C THR C 101 -2.17 -25.21 -20.67
N GLN C 102 -1.02 -25.63 -20.09
CA GLN C 102 0.18 -24.78 -20.10
C GLN C 102 0.87 -24.74 -21.47
N GLU C 103 0.72 -25.80 -22.27
CA GLU C 103 1.23 -25.79 -23.64
C GLU C 103 0.56 -24.66 -24.41
N TRP C 104 -0.78 -24.62 -24.36
CA TRP C 104 -1.56 -23.58 -25.02
C TRP C 104 -1.28 -22.22 -24.42
N ALA C 105 -1.18 -22.16 -23.10
CA ALA C 105 -0.98 -20.90 -22.41
C ALA C 105 0.38 -20.30 -22.78
N ARG C 106 1.39 -21.14 -22.95
CA ARG C 106 2.69 -20.64 -23.35
C ARG C 106 2.67 -20.07 -24.77
N MET C 107 1.92 -20.69 -25.67
CA MET C 107 1.82 -20.22 -27.04
C MET C 107 1.20 -18.83 -27.12
N SER C 108 0.38 -18.44 -26.12
CA SER C 108 -0.29 -17.15 -26.10
C SER C 108 0.17 -16.28 -24.93
N ALA C 109 1.35 -16.61 -24.36
CA ALA C 109 1.97 -15.84 -23.28
C ALA C 109 1.00 -15.55 -22.11
N GLY C 110 0.02 -16.44 -21.91
CA GLY C 110 -0.89 -16.31 -20.77
C GLY C 110 -2.00 -15.29 -21.00
N MET C 111 -2.16 -14.78 -22.23
CA MET C 111 -3.02 -13.62 -22.48
C MET C 111 -4.49 -13.98 -22.67
N MET C 112 -4.82 -15.24 -22.96
CA MET C 112 -6.15 -15.62 -23.42
C MET C 112 -7.06 -16.00 -22.26
N GLY C 113 -8.19 -15.31 -22.13
CA GLY C 113 -9.14 -15.61 -21.07
C GLY C 113 -10.05 -16.80 -21.41
N ARG C 114 -10.22 -17.08 -22.71
CA ARG C 114 -11.18 -18.08 -23.14
C ARG C 114 -10.60 -19.04 -24.17
N SER C 115 -9.32 -19.37 -24.03
CA SER C 115 -8.84 -20.56 -24.69
C SER C 115 -9.77 -21.70 -24.28
N PRO C 116 -9.95 -22.72 -25.13
CA PRO C 116 -11.04 -23.68 -24.96
C PRO C 116 -11.05 -24.41 -23.62
N ASP C 117 -9.86 -24.49 -23.00
CA ASP C 117 -9.62 -25.35 -21.85
C ASP C 117 -10.30 -24.78 -20.60
N TYR C 118 -10.53 -23.47 -20.58
CA TYR C 118 -11.27 -22.86 -19.49
C TYR C 118 -12.68 -23.44 -19.43
N LEU C 119 -13.41 -23.35 -20.53
CA LEU C 119 -14.79 -23.84 -20.61
C LEU C 119 -14.80 -25.37 -20.59
N ASN C 120 -13.80 -26.00 -21.19
CA ASN C 120 -13.79 -27.44 -21.27
C ASN C 120 -13.85 -28.04 -19.87
N ALA C 121 -13.17 -27.38 -18.91
CA ALA C 121 -13.17 -27.77 -17.50
C ALA C 121 -14.55 -27.63 -16.90
N GLU C 122 -15.20 -26.48 -17.15
CA GLU C 122 -16.52 -26.18 -16.65
C GLU C 122 -17.50 -27.24 -17.13
N VAL C 123 -17.48 -27.54 -18.44
CA VAL C 123 -18.47 -28.42 -19.04
C VAL C 123 -18.28 -29.87 -18.61
N MET C 124 -17.03 -30.31 -18.48
CA MET C 124 -16.75 -31.61 -17.88
C MET C 124 -17.37 -31.68 -16.49
N ALA C 125 -17.05 -30.70 -15.63
CA ALA C 125 -17.41 -30.76 -14.22
C ALA C 125 -18.93 -30.85 -14.03
N MET C 126 -19.68 -30.07 -14.82
CA MET C 126 -21.13 -30.08 -14.80
C MET C 126 -21.72 -31.35 -15.39
N GLY C 127 -21.03 -31.94 -16.37
CA GLY C 127 -21.52 -33.15 -17.03
C GLY C 127 -21.36 -34.38 -16.16
N VAL C 128 -20.30 -34.43 -15.38
CA VAL C 128 -20.00 -35.59 -14.56
C VAL C 128 -20.72 -35.49 -13.21
N ALA C 129 -20.72 -34.29 -12.62
CA ALA C 129 -21.36 -34.05 -11.34
C ALA C 129 -22.70 -33.36 -11.53
N ASN C 130 -23.65 -34.04 -12.21
CA ASN C 130 -24.80 -33.37 -12.79
C ASN C 130 -26.07 -33.43 -11.91
N ASP C 131 -25.96 -34.10 -10.76
CA ASP C 131 -27.12 -34.51 -9.95
C ASP C 131 -27.88 -33.31 -9.40
N LEU C 132 -27.16 -32.24 -9.08
CA LEU C 132 -27.76 -30.98 -8.65
C LEU C 132 -28.98 -30.65 -9.50
N PHE C 133 -28.83 -30.71 -10.84
CA PHE C 133 -29.83 -30.26 -11.79
C PHE C 133 -31.12 -31.09 -11.67
N ALA C 134 -31.00 -32.36 -11.26
CA ALA C 134 -32.14 -33.28 -11.13
C ALA C 134 -33.16 -32.87 -10.07
N GLU C 135 -32.79 -31.95 -9.15
CA GLU C 135 -33.73 -31.47 -8.15
C GLU C 135 -34.95 -30.83 -8.80
N ASP C 136 -34.78 -30.19 -9.95
CA ASP C 136 -35.88 -29.58 -10.66
C ASP C 136 -36.54 -30.64 -11.53
N ASP C 137 -35.75 -31.35 -12.36
CA ASP C 137 -36.26 -32.42 -13.20
C ASP C 137 -35.10 -33.35 -13.57
N PRO C 138 -35.27 -34.71 -13.55
CA PRO C 138 -34.15 -35.62 -13.85
C PRO C 138 -33.55 -35.45 -15.26
N MET C 139 -34.36 -34.92 -16.18
CA MET C 139 -33.94 -34.72 -17.56
C MET C 139 -32.80 -33.71 -17.66
N PHE C 140 -32.76 -32.69 -16.78
CA PHE C 140 -31.78 -31.62 -16.84
C PHE C 140 -30.38 -32.13 -16.49
N ALA C 141 -30.31 -33.16 -15.64
CA ALA C 141 -29.04 -33.77 -15.29
C ALA C 141 -28.52 -34.62 -16.45
N GLU C 142 -29.43 -35.32 -17.15
CA GLU C 142 -29.12 -36.09 -18.34
C GLU C 142 -28.65 -35.15 -19.45
N ASN C 143 -29.27 -33.96 -19.53
CA ASN C 143 -28.88 -32.96 -20.50
C ASN C 143 -27.43 -32.54 -20.27
N ALA C 144 -27.05 -32.25 -19.01
CA ALA C 144 -25.68 -31.87 -18.70
C ALA C 144 -24.70 -32.96 -19.12
N LYS C 145 -25.00 -34.22 -18.82
CA LYS C 145 -24.10 -35.31 -19.14
C LYS C 145 -23.96 -35.40 -20.67
N ASN C 146 -25.08 -35.47 -21.38
CA ASN C 146 -25.02 -35.58 -22.83
C ASN C 146 -24.31 -34.38 -23.44
N TYR C 147 -24.44 -33.20 -22.82
CA TYR C 147 -23.84 -32.01 -23.37
C TYR C 147 -22.32 -32.11 -23.23
N TYR C 148 -21.84 -32.67 -22.13
CA TYR C 148 -20.41 -32.84 -21.93
C TYR C 148 -19.86 -33.77 -23.02
N GLU C 149 -20.52 -34.90 -23.24
CA GLU C 149 -20.08 -35.89 -24.21
C GLU C 149 -20.13 -35.32 -25.62
N TYR C 150 -21.16 -34.50 -25.87
CA TYR C 150 -21.32 -33.91 -27.18
C TYR C 150 -20.15 -32.95 -27.44
N ALA C 151 -19.81 -32.13 -26.45
CA ALA C 151 -18.75 -31.13 -26.60
C ALA C 151 -17.39 -31.79 -26.82
N ARG C 152 -17.10 -32.82 -26.00
CA ARG C 152 -15.84 -33.51 -26.08
C ARG C 152 -15.69 -34.29 -27.39
N GLU C 153 -16.73 -35.00 -27.81
CA GLU C 153 -16.67 -35.87 -28.99
C GLU C 153 -16.71 -35.06 -30.30
N ASN C 154 -17.20 -33.83 -30.27
CA ASN C 154 -17.20 -32.97 -31.45
C ASN C 154 -16.24 -31.79 -31.32
N ASP C 155 -15.40 -31.80 -30.28
CA ASP C 155 -14.38 -30.80 -30.07
C ASP C 155 -15.00 -29.41 -30.27
N ILE C 156 -16.08 -29.15 -29.52
CA ILE C 156 -16.74 -27.86 -29.51
C ILE C 156 -15.89 -26.81 -28.82
N SER C 157 -15.70 -25.66 -29.47
CA SER C 157 -15.11 -24.53 -28.79
C SER C 157 -16.22 -23.69 -28.16
N LEU C 158 -16.02 -23.27 -26.89
CA LEU C 158 -17.01 -22.58 -26.10
C LEU C 158 -16.49 -21.26 -25.53
N THR C 159 -17.43 -20.35 -25.27
CA THR C 159 -17.28 -19.33 -24.26
C THR C 159 -18.55 -19.34 -23.42
N HIS C 160 -18.62 -18.46 -22.43
CA HIS C 160 -19.81 -18.34 -21.61
C HIS C 160 -20.14 -16.87 -21.40
N THR C 161 -21.29 -16.64 -20.75
CA THR C 161 -21.64 -15.31 -20.28
C THR C 161 -22.35 -15.43 -18.93
N LEU C 162 -21.78 -14.74 -17.92
CA LEU C 162 -22.16 -14.89 -16.52
C LEU C 162 -22.72 -13.60 -15.95
N ILE C 163 -22.75 -12.52 -16.76
CA ILE C 163 -22.97 -11.19 -16.19
C ILE C 163 -24.23 -10.59 -16.80
N HIS C 164 -25.14 -10.17 -15.91
CA HIS C 164 -26.39 -9.54 -16.28
C HIS C 164 -26.13 -8.05 -16.48
N PRO C 165 -26.97 -7.33 -17.23
CA PRO C 165 -27.00 -5.89 -17.05
C PRO C 165 -27.72 -5.55 -15.74
N GLN C 166 -26.96 -5.56 -14.63
CA GLN C 166 -27.35 -4.72 -13.51
C GLN C 166 -27.23 -3.31 -14.07
N MET C 167 -28.25 -2.52 -13.79
CA MET C 167 -28.29 -1.14 -14.23
C MET C 167 -28.06 -0.29 -12.97
N ASN C 168 -29.00 -0.41 -12.03
CA ASN C 168 -28.86 0.09 -10.67
C ASN C 168 -28.38 -1.03 -9.73
N ARG C 169 -27.10 -0.98 -9.31
CA ARG C 169 -26.52 -2.07 -8.54
C ARG C 169 -27.01 -2.10 -7.09
N ALA C 170 -27.75 -1.05 -6.65
CA ALA C 170 -28.37 -1.00 -5.34
C ALA C 170 -29.66 -1.84 -5.27
N LYS C 171 -29.94 -2.62 -6.32
CA LYS C 171 -31.23 -3.29 -6.45
C LYS C 171 -31.08 -4.62 -7.21
N ALA C 172 -32.09 -5.48 -7.00
CA ALA C 172 -32.21 -6.78 -7.66
C ALA C 172 -32.81 -6.59 -9.06
N LEU C 173 -32.58 -7.59 -9.93
CA LEU C 173 -32.92 -7.50 -11.34
C LEU C 173 -34.42 -7.22 -11.53
N HIS C 174 -35.26 -7.77 -10.66
CA HIS C 174 -36.70 -7.68 -10.81
C HIS C 174 -37.21 -6.29 -10.38
N GLU C 175 -36.31 -5.48 -9.78
CA GLU C 175 -36.64 -4.18 -9.23
C GLU C 175 -36.16 -3.02 -10.09
N GLN C 176 -35.32 -3.32 -11.09
CA GLN C 176 -34.83 -2.33 -12.04
C GLN C 176 -36.00 -1.59 -12.71
N ASN C 177 -35.73 -0.37 -13.19
CA ASN C 177 -36.73 0.42 -13.90
C ASN C 177 -37.20 -0.36 -15.13
N ASP C 178 -36.28 -1.13 -15.74
CA ASP C 178 -36.62 -2.00 -16.85
C ASP C 178 -36.27 -3.45 -16.50
N ALA C 179 -37.29 -4.16 -16.00
CA ALA C 179 -37.18 -5.51 -15.46
C ALA C 179 -36.92 -6.54 -16.56
N ASP C 180 -37.31 -6.23 -17.81
CA ASP C 180 -37.23 -7.14 -18.94
C ASP C 180 -35.89 -7.06 -19.70
N VAL C 181 -34.98 -6.15 -19.32
CA VAL C 181 -33.72 -6.04 -20.04
C VAL C 181 -32.83 -7.26 -19.75
N PRO C 182 -32.63 -7.68 -18.48
CA PRO C 182 -31.83 -8.86 -18.24
C PRO C 182 -32.48 -10.11 -18.81
N LEU C 183 -31.64 -11.05 -19.25
CA LEU C 183 -32.09 -12.28 -19.89
C LEU C 183 -32.98 -13.05 -18.94
N HIS C 184 -34.19 -13.39 -19.42
CA HIS C 184 -35.18 -14.06 -18.60
C HIS C 184 -36.03 -14.97 -19.48
N LEU C 185 -36.71 -15.91 -18.81
CA LEU C 185 -37.58 -16.91 -19.42
C LEU C 185 -38.92 -16.28 -19.81
N VAL C 186 -39.32 -16.51 -21.06
CA VAL C 186 -40.48 -15.85 -21.61
C VAL C 186 -41.63 -16.84 -21.57
N GLU C 187 -41.40 -18.08 -22.02
CA GLU C 187 -42.44 -19.10 -21.90
C GLU C 187 -41.84 -20.49 -22.01
N ARG C 188 -42.64 -21.48 -21.59
CA ARG C 188 -42.32 -22.90 -21.69
C ARG C 188 -43.20 -23.55 -22.74
N ARG C 189 -42.68 -24.61 -23.37
CA ARG C 189 -43.37 -25.30 -24.46
C ARG C 189 -43.03 -26.78 -24.41
N LYS C 190 -43.70 -27.57 -25.26
CA LYS C 190 -43.41 -29.00 -25.38
C LYS C 190 -41.92 -29.22 -25.66
N ASP C 191 -41.35 -28.45 -26.60
CA ASP C 191 -40.13 -28.82 -27.31
C ASP C 191 -38.89 -28.12 -26.72
N GLY C 192 -39.12 -27.06 -25.93
CA GLY C 192 -38.07 -26.21 -25.39
C GLY C 192 -38.66 -25.00 -24.68
N ILE C 193 -37.87 -23.93 -24.55
CA ILE C 193 -38.24 -22.68 -23.92
C ILE C 193 -37.90 -21.49 -24.83
N ILE C 194 -38.50 -20.33 -24.53
CA ILE C 194 -38.22 -19.07 -25.20
C ILE C 194 -37.62 -18.11 -24.20
N VAL C 195 -36.47 -17.50 -24.54
CA VAL C 195 -35.81 -16.52 -23.68
C VAL C 195 -35.57 -15.20 -24.44
N SER C 196 -35.42 -14.11 -23.66
CA SER C 196 -35.27 -12.76 -24.17
C SER C 196 -34.45 -11.92 -23.20
N GLY C 197 -33.66 -10.99 -23.76
CA GLY C 197 -32.94 -10.01 -22.97
C GLY C 197 -31.44 -10.09 -23.22
N ILE C 198 -30.65 -9.65 -22.24
CA ILE C 198 -29.29 -9.27 -22.50
C ILE C 198 -28.38 -9.92 -21.48
N ARG C 199 -27.25 -10.43 -21.97
CA ARG C 199 -26.13 -10.82 -21.13
C ARG C 199 -24.93 -10.01 -21.58
N LEU C 200 -23.98 -9.80 -20.68
CA LEU C 200 -22.87 -8.90 -20.94
C LEU C 200 -21.57 -9.68 -20.90
N LEU C 201 -20.54 -9.14 -21.56
CA LEU C 201 -19.18 -9.60 -21.37
C LEU C 201 -19.06 -11.07 -21.79
N ALA C 202 -19.41 -11.34 -23.06
CA ALA C 202 -19.03 -12.59 -23.70
C ALA C 202 -17.68 -12.42 -24.36
N THR C 203 -16.64 -12.91 -23.70
CA THR C 203 -15.29 -12.84 -24.24
C THR C 203 -15.19 -13.91 -25.32
N GLN C 204 -14.72 -13.52 -26.51
CA GLN C 204 -14.72 -14.36 -27.69
C GLN C 204 -16.15 -14.66 -28.14
N GLY C 205 -17.08 -13.78 -27.82
CA GLY C 205 -18.42 -13.88 -28.38
C GLY C 205 -18.40 -13.85 -29.91
N GLY C 206 -18.90 -14.90 -30.55
CA GLY C 206 -18.96 -14.90 -31.99
C GLY C 206 -17.65 -15.33 -32.66
N ILE C 207 -16.72 -15.91 -31.92
CA ILE C 207 -15.68 -16.68 -32.60
C ILE C 207 -15.51 -18.04 -31.93
N THR C 208 -16.59 -18.49 -31.25
CA THR C 208 -16.70 -19.83 -30.68
C THR C 208 -17.86 -20.53 -31.39
N ASP C 209 -17.86 -21.86 -31.34
CA ASP C 209 -18.96 -22.64 -31.89
C ASP C 209 -20.20 -22.39 -31.03
N GLU C 210 -20.08 -22.53 -29.70
CA GLU C 210 -21.26 -22.47 -28.85
C GLU C 210 -20.97 -21.61 -27.63
N ILE C 211 -22.07 -21.16 -26.98
CA ILE C 211 -21.99 -20.32 -25.80
C ILE C 211 -22.78 -20.93 -24.65
N LEU C 212 -22.13 -21.05 -23.48
CA LEU C 212 -22.82 -21.36 -22.23
C LEU C 212 -23.43 -20.10 -21.63
N VAL C 213 -24.71 -20.17 -21.27
CA VAL C 213 -25.33 -19.15 -20.45
C VAL C 213 -25.48 -19.71 -19.04
N PHE C 214 -24.70 -19.19 -18.09
CA PHE C 214 -24.69 -19.70 -16.73
C PHE C 214 -24.78 -18.57 -15.70
N PRO C 215 -25.09 -18.88 -14.42
CA PRO C 215 -25.19 -17.84 -13.38
C PRO C 215 -23.82 -17.28 -13.03
N SER C 216 -23.79 -16.22 -12.22
CA SER C 216 -22.50 -15.75 -11.73
C SER C 216 -21.86 -16.77 -10.79
N THR C 217 -20.53 -16.61 -10.66
CA THR C 217 -19.69 -17.39 -9.74
C THR C 217 -19.88 -16.90 -8.30
N VAL C 218 -20.24 -15.62 -8.13
CA VAL C 218 -20.16 -14.89 -6.86
C VAL C 218 -21.51 -14.31 -6.46
N LYS C 219 -22.10 -13.53 -7.39
CA LYS C 219 -23.31 -12.77 -7.10
C LYS C 219 -24.47 -13.75 -6.93
N LYS C 220 -25.15 -13.66 -5.77
CA LYS C 220 -26.20 -14.58 -5.39
C LYS C 220 -27.55 -13.96 -5.76
N SER C 221 -28.52 -14.81 -6.12
CA SER C 221 -29.81 -14.32 -6.58
C SER C 221 -30.91 -14.82 -5.63
N THR C 222 -31.98 -14.02 -5.53
CA THR C 222 -33.08 -14.21 -4.60
C THR C 222 -34.26 -14.85 -5.32
N ALA C 223 -35.37 -15.08 -4.59
CA ALA C 223 -36.58 -15.70 -5.15
C ALA C 223 -37.16 -14.89 -6.31
N GLY C 224 -37.18 -13.55 -6.15
CA GLY C 224 -37.77 -12.65 -7.13
C GLY C 224 -36.99 -12.63 -8.45
N GLU C 225 -35.81 -13.25 -8.47
CA GLU C 225 -34.97 -13.33 -9.65
C GLU C 225 -35.00 -14.75 -10.24
N ASP C 226 -36.02 -15.55 -9.96
CA ASP C 226 -36.16 -16.87 -10.59
C ASP C 226 -36.25 -16.74 -12.11
N PRO C 227 -37.09 -15.83 -12.68
CA PRO C 227 -37.15 -15.65 -14.14
C PRO C 227 -35.80 -15.40 -14.82
N TYR C 228 -34.77 -15.00 -14.06
CA TYR C 228 -33.46 -14.72 -14.61
C TYR C 228 -32.51 -15.92 -14.45
N ALA C 229 -32.93 -16.96 -13.72
CA ALA C 229 -32.03 -18.01 -13.27
C ALA C 229 -31.95 -19.16 -14.30
N LEU C 230 -31.09 -18.95 -15.31
CA LEU C 230 -31.01 -19.81 -16.48
C LEU C 230 -29.61 -20.41 -16.59
N ALA C 231 -29.58 -21.68 -17.02
CA ALA C 231 -28.36 -22.33 -17.46
C ALA C 231 -28.68 -23.17 -18.71
N PHE C 232 -28.10 -22.80 -19.85
CA PHE C 232 -28.26 -23.56 -21.08
C PHE C 232 -27.07 -23.29 -22.00
N ALA C 233 -26.99 -24.07 -23.07
CA ALA C 233 -25.92 -23.96 -24.04
C ALA C 233 -26.50 -24.10 -25.45
N ILE C 234 -26.12 -23.17 -26.34
CA ILE C 234 -26.67 -23.11 -27.68
C ILE C 234 -25.57 -22.73 -28.66
N PRO C 235 -25.72 -23.01 -29.97
CA PRO C 235 -24.83 -22.45 -30.98
C PRO C 235 -24.84 -20.93 -30.97
N ASN C 236 -23.69 -20.34 -31.30
CA ASN C 236 -23.56 -18.90 -31.44
C ASN C 236 -24.48 -18.35 -32.52
N ASN C 237 -24.78 -19.14 -33.55
CA ASN C 237 -25.61 -18.70 -34.67
C ASN C 237 -27.09 -19.04 -34.47
N THR C 238 -27.51 -19.35 -33.24
CA THR C 238 -28.91 -19.62 -32.98
C THR C 238 -29.76 -18.45 -33.48
N PRO C 239 -30.89 -18.68 -34.18
CA PRO C 239 -31.73 -17.58 -34.60
C PRO C 239 -32.22 -16.73 -33.43
N GLY C 240 -32.09 -15.40 -33.60
CA GLY C 240 -32.45 -14.41 -32.58
C GLY C 240 -31.28 -14.01 -31.68
N VAL C 241 -30.10 -14.65 -31.85
CA VAL C 241 -28.92 -14.30 -31.08
C VAL C 241 -28.06 -13.34 -31.88
N LYS C 242 -27.72 -12.18 -31.28
CA LYS C 242 -26.75 -11.26 -31.82
C LYS C 242 -25.62 -10.96 -30.83
N PHE C 243 -24.42 -10.88 -31.40
CA PHE C 243 -23.20 -10.43 -30.73
C PHE C 243 -22.88 -9.00 -31.16
N ILE C 244 -23.00 -8.07 -30.20
CA ILE C 244 -22.65 -6.67 -30.40
C ILE C 244 -21.35 -6.39 -29.66
N CYS C 245 -20.25 -6.31 -30.42
CA CYS C 245 -18.89 -6.30 -29.91
C CYS C 245 -18.46 -4.88 -29.56
N ARG C 246 -17.69 -4.74 -28.47
CA ARG C 246 -17.03 -3.47 -28.17
C ARG C 246 -15.99 -3.17 -29.25
N GLU C 247 -15.58 -1.90 -29.31
CA GLU C 247 -14.50 -1.47 -30.15
C GLU C 247 -13.30 -2.41 -29.99
N ALA C 248 -12.74 -2.80 -31.14
CA ALA C 248 -11.53 -3.60 -31.24
C ALA C 248 -10.33 -2.83 -30.69
N PHE C 249 -9.42 -3.54 -30.01
CA PHE C 249 -8.15 -2.97 -29.56
C PHE C 249 -6.99 -3.49 -30.41
N ASP C 250 -7.33 -4.21 -31.49
CA ASP C 250 -6.44 -4.50 -32.61
C ASP C 250 -6.68 -3.41 -33.63
N TYR C 251 -5.70 -2.50 -33.79
CA TYR C 251 -5.84 -1.35 -34.68
C TYR C 251 -5.27 -1.69 -36.07
N GLY C 252 -5.03 -3.00 -36.35
CA GLY C 252 -4.56 -3.49 -37.64
C GLY C 252 -3.07 -3.20 -37.86
N ARG C 253 -2.27 -3.26 -36.78
CA ARG C 253 -0.83 -3.03 -36.89
C ARG C 253 -0.10 -4.38 -36.93
N SER C 254 1.19 -4.32 -37.26
CA SER C 254 2.00 -5.51 -37.39
C SER C 254 2.31 -6.06 -36.02
N SER C 255 2.85 -7.26 -35.98
CA SER C 255 3.09 -7.92 -34.72
C SER C 255 4.48 -7.55 -34.16
N TRP C 256 5.24 -6.73 -34.89
CA TRP C 256 6.40 -6.03 -34.33
C TRP C 256 5.92 -4.79 -33.57
N ASP C 257 4.95 -4.08 -34.14
CA ASP C 257 4.42 -2.87 -33.54
C ASP C 257 3.58 -3.20 -32.31
N HIS C 258 2.59 -4.08 -32.50
CA HIS C 258 1.63 -4.46 -31.47
C HIS C 258 1.70 -5.98 -31.24
N PRO C 259 2.73 -6.46 -30.51
CA PRO C 259 3.06 -7.88 -30.48
C PRO C 259 2.03 -8.76 -29.77
N LEU C 260 1.15 -8.15 -28.97
CA LEU C 260 0.11 -8.88 -28.28
C LEU C 260 -1.26 -8.53 -28.85
N ALA C 261 -1.52 -7.26 -29.10
CA ALA C 261 -2.84 -6.82 -29.54
C ALA C 261 -3.14 -7.34 -30.95
N SER C 262 -2.10 -7.59 -31.73
CA SER C 262 -2.31 -8.08 -33.08
C SER C 262 -2.27 -9.60 -33.10
N ARG C 263 -2.33 -10.27 -31.94
CA ARG C 263 -2.45 -11.72 -31.93
C ARG C 263 -3.55 -12.24 -31.01
N PHE C 264 -3.82 -11.61 -29.87
CA PHE C 264 -4.62 -12.21 -28.82
C PHE C 264 -5.80 -11.33 -28.38
N GLU C 265 -6.26 -10.39 -29.20
CA GLU C 265 -7.41 -9.56 -28.87
C GLU C 265 -8.71 -10.36 -29.07
N GLU C 266 -9.21 -10.94 -27.97
CA GLU C 266 -10.34 -11.88 -27.97
C GLU C 266 -11.70 -11.21 -28.20
N GLY C 267 -11.85 -9.92 -27.92
CA GLY C 267 -13.15 -9.26 -27.98
C GLY C 267 -14.02 -9.56 -26.76
N ASP C 268 -14.87 -8.59 -26.39
CA ASP C 268 -15.91 -8.79 -25.39
C ASP C 268 -17.20 -8.29 -26.02
N ALA C 269 -18.26 -9.09 -25.94
CA ALA C 269 -19.50 -8.80 -26.65
C ALA C 269 -20.71 -8.76 -25.70
N ILE C 270 -21.58 -7.79 -25.93
CA ILE C 270 -22.98 -7.84 -25.49
C ILE C 270 -23.68 -8.96 -26.26
N VAL C 271 -24.45 -9.80 -25.55
CA VAL C 271 -25.22 -10.86 -26.19
C VAL C 271 -26.71 -10.53 -26.07
N SER C 272 -27.38 -10.46 -27.22
CA SER C 272 -28.80 -10.14 -27.28
C SER C 272 -29.54 -11.40 -27.68
N PHE C 273 -30.69 -11.64 -27.06
CA PHE C 273 -31.57 -12.75 -27.33
C PHE C 273 -32.97 -12.19 -27.56
N GLU C 274 -33.46 -12.23 -28.82
CA GLU C 274 -34.82 -11.80 -29.16
C GLU C 274 -35.66 -13.06 -29.38
N ASN C 275 -36.47 -13.42 -28.38
CA ASN C 275 -37.38 -14.55 -28.49
C ASN C 275 -36.63 -15.77 -29.02
N VAL C 276 -35.55 -16.13 -28.33
CA VAL C 276 -34.71 -17.23 -28.75
C VAL C 276 -35.24 -18.57 -28.26
N PHE C 277 -35.29 -19.53 -29.17
CA PHE C 277 -35.78 -20.87 -28.86
C PHE C 277 -34.60 -21.72 -28.41
N VAL C 278 -34.73 -22.32 -27.22
CA VAL C 278 -33.73 -23.26 -26.71
C VAL C 278 -34.40 -24.61 -26.53
N PRO C 279 -33.97 -25.68 -27.25
CA PRO C 279 -34.56 -27.00 -27.08
C PRO C 279 -34.30 -27.60 -25.70
N TRP C 280 -35.25 -28.36 -25.17
CA TRP C 280 -35.14 -28.90 -23.80
C TRP C 280 -33.81 -29.61 -23.57
N GLU C 281 -33.25 -30.22 -24.62
CA GLU C 281 -32.08 -31.09 -24.45
C GLU C 281 -30.85 -30.24 -24.16
N ARG C 282 -30.92 -28.91 -24.30
CA ARG C 282 -29.79 -28.05 -24.05
C ARG C 282 -30.01 -27.16 -22.82
N VAL C 283 -31.06 -27.43 -22.03
CA VAL C 283 -31.32 -26.72 -20.79
C VAL C 283 -30.82 -27.50 -19.59
N PHE C 284 -30.17 -26.78 -18.64
CA PHE C 284 -29.64 -27.36 -17.41
C PHE C 284 -30.37 -26.79 -16.20
N VAL C 285 -30.72 -25.50 -16.25
CA VAL C 285 -31.47 -24.90 -15.16
C VAL C 285 -32.48 -23.96 -15.79
N CYS C 286 -33.73 -24.10 -15.37
CA CYS C 286 -34.83 -23.35 -15.95
C CYS C 286 -35.62 -22.69 -14.83
N GLY C 287 -35.29 -21.40 -14.57
CA GLY C 287 -36.06 -20.52 -13.71
C GLY C 287 -36.00 -20.94 -12.23
N ASN C 288 -34.78 -21.08 -11.67
CA ASN C 288 -34.60 -21.59 -10.32
C ASN C 288 -33.35 -20.99 -9.67
N SER C 289 -33.52 -20.03 -8.76
CA SER C 289 -32.40 -19.30 -8.17
C SER C 289 -31.53 -20.20 -7.30
N SER C 290 -32.21 -21.08 -6.56
CA SER C 290 -31.60 -21.90 -5.54
C SER C 290 -30.63 -22.87 -6.18
N ILE C 291 -31.03 -23.50 -7.29
CA ILE C 291 -30.11 -24.36 -8.02
C ILE C 291 -28.97 -23.52 -8.61
N CYS C 292 -29.32 -22.41 -9.29
CA CYS C 292 -28.31 -21.54 -9.89
C CYS C 292 -27.27 -21.10 -8.87
N ASN C 293 -27.71 -20.81 -7.63
CA ASN C 293 -26.80 -20.29 -6.62
C ASN C 293 -25.77 -21.33 -6.22
N ARG C 294 -26.07 -22.61 -6.50
CA ARG C 294 -25.27 -23.73 -6.04
C ARG C 294 -24.49 -24.38 -7.17
N THR C 295 -24.79 -23.97 -8.41
CA THR C 295 -24.30 -24.63 -9.62
C THR C 295 -22.78 -24.70 -9.63
N PHE C 296 -22.09 -23.59 -9.35
CA PHE C 296 -20.64 -23.58 -9.46
C PHE C 296 -19.95 -24.42 -8.39
N ARG C 297 -20.59 -24.59 -7.22
CA ARG C 297 -19.94 -25.28 -6.12
C ARG C 297 -20.25 -26.78 -6.12
N GLU C 298 -21.53 -27.15 -6.28
CA GLU C 298 -21.96 -28.53 -6.09
C GLU C 298 -21.62 -29.39 -7.30
N THR C 299 -21.24 -28.78 -8.43
CA THR C 299 -20.70 -29.51 -9.57
C THR C 299 -19.17 -29.64 -9.51
N ASN C 300 -18.55 -28.88 -8.60
CA ASN C 300 -17.09 -28.79 -8.52
C ASN C 300 -16.51 -28.04 -9.72
N ALA C 301 -17.33 -27.31 -10.47
CA ALA C 301 -16.84 -26.64 -11.68
C ALA C 301 -15.92 -25.46 -11.34
N VAL C 302 -16.19 -24.74 -10.24
CA VAL C 302 -15.29 -23.68 -9.79
C VAL C 302 -13.90 -24.26 -9.50
N ILE C 303 -13.82 -25.52 -9.06
CA ILE C 303 -12.52 -26.06 -8.68
C ILE C 303 -11.73 -26.31 -9.96
N HIS C 304 -12.35 -27.01 -10.92
CA HIS C 304 -11.63 -27.40 -12.12
C HIS C 304 -11.31 -26.17 -12.94
N MET C 305 -12.20 -25.18 -12.94
CA MET C 305 -11.92 -23.93 -13.64
C MET C 305 -10.76 -23.19 -12.98
N SER C 306 -10.69 -23.20 -11.64
CA SER C 306 -9.60 -22.57 -10.90
C SER C 306 -8.27 -23.26 -11.18
N HIS C 307 -8.29 -24.58 -11.38
CA HIS C 307 -7.08 -25.31 -11.73
C HIS C 307 -6.47 -24.75 -13.01
N GLN C 308 -7.33 -24.54 -14.01
CA GLN C 308 -6.93 -24.08 -15.33
C GLN C 308 -6.37 -22.68 -15.22
N VAL C 309 -7.05 -21.83 -14.45
CA VAL C 309 -6.69 -20.42 -14.38
C VAL C 309 -5.33 -20.26 -13.68
N VAL C 310 -5.12 -20.96 -12.55
CA VAL C 310 -3.87 -20.87 -11.82
C VAL C 310 -2.73 -21.39 -12.68
N ALA C 311 -2.90 -22.52 -13.36
CA ALA C 311 -1.88 -22.97 -14.31
C ALA C 311 -1.58 -21.88 -15.35
N LYS C 312 -2.61 -21.21 -15.89
CA LYS C 312 -2.42 -20.18 -16.90
C LYS C 312 -1.76 -18.94 -16.30
N ASN C 313 -2.17 -18.56 -15.09
CA ASN C 313 -1.60 -17.44 -14.37
C ASN C 313 -0.10 -17.62 -14.17
N ILE C 314 0.36 -18.86 -13.98
CA ILE C 314 1.77 -19.13 -13.75
C ILE C 314 2.56 -18.84 -15.04
N VAL C 315 1.99 -19.25 -16.17
CA VAL C 315 2.64 -19.02 -17.45
C VAL C 315 2.70 -17.52 -17.66
N LYS C 316 1.60 -16.85 -17.32
CA LYS C 316 1.51 -15.42 -17.49
C LYS C 316 2.57 -14.69 -16.64
N THR C 317 2.81 -15.19 -15.42
CA THR C 317 3.71 -14.50 -14.50
C THR C 317 5.15 -14.72 -14.96
N GLU C 318 5.44 -15.90 -15.51
CA GLU C 318 6.74 -16.17 -16.09
C GLU C 318 7.00 -15.23 -17.24
N PHE C 319 5.96 -14.90 -18.00
CA PHE C 319 6.08 -13.99 -19.11
C PHE C 319 6.39 -12.59 -18.60
N LEU C 320 5.62 -12.10 -17.61
CA LEU C 320 5.88 -10.79 -17.02
C LEU C 320 7.28 -10.73 -16.41
N LEU C 321 7.68 -11.82 -15.77
CA LEU C 321 9.00 -11.88 -15.15
C LEU C 321 10.02 -11.68 -16.26
N GLY C 322 9.91 -12.47 -17.34
CA GLY C 322 10.83 -12.40 -18.46
C GLY C 322 10.98 -10.97 -19.00
N VAL C 323 9.84 -10.30 -19.18
CA VAL C 323 9.82 -8.97 -19.77
C VAL C 323 10.59 -8.02 -18.85
N THR C 324 10.29 -8.11 -17.54
CA THR C 324 10.91 -7.29 -16.52
C THR C 324 12.42 -7.48 -16.53
N LEU C 325 12.87 -8.74 -16.50
CA LEU C 325 14.29 -9.00 -16.51
C LEU C 325 14.94 -8.47 -17.79
N CYS C 326 14.31 -8.69 -18.94
CA CYS C 326 14.87 -8.22 -20.20
C CYS C 326 15.04 -6.71 -20.17
N LEU C 327 14.01 -5.98 -19.72
CA LEU C 327 14.10 -4.53 -19.59
C LEU C 327 15.28 -4.13 -18.70
N ILE C 328 15.46 -4.86 -17.59
CA ILE C 328 16.49 -4.55 -16.62
C ILE C 328 17.85 -4.67 -17.27
N GLU C 329 18.08 -5.76 -18.01
CA GLU C 329 19.33 -5.98 -18.70
C GLU C 329 19.56 -4.92 -19.79
N ALA C 330 18.49 -4.54 -20.52
CA ALA C 330 18.63 -3.73 -21.72
C ALA C 330 19.03 -2.31 -21.38
N ILE C 331 18.54 -1.84 -20.24
CA ILE C 331 18.68 -0.47 -19.77
C ILE C 331 19.87 -0.34 -18.83
N GLY C 332 20.26 -1.44 -18.17
CA GLY C 332 21.47 -1.49 -17.36
C GLY C 332 21.22 -0.99 -15.94
N ILE C 333 20.08 -1.39 -15.36
CA ILE C 333 19.64 -0.88 -14.08
C ILE C 333 19.71 -1.95 -12.99
N GLY C 334 20.19 -3.17 -13.32
CA GLY C 334 20.04 -4.34 -12.46
C GLY C 334 20.91 -4.33 -11.19
N GLU C 335 21.69 -3.29 -10.94
CA GLU C 335 22.45 -3.21 -9.71
C GLU C 335 21.77 -2.26 -8.70
N PHE C 336 20.78 -1.44 -9.07
CA PHE C 336 20.08 -0.60 -8.10
C PHE C 336 19.16 -1.43 -7.21
N GLN C 337 19.13 -1.14 -5.89
CA GLN C 337 18.42 -2.02 -4.96
C GLN C 337 16.90 -1.95 -5.17
N HIS C 338 16.34 -0.80 -5.49
CA HIS C 338 14.90 -0.71 -5.69
C HIS C 338 14.47 -1.53 -6.91
N VAL C 339 15.33 -1.62 -7.93
CA VAL C 339 15.05 -2.38 -9.13
C VAL C 339 15.09 -3.85 -8.77
N LYS C 340 16.07 -4.26 -7.98
CA LYS C 340 16.18 -5.66 -7.65
C LYS C 340 14.95 -6.08 -6.85
N ASP C 341 14.49 -5.21 -5.95
CA ASP C 341 13.36 -5.56 -5.09
C ASP C 341 12.10 -5.69 -5.91
N LYS C 342 11.92 -4.81 -6.91
CA LYS C 342 10.80 -4.93 -7.83
C LYS C 342 10.84 -6.26 -8.59
N GLY C 343 12.03 -6.66 -9.04
CA GLY C 343 12.21 -7.98 -9.62
C GLY C 343 11.80 -9.09 -8.65
N ALA C 344 12.22 -8.96 -7.39
CA ALA C 344 11.90 -9.91 -6.33
C ALA C 344 10.39 -10.02 -6.08
N GLU C 345 9.64 -8.94 -6.27
CA GLU C 345 8.21 -8.97 -5.99
C GLU C 345 7.56 -9.98 -6.93
N ILE C 346 7.92 -9.87 -8.20
CA ILE C 346 7.36 -10.70 -9.25
C ILE C 346 7.75 -12.16 -9.05
N MET C 347 8.98 -12.42 -8.60
CA MET C 347 9.44 -13.79 -8.38
C MET C 347 8.67 -14.45 -7.23
N LEU C 348 8.31 -13.66 -6.22
CA LEU C 348 7.62 -14.18 -5.03
C LEU C 348 6.21 -14.60 -5.45
N VAL C 349 5.59 -13.77 -6.29
CA VAL C 349 4.30 -14.09 -6.92
C VAL C 349 4.40 -15.42 -7.66
N LEU C 350 5.39 -15.54 -8.54
CA LEU C 350 5.55 -16.77 -9.28
C LEU C 350 5.68 -17.99 -8.35
N GLU C 351 6.51 -17.91 -7.31
CA GLU C 351 6.69 -19.07 -6.45
C GLU C 351 5.43 -19.33 -5.63
N THR C 352 4.74 -18.27 -5.22
CA THR C 352 3.47 -18.39 -4.51
C THR C 352 2.50 -19.22 -5.32
N MET C 353 2.30 -18.86 -6.59
CA MET C 353 1.34 -19.54 -7.44
C MET C 353 1.80 -20.97 -7.78
N LYS C 354 3.10 -21.18 -8.02
CA LYS C 354 3.59 -22.53 -8.23
C LYS C 354 3.36 -23.40 -6.99
N SER C 355 3.56 -22.85 -5.79
CA SER C 355 3.29 -23.63 -4.59
C SER C 355 1.81 -24.01 -4.47
N HIS C 356 0.88 -23.08 -4.73
CA HIS C 356 -0.53 -23.40 -4.65
C HIS C 356 -0.87 -24.50 -5.65
N LEU C 357 -0.33 -24.38 -6.86
CA LEU C 357 -0.59 -25.40 -7.87
C LEU C 357 -0.04 -26.75 -7.45
N TYR C 358 1.14 -26.78 -6.83
CA TYR C 358 1.72 -28.05 -6.38
C TYR C 358 0.77 -28.72 -5.38
N ARG C 359 0.32 -27.94 -4.38
CA ARG C 359 -0.56 -28.46 -3.35
C ARG C 359 -1.90 -28.90 -3.96
N ALA C 360 -2.44 -28.09 -4.88
CA ALA C 360 -3.70 -28.39 -5.52
C ALA C 360 -3.65 -29.77 -6.16
N GLU C 361 -2.58 -30.07 -6.91
CA GLU C 361 -2.50 -31.29 -7.67
C GLU C 361 -2.19 -32.49 -6.76
N HIS C 362 -1.12 -32.37 -5.94
CA HIS C 362 -0.61 -33.51 -5.21
C HIS C 362 -1.45 -33.84 -3.98
N ASN C 363 -2.26 -32.89 -3.48
CA ASN C 363 -3.13 -33.14 -2.35
C ASN C 363 -4.57 -33.36 -2.80
N ALA C 364 -4.76 -33.64 -4.11
CA ALA C 364 -6.08 -33.84 -4.66
C ALA C 364 -6.67 -35.15 -4.13
N LYS C 365 -8.02 -35.21 -4.07
CA LYS C 365 -8.75 -36.37 -3.61
C LYS C 365 -9.85 -36.71 -4.61
N ARG C 366 -10.30 -37.98 -4.62
CA ARG C 366 -11.44 -38.42 -5.42
C ARG C 366 -12.74 -37.93 -4.80
N ASP C 367 -13.68 -37.48 -5.64
CA ASP C 367 -15.00 -37.06 -5.19
C ASP C 367 -15.98 -38.21 -5.41
N ARG C 368 -17.25 -38.01 -5.05
CA ARG C 368 -18.19 -39.11 -5.08
C ARG C 368 -18.35 -39.67 -6.50
N TRP C 369 -18.08 -38.86 -7.53
CA TRP C 369 -18.34 -39.24 -8.92
C TRP C 369 -17.12 -39.91 -9.56
N GLY C 370 -16.02 -40.11 -8.80
CA GLY C 370 -14.79 -40.68 -9.32
C GLY C 370 -13.72 -39.67 -9.76
N THR C 371 -14.00 -38.35 -9.71
CA THR C 371 -13.11 -37.35 -10.26
C THR C 371 -12.00 -37.04 -9.26
N MET C 372 -10.74 -37.20 -9.67
CA MET C 372 -9.62 -36.68 -8.89
C MET C 372 -9.73 -35.15 -8.87
N THR C 373 -10.00 -34.62 -7.67
CA THR C 373 -10.38 -33.22 -7.50
C THR C 373 -9.23 -32.45 -6.83
N PRO C 374 -8.74 -31.34 -7.42
CA PRO C 374 -7.71 -30.53 -6.80
C PRO C 374 -8.09 -29.97 -5.44
N ASP C 375 -7.08 -29.78 -4.58
CA ASP C 375 -7.26 -29.17 -3.27
C ASP C 375 -7.67 -27.71 -3.42
N PHE C 376 -8.94 -27.44 -3.16
CA PHE C 376 -9.51 -26.13 -3.43
C PHE C 376 -9.08 -25.14 -2.37
N ALA C 377 -8.68 -25.61 -1.20
CA ALA C 377 -8.13 -24.70 -0.22
C ALA C 377 -6.99 -23.91 -0.86
N ALA C 378 -6.19 -24.58 -1.71
CA ALA C 378 -5.05 -23.93 -2.35
C ALA C 378 -5.48 -23.04 -3.53
N LEU C 379 -6.31 -23.57 -4.43
CA LEU C 379 -6.74 -22.85 -5.63
C LEU C 379 -7.66 -21.69 -5.25
N ASP C 380 -8.46 -21.84 -4.19
CA ASP C 380 -9.38 -20.79 -3.82
C ASP C 380 -8.57 -19.59 -3.34
N ALA C 381 -7.54 -19.85 -2.52
CA ALA C 381 -6.65 -18.80 -2.07
C ALA C 381 -5.96 -18.14 -3.26
N ALA C 382 -5.49 -18.94 -4.20
CA ALA C 382 -4.73 -18.44 -5.33
C ALA C 382 -5.58 -17.50 -6.17
N ARG C 383 -6.77 -17.97 -6.53
CA ARG C 383 -7.62 -17.25 -7.45
C ARG C 383 -8.20 -15.99 -6.81
N ASN C 384 -8.17 -15.90 -5.48
CA ASN C 384 -8.61 -14.70 -4.80
C ASN C 384 -7.46 -13.70 -4.70
N TRP C 385 -6.23 -14.22 -4.68
CA TRP C 385 -5.07 -13.43 -4.34
C TRP C 385 -4.46 -12.78 -5.58
N TYR C 386 -4.29 -13.59 -6.62
CA TYR C 386 -3.58 -13.19 -7.82
C TYR C 386 -4.26 -11.97 -8.49
N PRO C 387 -5.60 -11.93 -8.64
CA PRO C 387 -6.25 -10.72 -9.15
C PRO C 387 -5.88 -9.47 -8.36
N ARG C 388 -5.80 -9.60 -7.05
CA ARG C 388 -5.49 -8.46 -6.21
C ARG C 388 -4.08 -7.92 -6.47
N ILE C 389 -3.13 -8.78 -6.82
CA ILE C 389 -1.74 -8.41 -6.83
C ILE C 389 -1.25 -8.14 -8.27
N TYR C 390 -2.09 -8.46 -9.26
CA TYR C 390 -1.70 -8.34 -10.66
C TYR C 390 -1.47 -6.87 -11.03
N PRO C 391 -2.32 -5.90 -10.64
CA PRO C 391 -2.05 -4.50 -10.96
C PRO C 391 -0.63 -4.04 -10.61
N ARG C 392 -0.08 -4.58 -9.52
CA ARG C 392 1.26 -4.22 -9.08
C ARG C 392 2.31 -4.75 -10.05
N LEU C 393 2.13 -5.97 -10.57
CA LEU C 393 3.07 -6.53 -11.55
C LEU C 393 3.12 -5.64 -12.79
N SER C 394 1.97 -5.15 -13.20
CA SER C 394 1.85 -4.25 -14.33
C SER C 394 2.54 -2.93 -14.04
N GLU C 395 2.34 -2.43 -12.81
CA GLU C 395 2.88 -1.15 -12.39
C GLU C 395 4.42 -1.22 -12.39
N ILE C 396 4.98 -2.38 -12.04
CA ILE C 396 6.42 -2.57 -11.96
C ILE C 396 7.04 -2.43 -13.34
N ILE C 397 6.43 -3.07 -14.36
CA ILE C 397 6.94 -2.98 -15.71
C ILE C 397 6.90 -1.51 -16.18
N ARG C 398 5.82 -0.82 -15.86
CA ARG C 398 5.63 0.55 -16.31
C ARG C 398 6.73 1.44 -15.73
N ILE C 399 6.97 1.33 -14.41
CA ILE C 399 7.95 2.11 -13.67
C ILE C 399 9.38 1.83 -14.16
N LEU C 400 9.76 0.57 -14.32
CA LEU C 400 11.10 0.23 -14.75
C LEU C 400 11.39 0.78 -16.15
N GLY C 401 10.41 0.65 -17.06
CA GLY C 401 10.56 1.06 -18.43
C GLY C 401 10.76 2.57 -18.53
N ALA C 402 10.01 3.30 -17.71
CA ALA C 402 10.21 4.73 -17.54
C ALA C 402 10.05 5.43 -18.89
N SER C 403 10.90 6.43 -19.19
CA SER C 403 10.75 7.26 -20.38
C SER C 403 10.82 6.42 -21.65
N GLY C 404 11.55 5.31 -21.61
CA GLY C 404 11.76 4.46 -22.78
C GLY C 404 10.48 3.87 -23.36
N LEU C 405 9.42 3.76 -22.55
CA LEU C 405 8.13 3.24 -23.01
C LEU C 405 7.45 4.22 -23.96
N MET C 406 7.80 5.51 -23.90
CA MET C 406 7.20 6.49 -24.78
C MET C 406 8.04 6.66 -26.06
N ALA C 407 9.30 6.19 -26.06
CA ALA C 407 10.13 6.26 -27.26
C ALA C 407 9.88 5.01 -28.11
N ILE C 408 8.71 4.96 -28.74
CA ILE C 408 8.29 3.78 -29.50
C ILE C 408 7.94 4.21 -30.93
N PRO C 409 8.97 4.49 -31.76
CA PRO C 409 8.75 4.64 -33.19
C PRO C 409 8.31 3.32 -33.82
N THR C 410 7.72 3.39 -35.00
CA THR C 410 7.19 2.19 -35.65
C THR C 410 8.29 1.47 -36.42
N GLU C 411 8.03 0.18 -36.71
CA GLU C 411 8.83 -0.63 -37.62
C GLU C 411 9.14 0.17 -38.88
N ALA C 412 8.13 0.82 -39.44
CA ALA C 412 8.30 1.55 -40.69
C ALA C 412 9.28 2.72 -40.52
N ASP C 413 9.43 3.26 -39.31
CA ASP C 413 10.39 4.32 -39.09
C ASP C 413 11.80 3.80 -39.31
N PHE C 414 12.07 2.55 -38.90
CA PHE C 414 13.37 1.94 -39.09
C PHE C 414 13.65 1.69 -40.57
N HIS C 415 12.60 1.39 -41.34
CA HIS C 415 12.73 1.08 -42.76
C HIS C 415 12.88 2.34 -43.61
N ASN C 416 12.69 3.54 -43.02
CA ASN C 416 12.63 4.78 -43.78
C ASN C 416 14.05 5.19 -44.10
N GLU C 417 14.26 5.64 -45.35
CA GLU C 417 15.60 5.89 -45.88
C GLU C 417 16.20 7.13 -45.21
N GLU C 418 15.39 8.17 -44.93
CA GLU C 418 15.89 9.40 -44.34
C GLU C 418 16.32 9.16 -42.88
N ILE C 419 15.57 8.33 -42.12
CA ILE C 419 15.71 8.33 -40.66
C ILE C 419 16.08 6.98 -40.10
N GLY C 420 16.07 5.91 -40.91
CA GLY C 420 16.33 4.56 -40.41
C GLY C 420 17.56 4.51 -39.48
N GLU C 421 18.68 5.07 -39.94
CA GLU C 421 19.96 4.96 -39.26
C GLU C 421 19.97 5.81 -37.99
N ILE C 422 19.41 7.02 -38.09
CA ILE C 422 19.28 7.90 -36.95
C ILE C 422 18.56 7.17 -35.83
N VAL C 423 17.43 6.54 -36.12
CA VAL C 423 16.61 5.93 -35.09
C VAL C 423 17.37 4.77 -34.43
N SER C 424 18.07 3.97 -35.23
CA SER C 424 18.81 2.82 -34.73
C SER C 424 19.85 3.27 -33.71
N ARG C 425 20.62 4.29 -34.07
CA ARG C 425 21.74 4.74 -33.25
C ARG C 425 21.13 5.29 -31.96
N ALA C 426 20.05 6.07 -32.12
CA ALA C 426 19.39 6.76 -31.03
C ALA C 426 18.84 5.80 -29.97
N MET C 427 18.16 4.72 -30.37
CA MET C 427 17.36 3.90 -29.47
C MET C 427 18.19 2.76 -28.88
N GLN C 428 19.50 2.79 -29.14
CA GLN C 428 20.46 1.88 -28.55
C GLN C 428 20.26 1.77 -27.04
N GLY C 429 20.57 0.58 -26.50
CA GLY C 429 20.63 0.38 -25.06
C GLY C 429 22.04 0.01 -24.58
N ALA C 430 22.06 -0.50 -23.35
CA ALA C 430 23.26 -1.04 -22.75
C ALA C 430 23.77 -2.21 -23.59
N THR C 431 22.91 -3.24 -23.76
CA THR C 431 23.30 -4.55 -24.24
C THR C 431 22.51 -4.92 -25.50
N VAL C 432 21.94 -3.95 -26.22
CA VAL C 432 21.04 -4.25 -27.33
C VAL C 432 21.09 -3.12 -28.37
N ASP C 433 20.89 -3.48 -29.65
CA ASP C 433 20.76 -2.52 -30.75
C ASP C 433 19.43 -1.75 -30.61
N GLY C 434 19.32 -0.68 -31.39
CA GLY C 434 18.14 0.17 -31.40
C GLY C 434 16.87 -0.58 -31.78
N TYR C 435 16.95 -1.36 -32.86
CA TYR C 435 15.81 -2.11 -33.37
C TYR C 435 15.35 -3.10 -32.29
N GLU C 436 16.26 -3.89 -31.72
CA GLU C 436 15.85 -4.91 -30.77
C GLU C 436 15.29 -4.22 -29.52
N ARG C 437 15.74 -3.01 -29.20
CA ARG C 437 15.35 -2.38 -27.96
C ARG C 437 13.93 -1.78 -28.07
N VAL C 438 13.61 -1.22 -29.24
CA VAL C 438 12.29 -0.68 -29.45
C VAL C 438 11.28 -1.82 -29.52
N GLN C 439 11.69 -2.97 -30.05
CA GLN C 439 10.79 -4.11 -30.10
C GLN C 439 10.46 -4.57 -28.69
N LEU C 440 11.45 -4.57 -27.79
CA LEU C 440 11.26 -5.04 -26.43
C LEU C 440 10.34 -4.08 -25.67
N PHE C 441 10.59 -2.78 -25.81
CA PHE C 441 9.80 -1.77 -25.11
C PHE C 441 8.38 -1.75 -25.66
N ARG C 442 8.22 -2.13 -26.94
CA ARG C 442 6.90 -2.25 -27.53
C ARG C 442 6.12 -3.40 -26.89
N LEU C 443 6.80 -4.49 -26.58
CA LEU C 443 6.14 -5.61 -25.93
C LEU C 443 5.71 -5.21 -24.51
N ALA C 444 6.59 -4.52 -23.76
CA ALA C 444 6.29 -4.00 -22.43
C ALA C 444 5.14 -2.99 -22.47
N TRP C 445 5.17 -2.11 -23.47
CA TRP C 445 4.12 -1.14 -23.69
C TRP C 445 2.77 -1.82 -23.97
N ASP C 446 2.75 -2.83 -24.86
CA ASP C 446 1.51 -3.46 -25.30
C ASP C 446 0.95 -4.35 -24.18
N LEU C 447 1.80 -4.68 -23.21
CA LEU C 447 1.42 -5.53 -22.12
C LEU C 447 0.76 -4.72 -21.01
N THR C 448 1.05 -3.42 -20.93
CA THR C 448 0.69 -2.66 -19.75
C THR C 448 0.04 -1.31 -20.07
N MET C 449 0.26 -0.71 -21.25
CA MET C 449 -0.13 0.68 -21.49
C MET C 449 -0.91 0.86 -22.80
N SER C 450 -1.06 -0.19 -23.60
CA SER C 450 -1.98 -0.10 -24.71
C SER C 450 -3.40 -0.32 -24.21
N ALA C 451 -4.39 -0.22 -25.10
CA ALA C 451 -5.75 -0.59 -24.76
C ALA C 451 -5.79 -2.09 -24.46
N PHE C 452 -4.97 -2.85 -25.17
CA PHE C 452 -4.88 -4.29 -24.99
C PHE C 452 -4.33 -4.58 -23.60
N GLY C 453 -3.22 -3.93 -23.25
CA GLY C 453 -2.54 -4.20 -21.99
C GLY C 453 -3.32 -3.75 -20.76
N ALA C 454 -3.90 -2.54 -20.81
CA ALA C 454 -4.79 -2.05 -19.75
C ALA C 454 -5.94 -3.02 -19.55
N ARG C 455 -6.47 -3.56 -20.65
CA ARG C 455 -7.52 -4.57 -20.56
C ARG C 455 -7.01 -5.84 -19.86
N GLN C 456 -5.80 -6.28 -20.18
CA GLN C 456 -5.23 -7.43 -19.50
C GLN C 456 -5.24 -7.23 -17.98
N THR C 457 -4.91 -6.02 -17.53
CA THR C 457 -4.79 -5.77 -16.11
C THR C 457 -6.18 -5.80 -15.47
N HIS C 458 -7.16 -5.22 -16.18
CA HIS C 458 -8.53 -5.12 -15.72
C HIS C 458 -9.19 -6.49 -15.70
N TYR C 459 -8.83 -7.32 -16.69
CA TYR C 459 -9.45 -8.59 -16.90
C TYR C 459 -9.03 -9.56 -15.80
N GLU C 460 -7.72 -9.52 -15.46
CA GLU C 460 -7.19 -10.30 -14.35
C GLU C 460 -7.84 -9.88 -13.04
N TYR C 461 -8.02 -8.59 -12.83
CA TYR C 461 -8.64 -8.13 -11.61
C TYR C 461 -10.08 -8.64 -11.44
N TYR C 462 -10.84 -8.71 -12.54
CA TYR C 462 -12.27 -8.99 -12.46
C TYR C 462 -12.60 -10.37 -13.03
N PHE C 463 -11.61 -11.24 -13.12
CA PHE C 463 -11.74 -12.48 -13.88
C PHE C 463 -12.90 -13.35 -13.40
N PHE C 464 -12.84 -13.84 -12.16
CA PHE C 464 -13.96 -14.57 -11.54
C PHE C 464 -14.94 -13.66 -10.81
N GLY C 465 -14.89 -12.35 -11.04
CA GLY C 465 -15.82 -11.47 -10.36
C GLY C 465 -15.09 -10.38 -9.57
N ASP C 466 -15.90 -9.54 -8.92
CA ASP C 466 -15.44 -8.40 -8.15
C ASP C 466 -14.72 -8.89 -6.89
N PRO C 467 -13.45 -8.47 -6.65
CA PRO C 467 -12.71 -8.91 -5.47
C PRO C 467 -13.37 -8.57 -4.15
N VAL C 468 -14.15 -7.47 -4.14
CA VAL C 468 -14.91 -7.08 -2.96
C VAL C 468 -15.83 -8.24 -2.58
N ARG C 469 -16.58 -8.79 -3.54
CA ARG C 469 -17.57 -9.82 -3.27
C ARG C 469 -16.88 -11.16 -3.09
N MET C 470 -15.84 -11.39 -3.88
CA MET C 470 -15.06 -12.62 -3.74
C MET C 470 -14.47 -12.71 -2.33
N GLY C 471 -13.98 -11.61 -1.78
CA GLY C 471 -13.41 -11.57 -0.44
C GLY C 471 -14.43 -11.90 0.65
N MET C 472 -15.65 -11.35 0.51
CA MET C 472 -16.74 -11.62 1.42
C MET C 472 -17.10 -13.10 1.39
N ALA C 473 -17.23 -13.68 0.21
CA ALA C 473 -17.51 -15.10 -0.01
C ALA C 473 -16.39 -15.99 0.52
N TYR C 474 -15.13 -15.55 0.36
CA TYR C 474 -13.98 -16.32 0.80
C TYR C 474 -13.97 -16.42 2.33
N PHE C 475 -14.20 -15.28 3.00
CA PHE C 475 -14.34 -15.25 4.45
C PHE C 475 -15.44 -16.19 4.96
N ASP C 476 -16.66 -16.07 4.39
CA ASP C 476 -17.85 -16.75 4.85
C ASP C 476 -17.73 -18.26 4.61
N GLY C 477 -17.06 -18.65 3.51
CA GLY C 477 -16.88 -20.04 3.16
C GLY C 477 -15.76 -20.74 3.94
N TYR C 478 -14.87 -19.98 4.60
CA TYR C 478 -13.69 -20.56 5.22
C TYR C 478 -14.08 -21.29 6.50
N GLU C 479 -13.45 -22.45 6.75
CA GLU C 479 -13.64 -23.23 7.97
C GLU C 479 -12.87 -22.53 9.09
N LYS C 480 -13.60 -21.80 9.93
CA LYS C 480 -13.05 -20.84 10.88
C LYS C 480 -12.93 -21.38 12.30
N GLU C 481 -13.73 -22.40 12.63
CA GLU C 481 -13.88 -22.92 13.98
C GLU C 481 -12.56 -23.41 14.60
N PRO C 482 -11.73 -24.22 13.92
CA PRO C 482 -10.47 -24.68 14.51
C PRO C 482 -9.61 -23.56 15.11
N TYR C 483 -9.52 -22.43 14.41
CA TYR C 483 -8.65 -21.32 14.78
C TYR C 483 -9.20 -20.65 16.03
N LYS C 484 -10.51 -20.47 16.10
CA LYS C 484 -11.10 -19.87 17.31
C LYS C 484 -10.92 -20.80 18.50
N GLN C 485 -11.00 -22.11 18.29
CA GLN C 485 -10.88 -23.08 19.37
C GLN C 485 -9.46 -23.09 19.93
N PHE C 486 -8.45 -22.97 19.04
CA PHE C 486 -7.05 -22.93 19.46
C PHE C 486 -6.84 -21.77 20.43
N VAL C 487 -7.37 -20.59 20.11
CA VAL C 487 -7.21 -19.40 20.93
C VAL C 487 -8.03 -19.53 22.23
N ARG C 488 -9.18 -20.21 22.16
CA ARG C 488 -10.02 -20.39 23.34
C ARG C 488 -9.43 -21.41 24.31
N GLU C 489 -8.70 -22.43 23.82
CA GLU C 489 -7.97 -23.36 24.67
C GLU C 489 -6.84 -22.60 25.35
N PHE C 490 -6.22 -21.68 24.62
CA PHE C 490 -5.09 -20.97 25.15
C PHE C 490 -5.56 -20.06 26.30
N LEU C 491 -6.70 -19.40 26.09
CA LEU C 491 -7.34 -18.56 27.10
C LEU C 491 -7.85 -19.37 28.29
N ARG C 492 -8.22 -20.64 28.11
CA ARG C 492 -8.80 -21.44 29.18
C ARG C 492 -7.77 -21.76 30.26
N GLY C 493 -6.53 -22.11 29.84
CA GLY C 493 -5.41 -22.27 30.76
C GLY C 493 -4.37 -21.17 30.59
N SER D 14 -1.45 44.17 -32.54
CA SER D 14 -1.42 43.34 -31.31
C SER D 14 -0.64 42.03 -31.56
N PRO D 15 0.45 41.79 -30.79
CA PRO D 15 1.38 40.71 -31.06
C PRO D 15 1.02 39.35 -30.45
N ALA D 16 0.12 39.32 -29.45
CA ALA D 16 -0.44 38.05 -29.00
C ALA D 16 -1.23 37.46 -30.16
N LYS D 17 -1.14 36.15 -30.33
CA LYS D 17 -1.63 35.54 -31.54
C LYS D 17 -3.02 34.95 -31.32
N THR D 18 -3.78 34.88 -32.44
CA THR D 18 -5.03 34.14 -32.56
C THR D 18 -4.71 32.69 -32.95
N GLY D 19 -5.73 31.84 -32.84
CA GLY D 19 -5.64 30.43 -33.20
C GLY D 19 -5.15 30.25 -34.65
N GLN D 20 -5.72 31.04 -35.57
CA GLN D 20 -5.37 30.92 -36.99
C GLN D 20 -3.92 31.34 -37.21
N GLU D 21 -3.47 32.42 -36.54
CA GLU D 21 -2.09 32.87 -36.65
C GLU D 21 -1.16 31.74 -36.18
N TYR D 22 -1.54 31.07 -35.08
CA TYR D 22 -0.78 29.97 -34.52
C TYR D 22 -0.66 28.82 -35.54
N MET D 23 -1.78 28.44 -36.14
CA MET D 23 -1.79 27.38 -37.14
C MET D 23 -1.01 27.81 -38.38
N GLU D 24 -1.19 29.06 -38.82
CA GLU D 24 -0.55 29.48 -40.07
C GLU D 24 0.96 29.57 -39.89
N ARG D 25 1.45 29.77 -38.64
CA ARG D 25 2.89 29.80 -38.40
C ARG D 25 3.49 28.40 -38.55
N LEU D 26 2.81 27.36 -38.06
CA LEU D 26 3.30 25.99 -38.12
C LEU D 26 3.35 25.49 -39.56
N LYS D 27 2.32 25.86 -40.34
CA LYS D 27 2.21 25.47 -41.73
C LYS D 27 3.40 26.02 -42.53
N ARG D 28 3.72 27.31 -42.31
CA ARG D 28 4.73 28.03 -43.07
C ARG D 28 6.13 27.64 -42.60
N ALA D 29 6.25 27.03 -41.41
CA ALA D 29 7.55 26.67 -40.84
C ALA D 29 8.10 25.39 -41.44
N LYS D 30 7.26 24.39 -41.71
CA LYS D 30 7.68 23.17 -42.39
C LYS D 30 8.79 22.44 -41.64
N SER D 31 8.63 22.18 -40.35
CA SER D 31 9.66 21.42 -39.64
C SER D 31 9.81 20.04 -40.27
N SER D 32 10.99 19.44 -40.09
CA SER D 32 11.20 18.04 -40.42
C SER D 32 10.62 17.17 -39.32
N VAL D 33 9.45 16.59 -39.62
CA VAL D 33 8.67 15.78 -38.71
C VAL D 33 8.39 14.45 -39.39
N TYR D 34 8.61 13.35 -38.66
CA TYR D 34 8.37 12.03 -39.19
C TYR D 34 7.47 11.28 -38.22
N ILE D 35 6.43 10.63 -38.77
CA ILE D 35 5.60 9.73 -37.99
C ILE D 35 5.14 8.60 -38.91
N HIS D 36 5.08 7.38 -38.35
CA HIS D 36 4.54 6.21 -39.03
C HIS D 36 5.31 5.92 -40.31
N GLY D 37 6.62 6.16 -40.29
CA GLY D 37 7.50 5.80 -41.41
C GLY D 37 7.55 6.84 -42.53
N GLU D 38 6.96 8.03 -42.35
CA GLU D 38 6.88 9.00 -43.43
C GLU D 38 7.14 10.43 -42.93
N LYS D 39 7.73 11.25 -43.80
CA LYS D 39 7.83 12.67 -43.57
C LYS D 39 6.42 13.25 -43.53
N VAL D 40 6.18 14.22 -42.65
CA VAL D 40 4.90 14.88 -42.58
C VAL D 40 4.98 16.18 -43.38
N GLU D 41 4.05 16.43 -44.31
CA GLU D 41 4.13 17.61 -45.17
C GLU D 41 3.65 18.86 -44.43
N ASP D 42 2.54 18.71 -43.67
CA ASP D 42 1.86 19.79 -42.99
C ASP D 42 1.26 19.24 -41.70
N VAL D 43 1.82 19.64 -40.55
CA VAL D 43 1.37 19.17 -39.26
C VAL D 43 -0.08 19.60 -39.00
N THR D 44 -0.51 20.75 -39.54
CA THR D 44 -1.85 21.28 -39.25
C THR D 44 -2.94 20.40 -39.87
N VAL D 45 -2.63 19.52 -40.83
CA VAL D 45 -3.68 18.69 -41.41
C VAL D 45 -3.38 17.19 -41.29
N HIS D 46 -2.14 16.79 -40.99
CA HIS D 46 -1.84 15.37 -40.84
C HIS D 46 -2.74 14.83 -39.74
N PRO D 47 -3.37 13.63 -39.94
CA PRO D 47 -4.30 13.06 -38.96
C PRO D 47 -3.79 12.88 -37.53
N ALA D 48 -2.49 12.69 -37.33
CA ALA D 48 -1.94 12.43 -36.02
C ALA D 48 -1.80 13.72 -35.20
N PHE D 49 -1.82 14.89 -35.86
CA PHE D 49 -1.55 16.13 -35.18
C PHE D 49 -2.73 17.09 -35.23
N CYS D 50 -3.66 16.93 -36.19
CA CYS D 50 -4.58 18.02 -36.53
C CYS D 50 -5.50 18.33 -35.35
N ASN D 51 -5.90 17.33 -34.60
CA ASN D 51 -6.79 17.54 -33.47
C ASN D 51 -6.12 18.36 -32.37
N VAL D 52 -4.86 18.01 -32.06
CA VAL D 52 -4.20 18.67 -30.95
C VAL D 52 -3.87 20.09 -31.38
N VAL D 53 -3.58 20.27 -32.68
CA VAL D 53 -3.28 21.59 -33.20
C VAL D 53 -4.51 22.47 -33.06
N ARG D 54 -5.68 21.92 -33.39
CA ARG D 54 -6.94 22.64 -33.19
C ARG D 54 -7.24 22.92 -31.71
N SER D 55 -6.83 22.03 -30.80
CA SER D 55 -6.97 22.27 -29.37
C SER D 55 -6.07 23.43 -28.92
N MET D 56 -4.80 23.40 -29.35
CA MET D 56 -3.88 24.47 -29.05
C MET D 56 -4.35 25.79 -29.65
N ALA D 57 -4.86 25.73 -30.89
CA ALA D 57 -5.44 26.89 -31.53
C ALA D 57 -6.52 27.50 -30.64
N ALA D 58 -7.43 26.66 -30.16
CA ALA D 58 -8.51 27.14 -29.28
C ALA D 58 -7.98 27.88 -28.04
N LEU D 59 -6.80 27.50 -27.52
CA LEU D 59 -6.26 28.20 -26.36
C LEU D 59 -5.88 29.62 -26.76
N TYR D 60 -5.28 29.76 -27.94
CA TYR D 60 -4.86 31.08 -28.38
C TYR D 60 -6.09 31.94 -28.66
N ASP D 61 -7.19 31.32 -29.09
CA ASP D 61 -8.42 32.08 -29.30
C ASP D 61 -8.98 32.60 -27.98
N ARG D 62 -8.90 31.77 -26.93
CA ARG D 62 -9.48 32.11 -25.64
C ARG D 62 -8.84 33.40 -25.10
N GLN D 63 -7.54 33.59 -25.37
CA GLN D 63 -6.81 34.80 -25.03
C GLN D 63 -7.62 36.04 -25.43
N TYR D 64 -8.12 36.05 -26.67
CA TYR D 64 -8.75 37.22 -27.26
C TYR D 64 -10.24 37.32 -26.94
N GLU D 65 -10.84 36.19 -26.55
CA GLU D 65 -12.21 36.17 -26.05
C GLU D 65 -12.28 36.71 -24.62
N LYS D 66 -11.19 36.57 -23.84
CA LYS D 66 -11.14 37.01 -22.46
C LYS D 66 -9.87 37.81 -22.19
N PRO D 67 -9.72 38.98 -22.85
CA PRO D 67 -8.47 39.74 -22.84
C PRO D 67 -8.09 40.34 -21.50
N GLU D 68 -9.11 40.70 -20.71
CA GLU D 68 -8.91 41.38 -19.43
C GLU D 68 -8.35 40.37 -18.42
N LYS D 69 -8.51 39.09 -18.71
CA LYS D 69 -7.99 38.02 -17.87
C LYS D 69 -6.76 37.34 -18.48
N MET D 70 -6.66 37.29 -19.81
CA MET D 70 -5.65 36.46 -20.44
C MET D 70 -4.51 37.28 -21.06
N LEU D 71 -4.63 38.61 -21.05
CA LEU D 71 -3.59 39.48 -21.62
C LEU D 71 -3.22 40.60 -20.65
N TYR D 72 -2.07 41.24 -20.90
CA TYR D 72 -1.65 42.39 -20.12
C TYR D 72 -0.71 43.23 -20.99
N ARG D 73 -0.49 44.48 -20.55
CA ARG D 73 0.41 45.41 -21.18
C ARG D 73 1.87 45.04 -20.92
N SER D 74 2.60 44.73 -22.00
CA SER D 74 4.03 44.50 -21.97
C SER D 74 4.74 45.68 -21.30
N PRO D 75 5.65 45.43 -20.34
CA PRO D 75 6.41 46.54 -19.73
C PRO D 75 7.34 47.27 -20.69
N THR D 76 7.69 46.68 -21.85
CA THR D 76 8.69 47.24 -22.75
C THR D 76 8.04 47.87 -23.99
N THR D 77 7.01 47.24 -24.58
CA THR D 77 6.33 47.82 -25.74
C THR D 77 5.00 48.47 -25.36
N GLY D 78 4.37 48.02 -24.26
CA GLY D 78 3.08 48.55 -23.85
C GLY D 78 1.92 48.02 -24.69
N GLN D 79 2.15 46.94 -25.45
CA GLN D 79 1.08 46.27 -26.18
C GLN D 79 0.64 45.00 -25.47
N LEU D 80 -0.50 44.46 -25.92
CA LEU D 80 -1.15 43.33 -25.28
C LEU D 80 -0.39 42.06 -25.67
N VAL D 81 0.06 41.36 -24.62
CA VAL D 81 0.79 40.10 -24.70
C VAL D 81 0.18 39.09 -23.69
N GLY D 82 0.62 37.84 -23.80
CA GLY D 82 0.02 36.76 -23.03
C GLY D 82 0.34 36.87 -21.54
N MET D 83 -0.69 36.66 -20.72
CA MET D 83 -0.61 36.81 -19.27
C MET D 83 0.37 35.80 -18.66
N THR D 84 0.52 34.62 -19.27
CA THR D 84 1.34 33.59 -18.64
C THR D 84 2.81 33.90 -18.84
N PHE D 85 3.13 35.00 -19.54
CA PHE D 85 4.51 35.45 -19.65
C PHE D 85 4.87 36.33 -18.45
N ILE D 86 3.87 36.78 -17.70
CA ILE D 86 4.12 37.88 -16.80
C ILE D 86 5.24 37.50 -15.82
N GLN D 87 6.02 38.54 -15.50
CA GLN D 87 6.87 38.54 -14.34
C GLN D 87 6.07 39.17 -13.21
N PRO D 88 5.48 38.38 -12.30
CA PRO D 88 4.60 38.90 -11.27
C PRO D 88 5.39 39.63 -10.20
N THR D 89 4.92 40.83 -9.80
CA THR D 89 5.62 41.64 -8.82
C THR D 89 4.74 41.81 -7.58
N THR D 90 3.50 41.30 -7.64
CA THR D 90 2.56 41.34 -6.53
C THR D 90 1.86 39.99 -6.47
N ILE D 91 1.24 39.71 -5.31
CA ILE D 91 0.51 38.48 -5.11
C ILE D 91 -0.72 38.48 -6.05
N ASP D 92 -1.32 39.65 -6.29
CA ASP D 92 -2.44 39.75 -7.20
C ASP D 92 -2.02 39.30 -8.61
N GLU D 93 -0.88 39.81 -9.10
CA GLU D 93 -0.41 39.51 -10.45
C GLU D 93 -0.05 38.04 -10.58
N LEU D 94 0.44 37.45 -9.48
CA LEU D 94 0.74 36.02 -9.42
C LEU D 94 -0.52 35.18 -9.46
N ILE D 95 -1.56 35.58 -8.74
CA ILE D 95 -2.83 34.88 -8.78
C ILE D 95 -3.43 34.99 -10.18
N ALA D 96 -3.36 36.19 -10.77
CA ALA D 96 -3.84 36.43 -12.11
C ALA D 96 -3.18 35.49 -13.12
N ARG D 97 -1.86 35.31 -13.01
CA ARG D 97 -1.17 34.37 -13.88
C ARG D 97 -1.79 32.98 -13.77
N ARG D 98 -2.08 32.56 -12.53
CA ARG D 98 -2.54 31.20 -12.26
C ARG D 98 -3.97 30.98 -12.76
N GLU D 99 -4.85 31.99 -12.58
CA GLU D 99 -6.20 31.96 -13.12
C GLU D 99 -6.13 31.80 -14.64
N ALA D 100 -5.15 32.46 -15.28
CA ALA D 100 -4.94 32.30 -16.71
C ALA D 100 -4.57 30.85 -17.04
N THR D 101 -3.59 30.30 -16.30
CA THR D 101 -3.21 28.89 -16.43
C THR D 101 -4.44 28.00 -16.27
N GLN D 102 -5.34 28.31 -15.34
CA GLN D 102 -6.46 27.41 -15.05
C GLN D 102 -7.56 27.50 -16.10
N GLU D 103 -7.70 28.67 -16.76
CA GLU D 103 -8.62 28.86 -17.87
C GLU D 103 -8.29 27.87 -18.98
N TRP D 104 -7.01 27.85 -19.39
CA TRP D 104 -6.54 26.93 -20.42
C TRP D 104 -6.62 25.47 -19.96
N ALA D 105 -6.24 25.20 -18.71
CA ALA D 105 -6.29 23.83 -18.17
C ALA D 105 -7.72 23.30 -18.18
N ARG D 106 -8.72 24.16 -17.92
CA ARG D 106 -10.10 23.70 -17.91
C ARG D 106 -10.54 23.31 -19.32
N MET D 107 -10.08 24.05 -20.33
CA MET D 107 -10.41 23.75 -21.72
C MET D 107 -9.79 22.42 -22.17
N SER D 108 -8.74 21.95 -21.48
CA SER D 108 -8.06 20.71 -21.84
C SER D 108 -8.27 19.61 -20.81
N ALA D 109 -9.16 19.85 -19.84
CA ALA D 109 -9.37 18.95 -18.71
C ALA D 109 -8.05 18.59 -17.99
N GLY D 110 -7.06 19.47 -18.03
CA GLY D 110 -5.81 19.21 -17.34
C GLY D 110 -4.95 18.16 -18.04
N MET D 111 -5.19 17.90 -19.34
CA MET D 111 -4.56 16.75 -20.01
C MET D 111 -3.23 17.10 -20.70
N MET D 112 -2.94 18.40 -20.86
CA MET D 112 -1.82 18.86 -21.67
C MET D 112 -0.60 19.14 -20.79
N GLY D 113 0.54 18.50 -21.08
CA GLY D 113 1.76 18.75 -20.32
C GLY D 113 2.53 19.95 -20.83
N ARG D 114 2.28 20.36 -22.07
CA ARG D 114 3.04 21.44 -22.68
C ARG D 114 2.09 22.45 -23.31
N SER D 115 1.07 22.83 -22.56
CA SER D 115 0.38 24.05 -22.91
C SER D 115 1.43 25.16 -22.83
N PRO D 116 1.24 26.30 -23.54
CA PRO D 116 2.29 27.31 -23.63
C PRO D 116 2.74 27.89 -22.29
N ASP D 117 1.84 27.90 -21.30
CA ASP D 117 2.07 28.53 -20.02
C ASP D 117 3.20 27.83 -19.25
N TYR D 118 3.38 26.52 -19.45
CA TYR D 118 4.37 25.76 -18.71
C TYR D 118 5.73 26.31 -19.07
N LEU D 119 6.03 26.32 -20.36
CA LEU D 119 7.29 26.84 -20.86
C LEU D 119 7.39 28.35 -20.71
N ASN D 120 6.27 29.06 -20.80
CA ASN D 120 6.25 30.52 -20.64
C ASN D 120 6.78 30.93 -19.27
N ALA D 121 6.50 30.14 -18.24
CA ALA D 121 6.97 30.44 -16.89
C ALA D 121 8.47 30.20 -16.78
N GLU D 122 8.98 29.15 -17.42
CA GLU D 122 10.39 28.78 -17.44
C GLU D 122 11.21 29.90 -18.08
N VAL D 123 10.74 30.37 -19.25
CA VAL D 123 11.48 31.36 -20.04
C VAL D 123 11.51 32.72 -19.34
N MET D 124 10.40 33.09 -18.71
CA MET D 124 10.31 34.28 -17.89
C MET D 124 11.31 34.22 -16.73
N ALA D 125 11.32 33.10 -15.99
CA ALA D 125 12.12 33.03 -14.78
C ALA D 125 13.61 33.16 -15.11
N MET D 126 14.04 32.61 -16.25
CA MET D 126 15.44 32.62 -16.64
C MET D 126 15.79 33.92 -17.37
N GLY D 127 14.80 34.52 -18.02
CA GLY D 127 14.97 35.84 -18.60
C GLY D 127 15.31 36.88 -17.54
N VAL D 128 14.65 36.76 -16.39
CA VAL D 128 14.67 37.78 -15.34
C VAL D 128 15.80 37.49 -14.35
N ALA D 129 16.03 36.21 -14.03
CA ALA D 129 17.06 35.84 -13.06
C ALA D 129 18.25 35.18 -13.75
N ASN D 130 18.94 35.95 -14.60
CA ASN D 130 19.83 35.40 -15.62
C ASN D 130 21.30 35.46 -15.21
N ASP D 131 21.59 35.85 -13.95
CA ASP D 131 22.93 36.24 -13.54
C ASP D 131 23.86 35.04 -13.42
N LEU D 132 23.29 33.86 -13.10
CA LEU D 132 24.00 32.59 -13.09
C LEU D 132 24.78 32.39 -14.39
N PHE D 133 24.12 32.63 -15.53
CA PHE D 133 24.70 32.41 -16.84
C PHE D 133 25.97 33.25 -17.06
N ALA D 134 26.04 34.47 -16.50
CA ALA D 134 27.21 35.35 -16.66
C ALA D 134 28.47 34.74 -16.06
N GLU D 135 28.31 33.74 -15.18
CA GLU D 135 29.45 33.01 -14.62
C GLU D 135 30.29 32.37 -15.71
N ASP D 136 29.65 31.90 -16.78
CA ASP D 136 30.38 31.32 -17.89
C ASP D 136 30.81 32.45 -18.81
N ASP D 137 29.87 33.34 -19.15
CA ASP D 137 30.09 34.40 -20.12
C ASP D 137 28.97 35.42 -20.01
N PRO D 138 29.26 36.74 -19.87
CA PRO D 138 28.22 37.75 -19.69
C PRO D 138 27.15 37.82 -20.78
N MET D 139 27.51 37.44 -22.02
CA MET D 139 26.57 37.49 -23.12
C MET D 139 25.43 36.48 -22.91
N PHE D 140 25.71 35.38 -22.23
CA PHE D 140 24.74 34.32 -22.01
C PHE D 140 23.60 34.81 -21.10
N ALA D 141 23.90 35.70 -20.15
CA ALA D 141 22.88 36.30 -19.32
C ALA D 141 22.01 37.23 -20.15
N GLU D 142 22.66 38.07 -20.98
CA GLU D 142 21.98 39.00 -21.87
C GLU D 142 21.06 38.23 -22.84
N ASN D 143 21.55 37.11 -23.38
CA ASN D 143 20.76 36.29 -24.30
C ASN D 143 19.46 35.84 -23.62
N ALA D 144 19.54 35.37 -22.37
CA ALA D 144 18.39 34.83 -21.66
C ALA D 144 17.30 35.90 -21.52
N LYS D 145 17.72 37.11 -21.15
CA LYS D 145 16.81 38.25 -21.05
C LYS D 145 16.24 38.56 -22.43
N ASN D 146 17.11 38.58 -23.46
CA ASN D 146 16.66 38.90 -24.80
C ASN D 146 15.65 37.87 -25.28
N TYR D 147 15.89 36.60 -24.92
CA TYR D 147 15.06 35.51 -25.41
C TYR D 147 13.67 35.58 -24.80
N TYR D 148 13.62 35.94 -23.51
CA TYR D 148 12.36 36.07 -22.80
C TYR D 148 11.49 37.13 -23.49
N GLU D 149 12.06 38.31 -23.75
CA GLU D 149 11.34 39.41 -24.35
C GLU D 149 10.86 39.05 -25.75
N TYR D 150 11.73 38.38 -26.52
CA TYR D 150 11.40 37.93 -27.85
C TYR D 150 10.23 36.94 -27.83
N ALA D 151 10.22 36.02 -26.85
CA ALA D 151 9.17 35.01 -26.79
C ALA D 151 7.84 35.68 -26.42
N ARG D 152 7.91 36.61 -25.47
CA ARG D 152 6.71 37.28 -24.99
C ARG D 152 6.13 38.16 -26.09
N GLU D 153 6.98 38.93 -26.77
CA GLU D 153 6.52 39.94 -27.71
C GLU D 153 6.06 39.32 -29.04
N ASN D 154 6.43 38.07 -29.35
CA ASN D 154 6.00 37.44 -30.58
C ASN D 154 5.10 36.23 -30.32
N ASP D 155 4.67 36.06 -29.06
CA ASP D 155 3.83 34.96 -28.62
C ASP D 155 4.31 33.61 -29.16
N ILE D 156 5.59 33.32 -28.92
CA ILE D 156 6.21 32.06 -29.35
C ILE D 156 5.60 30.94 -28.53
N SER D 157 5.25 29.82 -29.19
CA SER D 157 4.85 28.62 -28.46
C SER D 157 6.03 27.66 -28.44
N LEU D 158 6.25 27.06 -27.27
CA LEU D 158 7.49 26.39 -26.92
C LEU D 158 7.17 25.01 -26.39
N THR D 159 8.11 24.10 -26.60
CA THR D 159 8.29 22.99 -25.68
C THR D 159 9.78 22.90 -25.34
N HIS D 160 10.16 21.84 -24.63
CA HIS D 160 11.54 21.65 -24.28
C HIS D 160 11.86 20.17 -24.36
N THR D 161 13.14 19.84 -24.21
CA THR D 161 13.61 18.48 -24.01
C THR D 161 14.76 18.49 -23.01
N LEU D 162 14.60 17.69 -21.94
CA LEU D 162 15.50 17.61 -20.81
C LEU D 162 16.16 16.23 -20.74
N ILE D 163 15.82 15.33 -21.68
CA ILE D 163 16.13 13.92 -21.51
C ILE D 163 17.22 13.48 -22.47
N HIS D 164 18.30 12.94 -21.89
CA HIS D 164 19.38 12.35 -22.66
C HIS D 164 18.97 10.92 -22.95
N PRO D 165 19.44 10.31 -24.06
CA PRO D 165 19.33 8.87 -24.22
C PRO D 165 20.35 8.21 -23.30
N GLN D 166 19.92 7.85 -22.09
CA GLN D 166 20.78 7.04 -21.27
C GLN D 166 20.64 5.63 -21.84
N MET D 167 21.77 5.04 -22.18
CA MET D 167 21.69 3.75 -22.83
C MET D 167 21.92 2.71 -21.74
N ASN D 168 23.08 2.82 -21.08
CA ASN D 168 23.37 2.12 -19.85
C ASN D 168 23.21 3.13 -18.71
N ARG D 169 22.18 2.97 -17.87
CA ARG D 169 21.98 3.91 -16.77
C ARG D 169 23.01 3.69 -15.65
N ALA D 170 23.78 2.60 -15.71
CA ALA D 170 24.80 2.33 -14.70
C ALA D 170 26.11 3.08 -14.98
N LYS D 171 26.05 4.07 -15.88
CA LYS D 171 27.24 4.80 -16.30
C LYS D 171 26.86 6.23 -16.63
N ALA D 172 27.87 7.08 -16.84
CA ALA D 172 27.67 8.46 -17.26
C ALA D 172 27.70 8.53 -18.79
N LEU D 173 27.23 9.65 -19.35
CA LEU D 173 27.06 9.82 -20.80
C LEU D 173 28.39 9.65 -21.56
N HIS D 174 29.51 10.01 -20.93
CA HIS D 174 30.81 9.97 -21.58
C HIS D 174 31.43 8.57 -21.51
N GLU D 175 30.78 7.63 -20.81
CA GLU D 175 31.33 6.29 -20.59
C GLU D 175 30.57 5.26 -21.42
N GLN D 176 29.48 5.69 -22.07
CA GLN D 176 28.71 4.83 -22.96
C GLN D 176 29.59 4.31 -24.08
N ASN D 177 29.21 3.17 -24.68
CA ASN D 177 29.96 2.55 -25.76
C ASN D 177 29.89 3.44 -27.01
N ASP D 178 28.77 4.16 -27.19
CA ASP D 178 28.72 5.28 -28.13
C ASP D 178 28.46 6.58 -27.36
N ALA D 179 29.55 7.32 -27.13
CA ALA D 179 29.55 8.54 -26.33
C ALA D 179 29.00 9.73 -27.13
N ASP D 180 28.87 9.57 -28.46
CA ASP D 180 28.49 10.66 -29.37
C ASP D 180 27.01 10.61 -29.74
N VAL D 181 26.26 9.65 -29.16
CA VAL D 181 24.83 9.56 -29.38
C VAL D 181 24.13 10.73 -28.67
N PRO D 182 24.39 10.99 -27.36
CA PRO D 182 23.72 12.09 -26.69
C PRO D 182 24.17 13.41 -27.26
N LEU D 183 23.30 14.42 -27.18
CA LEU D 183 23.53 15.70 -27.82
C LEU D 183 24.73 16.35 -27.16
N HIS D 184 25.67 16.79 -27.99
CA HIS D 184 26.91 17.32 -27.46
C HIS D 184 27.46 18.39 -28.40
N LEU D 185 28.33 19.22 -27.82
CA LEU D 185 29.07 20.25 -28.54
C LEU D 185 30.12 19.61 -29.43
N VAL D 186 30.19 20.06 -30.68
CA VAL D 186 31.11 19.52 -31.65
C VAL D 186 32.27 20.51 -31.80
N GLU D 187 31.93 21.80 -31.99
CA GLU D 187 32.95 22.84 -32.07
C GLU D 187 32.31 24.22 -31.86
N ARG D 188 33.18 25.19 -31.58
CA ARG D 188 32.78 26.57 -31.35
C ARG D 188 33.36 27.46 -32.44
N ARG D 189 32.53 28.37 -32.97
CA ARG D 189 32.94 29.26 -34.06
C ARG D 189 32.72 30.71 -33.65
N LYS D 190 33.04 31.64 -34.57
CA LYS D 190 32.86 33.06 -34.33
C LYS D 190 31.41 33.33 -33.99
N ASP D 191 30.50 32.80 -34.82
CA ASP D 191 29.12 33.25 -34.88
C ASP D 191 28.16 32.34 -34.09
N GLY D 192 28.63 31.15 -33.67
CA GLY D 192 27.78 30.21 -32.93
C GLY D 192 28.48 28.87 -32.67
N ILE D 193 27.68 27.82 -32.47
CA ILE D 193 28.20 26.50 -32.13
C ILE D 193 27.58 25.43 -33.02
N ILE D 194 28.30 24.32 -33.17
CA ILE D 194 27.80 23.13 -33.85
C ILE D 194 27.48 22.06 -32.82
N VAL D 195 26.28 21.47 -32.95
CA VAL D 195 25.81 20.43 -32.04
C VAL D 195 25.29 19.25 -32.86
N SER D 196 25.52 18.04 -32.34
CA SER D 196 25.12 16.78 -32.94
C SER D 196 24.66 15.84 -31.84
N GLY D 197 23.68 14.99 -32.16
CA GLY D 197 23.28 13.89 -31.30
C GLY D 197 21.78 13.91 -31.08
N ILE D 198 21.36 13.35 -29.94
CA ILE D 198 19.98 12.99 -29.75
C ILE D 198 19.52 13.42 -28.37
N ARG D 199 18.26 13.89 -28.34
CA ARG D 199 17.50 14.14 -27.13
C ARG D 199 16.16 13.44 -27.28
N LEU D 200 15.55 13.05 -26.14
CA LEU D 200 14.31 12.30 -26.13
C LEU D 200 13.15 13.12 -25.56
N LEU D 201 11.93 12.67 -25.86
CA LEU D 201 10.77 13.09 -25.12
C LEU D 201 10.57 14.59 -25.33
N ALA D 202 10.57 15.02 -26.59
CA ALA D 202 10.05 16.32 -26.93
C ALA D 202 8.55 16.19 -27.07
N THR D 203 7.82 16.50 -26.00
CA THR D 203 6.36 16.47 -26.01
C THR D 203 5.89 17.68 -26.81
N GLN D 204 5.04 17.43 -27.81
CA GLN D 204 4.65 18.46 -28.75
C GLN D 204 5.81 18.87 -29.65
N GLY D 205 6.80 17.97 -29.80
CA GLY D 205 7.87 18.13 -30.77
C GLY D 205 7.36 18.53 -32.15
N GLY D 206 7.82 19.69 -32.62
CA GLY D 206 7.56 20.06 -33.99
C GLY D 206 6.09 20.36 -34.29
N ILE D 207 5.25 20.41 -33.25
CA ILE D 207 4.05 21.22 -33.39
C ILE D 207 4.11 22.47 -32.49
N THR D 208 5.31 22.92 -32.13
CA THR D 208 5.54 24.22 -31.54
C THR D 208 6.40 25.07 -32.47
N ASP D 209 6.53 26.37 -32.19
CA ASP D 209 7.37 27.24 -33.01
C ASP D 209 8.85 26.98 -32.69
N GLU D 210 9.19 26.92 -31.40
CA GLU D 210 10.58 26.76 -30.97
C GLU D 210 10.68 25.74 -29.83
N ILE D 211 11.93 25.30 -29.59
CA ILE D 211 12.21 24.32 -28.56
C ILE D 211 13.40 24.78 -27.72
N LEU D 212 13.28 24.57 -26.40
CA LEU D 212 14.33 24.79 -25.42
C LEU D 212 15.07 23.48 -25.19
N VAL D 213 16.40 23.48 -25.39
CA VAL D 213 17.20 22.31 -25.07
C VAL D 213 17.96 22.58 -23.78
N PHE D 214 17.53 21.93 -22.70
CA PHE D 214 17.93 22.30 -21.33
C PHE D 214 18.33 21.08 -20.52
N PRO D 215 19.13 21.24 -19.44
CA PRO D 215 19.48 20.11 -18.58
C PRO D 215 18.29 19.53 -17.83
N SER D 216 18.48 18.31 -17.32
CA SER D 216 17.51 17.73 -16.41
C SER D 216 17.35 18.60 -15.16
N THR D 217 16.11 18.60 -14.65
CA THR D 217 15.67 19.19 -13.40
C THR D 217 16.19 18.38 -12.19
N VAL D 218 16.51 17.09 -12.37
CA VAL D 218 16.94 16.22 -11.27
C VAL D 218 18.33 15.65 -11.53
N LYS D 219 18.48 14.93 -12.65
CA LYS D 219 19.72 14.29 -13.02
C LYS D 219 20.87 15.31 -12.95
N LYS D 220 21.86 15.03 -12.08
CA LYS D 220 23.07 15.81 -11.97
C LYS D 220 24.12 15.27 -12.92
N SER D 221 24.93 16.17 -13.48
CA SER D 221 25.98 15.81 -14.41
C SER D 221 27.36 16.13 -13.80
N THR D 222 28.37 15.38 -14.24
CA THR D 222 29.71 15.38 -13.65
C THR D 222 30.67 16.08 -14.61
N ALA D 223 31.96 16.13 -14.24
CA ALA D 223 32.97 16.82 -15.04
C ALA D 223 33.02 16.29 -16.46
N GLY D 224 32.93 14.97 -16.61
CA GLY D 224 33.08 14.31 -17.90
C GLY D 224 31.89 14.57 -18.84
N GLU D 225 30.75 15.02 -18.29
CA GLU D 225 29.57 15.27 -19.10
C GLU D 225 29.44 16.77 -19.44
N ASP D 226 30.51 17.55 -19.29
CA ASP D 226 30.58 18.93 -19.79
C ASP D 226 30.11 19.03 -21.24
N PRO D 227 30.65 18.25 -22.20
CA PRO D 227 30.26 18.39 -23.61
C PRO D 227 28.75 18.25 -23.87
N TYR D 228 28.04 17.62 -22.92
CA TYR D 228 26.61 17.37 -23.04
C TYR D 228 25.81 18.47 -22.32
N ALA D 229 26.49 19.38 -21.61
CA ALA D 229 25.83 20.34 -20.73
C ALA D 229 25.48 21.62 -21.50
N LEU D 230 24.35 21.57 -22.21
CA LEU D 230 23.91 22.65 -23.08
C LEU D 230 22.59 23.24 -22.58
N ALA D 231 22.43 24.55 -22.80
CA ALA D 231 21.13 25.19 -22.74
C ALA D 231 21.02 26.18 -23.89
N PHE D 232 20.06 25.94 -24.79
CA PHE D 232 19.83 26.86 -25.89
C PHE D 232 18.39 26.72 -26.39
N ALA D 233 18.00 27.67 -27.25
CA ALA D 233 16.68 27.68 -27.86
C ALA D 233 16.82 27.90 -29.36
N ILE D 234 16.07 27.14 -30.17
CA ILE D 234 16.14 27.26 -31.62
C ILE D 234 14.75 27.07 -32.22
N PRO D 235 14.50 27.63 -33.42
CA PRO D 235 13.30 27.27 -34.18
C PRO D 235 13.26 25.78 -34.48
N ASN D 236 12.05 25.23 -34.50
CA ASN D 236 11.87 23.80 -34.70
C ASN D 236 12.31 23.39 -36.11
N ASN D 237 12.38 24.36 -37.03
CA ASN D 237 12.68 24.04 -38.42
C ASN D 237 14.15 24.29 -38.74
N THR D 238 14.97 24.49 -37.72
CA THR D 238 16.40 24.69 -37.91
C THR D 238 16.93 23.57 -38.82
N PRO D 239 17.64 23.89 -39.92
CA PRO D 239 18.28 22.85 -40.72
C PRO D 239 19.11 21.86 -39.90
N GLY D 240 18.92 20.57 -40.18
CA GLY D 240 19.59 19.47 -39.50
C GLY D 240 18.83 18.99 -38.26
N VAL D 241 17.65 19.57 -37.99
CA VAL D 241 16.83 19.14 -36.88
C VAL D 241 15.68 18.27 -37.41
N LYS D 242 15.57 17.04 -36.88
CA LYS D 242 14.42 16.19 -37.21
C LYS D 242 13.70 15.75 -35.95
N PHE D 243 12.37 15.82 -36.01
CA PHE D 243 11.48 15.28 -34.99
C PHE D 243 10.97 13.93 -35.45
N ILE D 244 11.31 12.86 -34.73
CA ILE D 244 10.84 11.51 -35.04
C ILE D 244 9.86 11.06 -33.95
N CYS D 245 8.58 11.03 -34.31
CA CYS D 245 7.50 10.91 -33.34
C CYS D 245 7.25 9.43 -33.11
N ARG D 246 6.95 9.05 -31.85
CA ARG D 246 6.40 7.73 -31.57
C ARG D 246 5.03 7.62 -32.25
N GLU D 247 4.47 6.41 -32.34
CA GLU D 247 3.20 6.27 -33.03
C GLU D 247 2.17 7.06 -32.24
N ALA D 248 1.29 7.75 -32.97
CA ALA D 248 0.14 8.46 -32.43
C ALA D 248 -0.81 7.53 -31.65
N PHE D 249 -1.41 8.07 -30.58
CA PHE D 249 -2.45 7.37 -29.83
C PHE D 249 -3.82 7.98 -30.11
N ASP D 250 -3.89 8.90 -31.09
CA ASP D 250 -5.12 9.30 -31.75
C ASP D 250 -5.24 8.41 -32.98
N TYR D 251 -6.13 7.41 -32.88
CA TYR D 251 -6.43 6.46 -33.94
C TYR D 251 -7.57 6.98 -34.85
N GLY D 252 -7.79 8.29 -34.89
CA GLY D 252 -8.68 8.92 -35.86
C GLY D 252 -10.17 8.76 -35.55
N ARG D 253 -10.52 8.46 -34.28
CA ARG D 253 -11.92 8.27 -33.92
C ARG D 253 -12.59 9.61 -33.60
N SER D 254 -13.92 9.59 -33.52
CA SER D 254 -14.71 10.74 -33.10
C SER D 254 -14.51 11.00 -31.60
N SER D 255 -14.88 12.20 -31.16
CA SER D 255 -14.67 12.58 -29.78
C SER D 255 -15.83 12.09 -28.90
N TRP D 256 -16.84 11.42 -29.46
CA TRP D 256 -17.77 10.64 -28.67
C TRP D 256 -17.10 9.30 -28.29
N ASP D 257 -16.40 8.69 -29.25
CA ASP D 257 -15.74 7.42 -29.04
C ASP D 257 -14.50 7.58 -28.16
N HIS D 258 -13.60 8.50 -28.55
CA HIS D 258 -12.33 8.77 -27.90
C HIS D 258 -12.30 10.24 -27.52
N PRO D 259 -12.95 10.62 -26.38
CA PRO D 259 -13.21 12.00 -26.06
C PRO D 259 -11.97 12.81 -25.71
N LEU D 260 -10.89 12.13 -25.28
CA LEU D 260 -9.67 12.81 -24.92
C LEU D 260 -8.59 12.60 -25.98
N ALA D 261 -8.35 11.34 -26.37
CA ALA D 261 -7.30 11.02 -27.34
C ALA D 261 -7.51 11.75 -28.68
N SER D 262 -8.76 12.10 -29.02
CA SER D 262 -9.04 12.78 -30.28
C SER D 262 -9.01 14.31 -30.12
N ARG D 263 -8.57 14.82 -28.95
CA ARG D 263 -8.47 16.26 -28.72
C ARG D 263 -7.11 16.68 -28.19
N PHE D 264 -6.44 15.83 -27.38
CA PHE D 264 -5.29 16.28 -26.63
C PHE D 264 -4.09 15.35 -26.73
N GLU D 265 -3.92 14.64 -27.85
CA GLU D 265 -2.77 13.73 -28.03
C GLU D 265 -1.56 14.53 -28.50
N GLU D 266 -0.68 14.88 -27.56
CA GLU D 266 0.32 15.92 -27.77
C GLU D 266 1.52 15.41 -28.56
N GLY D 267 1.74 14.09 -28.58
CA GLY D 267 2.89 13.51 -29.26
C GLY D 267 4.14 13.59 -28.39
N ASP D 268 5.03 12.60 -28.53
CA ASP D 268 6.36 12.66 -27.93
C ASP D 268 7.36 12.34 -29.02
N ALA D 269 8.34 13.24 -29.21
CA ALA D 269 9.29 13.05 -30.30
C ALA D 269 10.70 12.82 -29.76
N ILE D 270 11.41 11.88 -30.40
CA ILE D 270 12.87 11.86 -30.46
C ILE D 270 13.32 13.05 -31.30
N VAL D 271 14.32 13.81 -30.82
CA VAL D 271 14.89 14.93 -31.56
C VAL D 271 16.32 14.58 -31.97
N SER D 272 16.56 14.63 -33.29
CA SER D 272 17.86 14.42 -33.91
C SER D 272 18.45 15.76 -34.33
N PHE D 273 19.76 15.90 -34.11
CA PHE D 273 20.54 17.04 -34.55
C PHE D 273 21.74 16.52 -35.33
N GLU D 274 21.79 16.76 -36.64
CA GLU D 274 22.96 16.46 -37.45
C GLU D 274 23.69 17.76 -37.74
N ASN D 275 24.85 17.97 -37.09
CA ASN D 275 25.67 19.15 -37.27
C ASN D 275 24.79 20.40 -37.36
N VAL D 276 24.03 20.66 -36.30
CA VAL D 276 23.11 21.78 -36.26
C VAL D 276 23.87 23.03 -35.79
N PHE D 277 23.63 24.14 -36.49
CA PHE D 277 24.27 25.40 -36.13
C PHE D 277 23.34 26.15 -35.19
N VAL D 278 23.90 26.62 -34.07
CA VAL D 278 23.16 27.39 -33.09
C VAL D 278 23.89 28.72 -32.95
N PRO D 279 23.25 29.86 -33.32
CA PRO D 279 23.90 31.15 -33.15
C PRO D 279 24.13 31.47 -31.67
N TRP D 280 25.16 32.28 -31.40
CA TRP D 280 25.56 32.58 -30.03
C TRP D 280 24.44 33.24 -29.25
N GLU D 281 23.57 34.03 -29.91
CA GLU D 281 22.50 34.76 -29.21
C GLU D 281 21.45 33.78 -28.68
N ARG D 282 21.45 32.54 -29.17
CA ARG D 282 20.48 31.56 -28.73
C ARG D 282 21.05 30.71 -27.60
N VAL D 283 22.30 30.95 -27.18
CA VAL D 283 22.97 30.12 -26.19
C VAL D 283 22.80 30.71 -24.80
N PHE D 284 22.55 29.85 -23.81
CA PHE D 284 22.46 30.22 -22.41
C PHE D 284 23.57 29.52 -21.63
N VAL D 285 23.76 28.22 -21.88
CA VAL D 285 24.84 27.48 -21.25
C VAL D 285 25.57 26.69 -22.32
N CYS D 286 26.90 26.77 -22.32
CA CYS D 286 27.70 26.12 -23.35
C CYS D 286 28.75 25.22 -22.70
N GLY D 287 28.41 23.93 -22.62
CA GLY D 287 29.35 22.91 -22.19
C GLY D 287 29.90 23.22 -20.79
N ASN D 288 28.99 23.24 -19.81
CA ASN D 288 29.33 23.56 -18.43
C ASN D 288 28.38 22.83 -17.48
N SER D 289 28.86 21.71 -16.90
CA SER D 289 28.02 20.85 -16.09
C SER D 289 27.55 21.57 -14.82
N SER D 290 28.47 22.29 -14.19
CA SER D 290 28.28 22.92 -12.90
C SER D 290 27.16 23.96 -12.96
N ILE D 291 27.12 24.70 -14.06
CA ILE D 291 26.15 25.77 -14.24
C ILE D 291 24.81 25.14 -14.61
N CYS D 292 24.83 24.14 -15.49
CA CYS D 292 23.64 23.36 -15.79
C CYS D 292 22.98 22.82 -14.54
N ASN D 293 23.81 22.28 -13.62
CA ASN D 293 23.29 21.63 -12.43
C ASN D 293 22.53 22.63 -11.55
N ARG D 294 22.80 23.93 -11.71
CA ARG D 294 22.22 24.92 -10.82
C ARG D 294 21.19 25.79 -11.53
N THR D 295 20.95 25.52 -12.82
CA THR D 295 20.15 26.38 -13.69
C THR D 295 18.69 26.48 -13.24
N PHE D 296 18.09 25.36 -12.82
CA PHE D 296 16.69 25.38 -12.44
C PHE D 296 16.49 26.02 -11.08
N ARG D 297 17.49 25.92 -10.20
CA ARG D 297 17.34 26.39 -8.84
C ARG D 297 17.64 27.89 -8.74
N GLU D 298 18.78 28.35 -9.27
CA GLU D 298 19.23 29.71 -8.97
C GLU D 298 18.46 30.75 -9.78
N THR D 299 17.77 30.32 -10.84
CA THR D 299 16.92 31.18 -11.65
C THR D 299 15.50 31.22 -11.09
N ASN D 300 15.18 30.30 -10.15
CA ASN D 300 13.87 30.15 -9.56
C ASN D 300 12.89 29.59 -10.59
N ALA D 301 13.40 29.00 -11.66
CA ALA D 301 12.54 28.54 -12.74
C ALA D 301 11.70 27.36 -12.27
N VAL D 302 12.30 26.50 -11.44
CA VAL D 302 11.57 25.34 -10.95
C VAL D 302 10.38 25.78 -10.10
N ILE D 303 10.46 26.97 -9.48
CA ILE D 303 9.38 27.47 -8.64
C ILE D 303 8.18 27.90 -9.50
N HIS D 304 8.42 28.72 -10.52
CA HIS D 304 7.34 29.18 -11.38
C HIS D 304 6.77 28.04 -12.22
N MET D 305 7.63 27.13 -12.66
CA MET D 305 7.16 25.98 -13.43
C MET D 305 6.26 25.13 -12.55
N SER D 306 6.66 24.90 -11.29
CA SER D 306 5.88 24.14 -10.34
C SER D 306 4.54 24.81 -10.01
N HIS D 307 4.51 26.14 -10.02
CA HIS D 307 3.29 26.87 -9.73
C HIS D 307 2.25 26.51 -10.80
N GLN D 308 2.67 26.63 -12.07
CA GLN D 308 1.84 26.30 -13.20
C GLN D 308 1.36 24.86 -13.11
N VAL D 309 2.26 23.95 -12.73
CA VAL D 309 1.94 22.53 -12.73
C VAL D 309 0.89 22.21 -11.66
N VAL D 310 1.06 22.76 -10.45
CA VAL D 310 0.15 22.50 -9.35
C VAL D 310 -1.24 22.99 -9.72
N ALA D 311 -1.34 24.22 -10.25
CA ALA D 311 -2.62 24.77 -10.69
C ALA D 311 -3.27 23.87 -11.75
N LYS D 312 -2.47 23.32 -12.67
CA LYS D 312 -3.01 22.40 -13.67
C LYS D 312 -3.42 21.07 -13.03
N ASN D 313 -2.61 20.53 -12.11
CA ASN D 313 -2.92 19.29 -11.40
C ASN D 313 -4.22 19.36 -10.61
N ILE D 314 -4.55 20.55 -10.07
CA ILE D 314 -5.81 20.78 -9.38
C ILE D 314 -6.96 20.65 -10.37
N VAL D 315 -6.85 21.27 -11.54
CA VAL D 315 -7.88 21.18 -12.57
C VAL D 315 -8.08 19.72 -12.95
N LYS D 316 -6.98 19.03 -13.19
CA LYS D 316 -7.07 17.64 -13.57
C LYS D 316 -7.76 16.79 -12.49
N THR D 317 -7.49 17.06 -11.21
CA THR D 317 -8.07 16.27 -10.16
C THR D 317 -9.56 16.58 -10.06
N GLU D 318 -9.95 17.84 -10.33
CA GLU D 318 -11.35 18.21 -10.34
C GLU D 318 -12.10 17.36 -11.38
N PHE D 319 -11.45 17.13 -12.53
CA PHE D 319 -12.03 16.37 -13.62
C PHE D 319 -12.18 14.91 -13.20
N LEU D 320 -11.11 14.29 -12.67
CA LEU D 320 -11.18 12.92 -12.20
C LEU D 320 -12.24 12.75 -11.12
N LEU D 321 -12.33 13.70 -10.21
CA LEU D 321 -13.35 13.63 -9.19
C LEU D 321 -14.70 13.62 -9.89
N GLY D 322 -14.91 14.56 -10.82
CA GLY D 322 -16.12 14.65 -11.61
C GLY D 322 -16.49 13.33 -12.27
N VAL D 323 -15.50 12.68 -12.89
CA VAL D 323 -15.74 11.45 -13.61
C VAL D 323 -16.14 10.35 -12.65
N THR D 324 -15.41 10.23 -11.54
CA THR D 324 -15.67 9.26 -10.49
C THR D 324 -17.10 9.40 -9.99
N LEU D 325 -17.50 10.62 -9.61
CA LEU D 325 -18.83 10.86 -9.05
C LEU D 325 -19.91 10.48 -10.07
N CYS D 326 -19.73 10.89 -11.33
CA CYS D 326 -20.66 10.58 -12.39
C CYS D 326 -20.84 9.07 -12.53
N LEU D 327 -19.71 8.34 -12.59
CA LEU D 327 -19.75 6.87 -12.61
C LEU D 327 -20.57 6.29 -11.44
N ILE D 328 -20.41 6.88 -10.23
CA ILE D 328 -20.99 6.35 -9.02
C ILE D 328 -22.52 6.47 -9.10
N GLU D 329 -22.98 7.66 -9.51
CA GLU D 329 -24.42 7.91 -9.66
C GLU D 329 -25.02 7.09 -10.81
N ALA D 330 -24.29 6.85 -11.90
CA ALA D 330 -24.82 6.17 -13.07
C ALA D 330 -25.13 4.67 -12.81
N ILE D 331 -24.33 4.09 -11.93
CA ILE D 331 -24.31 2.68 -11.61
C ILE D 331 -25.07 2.43 -10.30
N GLY D 332 -25.26 3.47 -9.49
CA GLY D 332 -26.00 3.41 -8.24
C GLY D 332 -25.25 2.67 -7.15
N ILE D 333 -23.95 2.97 -6.96
CA ILE D 333 -23.12 2.32 -5.96
C ILE D 333 -22.72 3.32 -4.87
N GLY D 334 -23.31 4.51 -4.91
CA GLY D 334 -23.01 5.59 -3.97
C GLY D 334 -23.26 5.24 -2.51
N GLU D 335 -23.98 4.15 -2.22
CA GLU D 335 -24.28 3.81 -0.83
C GLU D 335 -23.34 2.74 -0.25
N PHE D 336 -22.47 2.12 -1.03
CA PHE D 336 -21.48 1.19 -0.48
C PHE D 336 -20.34 1.94 0.21
N GLN D 337 -19.90 1.46 1.39
CA GLN D 337 -18.87 2.18 2.15
C GLN D 337 -17.54 2.15 1.41
N HIS D 338 -17.20 1.06 0.68
CA HIS D 338 -15.92 1.00 0.04
C HIS D 338 -15.89 2.02 -1.10
N VAL D 339 -17.05 2.26 -1.72
CA VAL D 339 -17.20 3.19 -2.83
C VAL D 339 -17.00 4.61 -2.32
N LYS D 340 -17.61 4.89 -1.17
CA LYS D 340 -17.56 6.24 -0.62
C LYS D 340 -16.14 6.55 -0.18
N ASP D 341 -15.42 5.53 0.34
CA ASP D 341 -14.05 5.74 0.79
C ASP D 341 -13.16 6.06 -0.41
N LYS D 342 -13.35 5.37 -1.55
CA LYS D 342 -12.59 5.67 -2.76
C LYS D 342 -12.85 7.09 -3.26
N GLY D 343 -14.11 7.51 -3.23
CA GLY D 343 -14.47 8.89 -3.50
C GLY D 343 -13.70 9.85 -2.59
N ALA D 344 -13.63 9.51 -1.30
CA ALA D 344 -13.00 10.35 -0.29
C ALA D 344 -11.49 10.49 -0.54
N GLU D 345 -10.83 9.42 -1.02
CA GLU D 345 -9.42 9.49 -1.37
C GLU D 345 -9.18 10.65 -2.34
N ILE D 346 -9.96 10.71 -3.42
CA ILE D 346 -9.75 11.68 -4.49
C ILE D 346 -10.00 13.09 -3.96
N MET D 347 -11.04 13.24 -3.14
CA MET D 347 -11.38 14.50 -2.52
C MET D 347 -10.24 15.02 -1.66
N LEU D 348 -9.62 14.14 -0.87
CA LEU D 348 -8.49 14.51 -0.02
C LEU D 348 -7.32 15.00 -0.87
N VAL D 349 -7.06 14.32 -1.99
CA VAL D 349 -5.97 14.74 -2.88
C VAL D 349 -6.28 16.13 -3.41
N LEU D 350 -7.53 16.36 -3.80
CA LEU D 350 -7.90 17.66 -4.33
C LEU D 350 -7.65 18.72 -3.26
N GLU D 351 -8.05 18.47 -2.01
CA GLU D 351 -7.97 19.49 -0.97
C GLU D 351 -6.52 19.74 -0.55
N THR D 352 -5.74 18.66 -0.50
CA THR D 352 -4.30 18.77 -0.29
C THR D 352 -3.65 19.70 -1.33
N MET D 353 -3.91 19.48 -2.61
CA MET D 353 -3.26 20.30 -3.64
C MET D 353 -3.73 21.76 -3.56
N LYS D 354 -5.00 21.99 -3.28
CA LYS D 354 -5.48 23.36 -3.11
C LYS D 354 -4.85 24.05 -1.91
N SER D 355 -4.67 23.31 -0.82
CA SER D 355 -3.98 23.86 0.34
C SER D 355 -2.59 24.31 -0.06
N HIS D 356 -1.87 23.47 -0.83
CA HIS D 356 -0.48 23.77 -1.17
C HIS D 356 -0.45 25.00 -2.07
N LEU D 357 -1.44 25.09 -2.96
CA LEU D 357 -1.46 26.23 -3.86
C LEU D 357 -1.76 27.50 -3.07
N TYR D 358 -2.64 27.39 -2.07
CA TYR D 358 -3.04 28.55 -1.29
C TYR D 358 -1.82 29.11 -0.56
N ARG D 359 -1.09 28.23 0.14
CA ARG D 359 0.13 28.66 0.83
C ARG D 359 1.17 29.18 -0.16
N ALA D 360 1.35 28.48 -1.29
CA ALA D 360 2.30 28.89 -2.30
C ALA D 360 2.07 30.34 -2.69
N GLU D 361 0.80 30.73 -2.87
CA GLU D 361 0.53 32.04 -3.45
C GLU D 361 0.59 33.10 -2.36
N HIS D 362 -0.11 32.85 -1.23
CA HIS D 362 -0.37 33.89 -0.25
C HIS D 362 0.85 34.05 0.65
N ASN D 363 1.78 33.08 0.63
CA ASN D 363 3.03 33.22 1.36
C ASN D 363 4.20 33.52 0.42
N ALA D 364 3.91 33.92 -0.83
CA ALA D 364 4.94 34.37 -1.75
C ALA D 364 5.70 35.57 -1.17
N LYS D 365 7.00 35.64 -1.47
CA LYS D 365 7.86 36.78 -1.15
C LYS D 365 8.67 37.20 -2.38
N ARG D 366 9.07 38.47 -2.42
CA ARG D 366 9.89 38.99 -3.51
C ARG D 366 11.31 38.43 -3.41
N ASP D 367 11.91 38.14 -4.57
CA ASP D 367 13.28 37.61 -4.66
C ASP D 367 14.16 38.81 -4.95
N ARG D 368 15.48 38.61 -5.13
CA ARG D 368 16.43 39.71 -5.28
C ARG D 368 16.21 40.47 -6.59
N TRP D 369 15.48 39.89 -7.54
CA TRP D 369 15.18 40.56 -8.80
C TRP D 369 13.84 41.27 -8.74
N GLY D 370 13.05 41.06 -7.68
CA GLY D 370 11.79 41.76 -7.49
C GLY D 370 10.59 40.98 -8.04
N THR D 371 10.82 39.70 -8.43
CA THR D 371 9.74 38.80 -8.80
C THR D 371 9.08 38.32 -7.51
N MET D 372 7.75 38.43 -7.43
CA MET D 372 7.00 37.77 -6.37
C MET D 372 7.13 36.28 -6.57
N THR D 373 7.71 35.59 -5.59
CA THR D 373 8.15 34.22 -5.79
C THR D 373 7.31 33.31 -4.91
N PRO D 374 6.50 32.38 -5.48
CA PRO D 374 5.72 31.49 -4.64
C PRO D 374 6.57 30.79 -3.59
N ASP D 375 5.94 30.39 -2.48
CA ASP D 375 6.60 29.66 -1.42
C ASP D 375 6.84 28.25 -1.92
N PHE D 376 8.11 27.90 -2.13
CA PHE D 376 8.47 26.66 -2.78
C PHE D 376 8.36 25.48 -1.83
N ALA D 377 8.38 25.72 -0.52
CA ALA D 377 8.18 24.63 0.43
C ALA D 377 6.85 23.93 0.14
N ALA D 378 5.81 24.72 -0.18
CA ALA D 378 4.51 24.17 -0.56
C ALA D 378 4.59 23.48 -1.93
N LEU D 379 5.11 24.19 -2.94
CA LEU D 379 5.10 23.69 -4.31
C LEU D 379 5.99 22.46 -4.45
N ASP D 380 7.10 22.41 -3.72
CA ASP D 380 8.07 21.32 -3.86
C ASP D 380 7.44 20.05 -3.28
N ALA D 381 6.76 20.18 -2.15
CA ALA D 381 6.10 19.02 -1.56
C ALA D 381 4.99 18.56 -2.50
N ALA D 382 4.24 19.49 -3.09
CA ALA D 382 3.13 19.13 -3.96
C ALA D 382 3.60 18.39 -5.19
N ARG D 383 4.71 18.85 -5.78
CA ARG D 383 5.17 18.29 -7.04
C ARG D 383 5.85 16.94 -6.81
N ASN D 384 6.35 16.67 -5.60
CA ASN D 384 6.90 15.38 -5.24
C ASN D 384 5.80 14.35 -4.92
N TRP D 385 4.72 14.83 -4.33
CA TRP D 385 3.68 13.97 -3.80
C TRP D 385 2.72 13.55 -4.91
N TYR D 386 2.27 14.54 -5.68
CA TYR D 386 1.16 14.31 -6.58
C TYR D 386 1.48 13.20 -7.56
N PRO D 387 2.67 13.18 -8.22
CA PRO D 387 3.02 12.06 -9.09
C PRO D 387 2.91 10.70 -8.43
N ARG D 388 3.32 10.60 -7.16
CA ARG D 388 3.31 9.33 -6.46
C ARG D 388 1.89 8.82 -6.20
N ILE D 389 0.93 9.74 -6.09
CA ILE D 389 -0.40 9.38 -5.67
C ILE D 389 -1.29 9.23 -6.91
N TYR D 390 -0.83 9.68 -8.08
CA TYR D 390 -1.72 9.79 -9.22
C TYR D 390 -2.13 8.42 -9.73
N PRO D 391 -1.25 7.41 -9.81
CA PRO D 391 -1.66 6.08 -10.26
C PRO D 391 -2.89 5.51 -9.56
N ARG D 392 -3.03 5.82 -8.26
CA ARG D 392 -4.14 5.39 -7.46
C ARG D 392 -5.44 6.10 -7.86
N LEU D 393 -5.39 7.38 -8.25
CA LEU D 393 -6.58 8.06 -8.75
C LEU D 393 -7.12 7.32 -9.98
N SER D 394 -6.19 6.96 -10.86
CA SER D 394 -6.49 6.17 -12.05
C SER D 394 -7.07 4.82 -11.67
N GLU D 395 -6.40 4.11 -10.74
CA GLU D 395 -6.85 2.79 -10.29
C GLU D 395 -8.30 2.88 -9.80
N ILE D 396 -8.66 3.97 -9.09
CA ILE D 396 -9.98 4.12 -8.47
C ILE D 396 -11.07 4.17 -9.55
N ILE D 397 -10.86 4.95 -10.63
CA ILE D 397 -11.82 5.00 -11.71
C ILE D 397 -11.94 3.62 -12.36
N ARG D 398 -10.80 2.98 -12.60
CA ARG D 398 -10.79 1.66 -13.22
C ARG D 398 -11.64 0.71 -12.36
N ILE D 399 -11.44 0.73 -11.03
CA ILE D 399 -12.09 -0.21 -10.13
C ILE D 399 -13.60 0.03 -10.03
N LEU D 400 -14.02 1.29 -9.89
CA LEU D 400 -15.43 1.61 -9.79
C LEU D 400 -16.16 1.29 -11.10
N GLY D 401 -15.50 1.52 -12.26
CA GLY D 401 -16.09 1.32 -13.57
C GLY D 401 -16.33 -0.16 -13.87
N ALA D 402 -15.40 -1.02 -13.42
CA ALA D 402 -15.60 -2.46 -13.43
C ALA D 402 -15.95 -2.95 -14.84
N SER D 403 -16.82 -3.98 -14.95
CA SER D 403 -17.17 -4.61 -16.21
C SER D 403 -17.69 -3.61 -17.24
N GLY D 404 -18.38 -2.57 -16.76
CA GLY D 404 -18.93 -1.55 -17.62
C GLY D 404 -17.90 -0.83 -18.47
N LEU D 405 -16.62 -0.84 -18.04
CA LEU D 405 -15.58 -0.19 -18.83
C LEU D 405 -15.31 -0.99 -20.09
N MET D 406 -15.57 -2.30 -20.08
CA MET D 406 -15.35 -3.14 -21.25
C MET D 406 -16.58 -3.23 -22.15
N ALA D 407 -17.74 -2.75 -21.67
CA ALA D 407 -18.95 -2.65 -22.47
C ALA D 407 -19.01 -1.30 -23.17
N ILE D 408 -18.15 -1.13 -24.19
CA ILE D 408 -18.00 0.14 -24.86
C ILE D 408 -18.19 -0.10 -26.36
N PRO D 409 -19.46 -0.28 -26.81
CA PRO D 409 -19.76 -0.17 -28.23
C PRO D 409 -19.52 1.24 -28.76
N THR D 410 -19.48 1.39 -30.08
CA THR D 410 -19.15 2.68 -30.64
C THR D 410 -20.45 3.46 -30.85
N GLU D 411 -20.28 4.76 -31.09
CA GLU D 411 -21.35 5.63 -31.56
C GLU D 411 -22.09 4.96 -32.74
N ALA D 412 -21.33 4.46 -33.73
CA ALA D 412 -21.91 3.87 -34.94
C ALA D 412 -22.76 2.62 -34.66
N ASP D 413 -22.54 1.93 -33.53
CA ASP D 413 -23.41 0.86 -33.06
C ASP D 413 -24.79 1.42 -32.68
N PHE D 414 -24.84 2.57 -31.99
CA PHE D 414 -26.11 3.19 -31.64
C PHE D 414 -26.89 3.66 -32.87
N HIS D 415 -26.19 4.03 -33.97
CA HIS D 415 -26.84 4.59 -35.15
C HIS D 415 -27.20 3.53 -36.18
N ASN D 416 -26.87 2.26 -35.91
CA ASN D 416 -27.19 1.17 -36.83
C ASN D 416 -28.66 0.81 -36.61
N GLU D 417 -29.41 0.60 -37.70
CA GLU D 417 -30.85 0.39 -37.62
C GLU D 417 -31.22 -0.98 -37.04
N GLU D 418 -30.40 -2.02 -37.24
CA GLU D 418 -30.71 -3.34 -36.68
C GLU D 418 -30.44 -3.37 -35.17
N ILE D 419 -29.36 -2.76 -34.69
CA ILE D 419 -28.93 -2.97 -33.31
C ILE D 419 -29.06 -1.72 -32.44
N GLY D 420 -29.23 -0.52 -33.02
CA GLY D 420 -29.33 0.72 -32.25
C GLY D 420 -30.16 0.64 -30.96
N GLU D 421 -31.42 0.17 -31.07
CA GLU D 421 -32.36 0.10 -29.97
C GLU D 421 -31.92 -0.99 -28.97
N ILE D 422 -31.49 -2.14 -29.47
CA ILE D 422 -31.03 -3.23 -28.60
C ILE D 422 -29.93 -2.72 -27.70
N VAL D 423 -28.95 -2.01 -28.28
CA VAL D 423 -27.81 -1.50 -27.55
C VAL D 423 -28.30 -0.49 -26.52
N SER D 424 -29.18 0.45 -26.90
CA SER D 424 -29.69 1.47 -26.00
C SER D 424 -30.29 0.85 -24.74
N ARG D 425 -31.14 -0.18 -24.93
CA ARG D 425 -31.83 -0.80 -23.81
C ARG D 425 -30.80 -1.55 -22.97
N ALA D 426 -29.84 -2.19 -23.64
CA ALA D 426 -28.88 -3.04 -22.96
C ALA D 426 -28.03 -2.23 -21.98
N MET D 427 -27.59 -1.05 -22.41
CA MET D 427 -26.54 -0.32 -21.73
C MET D 427 -27.10 0.70 -20.71
N GLN D 428 -28.41 0.68 -20.44
CA GLN D 428 -28.95 1.56 -19.40
C GLN D 428 -28.19 1.42 -18.07
N GLY D 429 -28.16 2.55 -17.33
CA GLY D 429 -27.77 2.55 -15.93
C GLY D 429 -28.96 2.88 -15.02
N ALA D 430 -28.63 3.18 -13.76
CA ALA D 430 -29.60 3.59 -12.75
C ALA D 430 -30.28 4.91 -13.11
N THR D 431 -29.47 5.92 -13.50
CA THR D 431 -29.92 7.29 -13.60
C THR D 431 -29.72 7.88 -14.99
N VAL D 432 -29.27 7.05 -15.96
CA VAL D 432 -28.93 7.51 -17.32
C VAL D 432 -29.30 6.40 -18.32
N ASP D 433 -29.60 6.80 -19.56
CA ASP D 433 -29.96 5.86 -20.61
C ASP D 433 -28.68 5.35 -21.27
N GLY D 434 -28.84 4.44 -22.23
CA GLY D 434 -27.72 3.71 -22.81
C GLY D 434 -26.67 4.61 -23.45
N TYR D 435 -27.11 5.62 -24.22
CA TYR D 435 -26.23 6.45 -25.02
C TYR D 435 -25.38 7.31 -24.10
N GLU D 436 -25.99 7.82 -23.02
CA GLU D 436 -25.32 8.68 -22.05
C GLU D 436 -24.34 7.83 -21.25
N ARG D 437 -24.69 6.57 -21.01
CA ARG D 437 -23.91 5.75 -20.11
C ARG D 437 -22.60 5.32 -20.78
N VAL D 438 -22.71 4.88 -22.03
CA VAL D 438 -21.57 4.41 -22.77
C VAL D 438 -20.65 5.60 -23.02
N GLN D 439 -21.23 6.80 -23.16
CA GLN D 439 -20.43 8.00 -23.40
C GLN D 439 -19.59 8.35 -22.17
N LEU D 440 -20.19 8.26 -20.98
CA LEU D 440 -19.49 8.48 -19.73
C LEU D 440 -18.43 7.40 -19.53
N PHE D 441 -18.77 6.13 -19.73
CA PHE D 441 -17.81 5.06 -19.48
C PHE D 441 -16.64 5.16 -20.45
N ARG D 442 -16.92 5.64 -21.67
CA ARG D 442 -15.90 5.87 -22.69
C ARG D 442 -14.93 6.98 -22.29
N LEU D 443 -15.40 8.02 -21.60
CA LEU D 443 -14.51 9.03 -21.04
C LEU D 443 -13.66 8.44 -19.92
N ALA D 444 -14.28 7.72 -18.96
CA ALA D 444 -13.50 7.04 -17.94
C ALA D 444 -12.45 6.09 -18.56
N TRP D 445 -12.87 5.36 -19.61
CA TRP D 445 -11.97 4.44 -20.30
C TRP D 445 -10.79 5.17 -20.98
N ASP D 446 -11.05 6.30 -21.66
CA ASP D 446 -10.04 7.01 -22.42
C ASP D 446 -9.08 7.72 -21.46
N LEU D 447 -9.53 7.89 -20.22
CA LEU D 447 -8.74 8.56 -19.21
C LEU D 447 -7.75 7.62 -18.53
N THR D 448 -8.02 6.30 -18.54
CA THR D 448 -7.24 5.38 -17.72
C THR D 448 -6.81 4.10 -18.42
N MET D 449 -7.43 3.71 -19.52
CA MET D 449 -7.20 2.38 -20.07
C MET D 449 -6.94 2.42 -21.58
N SER D 450 -7.12 3.57 -22.23
CA SER D 450 -6.65 3.71 -23.59
C SER D 450 -5.15 3.96 -23.55
N ALA D 451 -4.52 3.94 -24.72
CA ALA D 451 -3.11 4.25 -24.81
C ALA D 451 -2.89 5.68 -24.34
N PHE D 452 -3.82 6.56 -24.71
CA PHE D 452 -3.87 7.94 -24.24
C PHE D 452 -3.93 7.97 -22.71
N GLY D 453 -4.88 7.25 -22.12
CA GLY D 453 -5.10 7.23 -20.68
C GLY D 453 -3.92 6.64 -19.90
N ALA D 454 -3.40 5.50 -20.35
CA ALA D 454 -2.28 4.90 -19.67
C ALA D 454 -1.09 5.86 -19.74
N ARG D 455 -0.95 6.56 -20.88
CA ARG D 455 0.14 7.53 -21.02
C ARG D 455 -0.02 8.68 -20.04
N GLN D 456 -1.25 9.18 -19.88
CA GLN D 456 -1.51 10.22 -18.88
C GLN D 456 -1.01 9.80 -17.50
N THR D 457 -1.24 8.54 -17.10
CA THR D 457 -0.80 8.06 -15.79
C THR D 457 0.74 8.05 -15.73
N HIS D 458 1.36 7.64 -16.85
CA HIS D 458 2.81 7.52 -16.91
C HIS D 458 3.46 8.90 -16.94
N TYR D 459 2.76 9.84 -17.60
CA TYR D 459 3.28 11.19 -17.77
C TYR D 459 3.28 11.93 -16.44
N GLU D 460 2.18 11.83 -15.67
CA GLU D 460 2.13 12.43 -14.35
C GLU D 460 3.21 11.82 -13.44
N TYR D 461 3.35 10.49 -13.48
CA TYR D 461 4.27 9.81 -12.59
C TYR D 461 5.71 10.27 -12.83
N TYR D 462 6.05 10.60 -14.09
CA TYR D 462 7.42 10.91 -14.50
C TYR D 462 7.55 12.37 -14.93
N PHE D 463 6.63 13.24 -14.52
CA PHE D 463 6.52 14.57 -15.13
C PHE D 463 7.79 15.41 -14.97
N PHE D 464 8.24 15.65 -13.75
CA PHE D 464 9.48 16.39 -13.52
C PHE D 464 10.67 15.44 -13.35
N GLY D 465 10.48 14.15 -13.58
CA GLY D 465 11.57 13.21 -13.48
C GLY D 465 11.18 12.01 -12.62
N ASP D 466 12.15 11.11 -12.44
CA ASP D 466 11.95 9.86 -11.75
C ASP D 466 11.69 10.18 -10.26
N PRO D 467 10.56 9.72 -9.67
CA PRO D 467 10.31 9.92 -8.25
C PRO D 467 11.39 9.37 -7.31
N VAL D 468 12.12 8.33 -7.74
CA VAL D 468 13.21 7.81 -6.93
C VAL D 468 14.28 8.89 -6.72
N ARG D 469 14.68 9.53 -7.82
CA ARG D 469 15.65 10.62 -7.76
C ARG D 469 15.05 11.86 -7.09
N MET D 470 13.80 12.18 -7.44
CA MET D 470 13.17 13.36 -6.89
C MET D 470 13.07 13.27 -5.37
N GLY D 471 12.89 12.05 -4.85
CA GLY D 471 12.80 11.85 -3.41
C GLY D 471 14.14 11.99 -2.71
N MET D 472 15.23 11.57 -3.35
CA MET D 472 16.58 11.72 -2.82
C MET D 472 16.92 13.19 -2.75
N ALA D 473 16.62 13.95 -3.82
CA ALA D 473 16.86 15.38 -3.87
C ALA D 473 16.03 16.14 -2.84
N TYR D 474 14.77 15.73 -2.68
CA TYR D 474 13.86 16.35 -1.73
C TYR D 474 14.40 16.22 -0.31
N PHE D 475 14.80 14.99 0.08
CA PHE D 475 15.45 14.71 1.37
C PHE D 475 16.72 15.54 1.54
N ASP D 476 17.58 15.57 0.53
CA ASP D 476 18.89 16.20 0.64
C ASP D 476 18.76 17.71 0.73
N GLY D 477 17.72 18.27 0.08
CA GLY D 477 17.51 19.69 0.03
C GLY D 477 16.71 20.22 1.22
N TYR D 478 16.23 19.34 2.10
CA TYR D 478 15.35 19.75 3.19
C TYR D 478 16.22 20.33 4.30
N GLU D 479 15.71 21.35 5.00
CA GLU D 479 16.44 21.94 6.12
C GLU D 479 16.17 21.08 7.34
N LYS D 480 17.10 20.17 7.63
CA LYS D 480 16.90 19.10 8.59
C LYS D 480 17.36 19.45 10.00
N GLU D 481 18.16 20.52 10.14
CA GLU D 481 18.94 20.75 11.34
C GLU D 481 18.02 21.14 12.51
N PRO D 482 17.06 22.08 12.32
CA PRO D 482 16.09 22.45 13.36
C PRO D 482 15.44 21.29 14.12
N TYR D 483 15.09 20.22 13.39
CA TYR D 483 14.30 19.10 13.92
C TYR D 483 15.16 18.15 14.74
N LYS D 484 16.43 18.05 14.36
CA LYS D 484 17.40 17.34 15.17
C LYS D 484 17.65 18.10 16.48
N GLN D 485 17.74 19.42 16.43
CA GLN D 485 18.04 20.22 17.62
C GLN D 485 16.87 20.10 18.60
N PHE D 486 15.64 20.17 18.09
CA PHE D 486 14.45 20.02 18.90
C PHE D 486 14.52 18.71 19.68
N VAL D 487 14.71 17.60 18.97
CA VAL D 487 14.79 16.30 19.61
C VAL D 487 15.94 16.28 20.59
N ARG D 488 17.10 16.84 20.21
CA ARG D 488 18.27 16.75 21.07
C ARG D 488 18.11 17.54 22.37
N GLU D 489 17.43 18.69 22.33
CA GLU D 489 17.13 19.43 23.55
C GLU D 489 16.23 18.60 24.45
N PHE D 490 15.30 17.90 23.83
CA PHE D 490 14.31 17.15 24.57
C PHE D 490 15.00 16.02 25.34
N LEU D 491 15.95 15.35 24.68
CA LEU D 491 16.76 14.31 25.32
C LEU D 491 17.66 14.89 26.41
N ARG D 492 18.13 16.12 26.23
CA ARG D 492 19.08 16.72 27.15
C ARG D 492 18.42 16.87 28.52
N GLY D 493 17.13 17.23 28.55
CA GLY D 493 16.36 17.16 29.78
C GLY D 493 16.78 15.97 30.65
N ALA D 494 16.59 14.76 30.13
CA ALA D 494 16.63 13.57 30.97
C ALA D 494 18.02 12.98 31.21
N LYS D 495 19.13 13.71 31.01
CA LYS D 495 20.46 13.09 31.07
C LYS D 495 21.00 13.03 32.50
N SER D 496 21.87 12.04 32.78
CA SER D 496 22.59 11.92 34.05
C SER D 496 24.08 12.28 33.88
N VAL D 497 24.80 12.35 35.01
CA VAL D 497 26.00 13.16 35.14
C VAL D 497 27.11 12.36 35.83
CAA PEU E . -11.40 0.47 3.53
OAB PEU E . -11.65 1.24 4.73
CAC PEU E . -10.99 2.52 4.91
CAD PEU E . -9.65 2.41 5.66
OAE PEU E . -9.05 3.69 5.91
CAF PEU E . -7.67 3.75 5.55
CAG PEU E . -7.49 3.87 4.03
OAH PEU E . -6.20 4.36 3.65
CAI PEU E . -6.09 5.78 3.59
CAJ PEU E . -5.94 6.32 2.17
OAK PEU E . -6.13 7.74 2.15
CAL PEU E . -4.98 8.53 1.79
CAM PEU E . -5.31 9.53 0.65
OAN PEU E . -4.23 10.45 0.41
CAO PEU E . -3.16 10.01 -0.44
CAP PEU E . -1.97 9.28 0.30
OAQ PEU E . -0.97 10.16 0.86
CAR PEU E . 0.31 9.53 1.06
CAS PEU E . 1.10 10.13 2.24
OAT PEU E . 2.11 11.08 1.84
CAU PEU E . 3.47 10.60 1.81
CAV PEU E . 3.93 10.31 0.37
OAW PEU E . 4.62 9.07 0.26
CAX PEU E . 4.47 8.41 -1.00
CAY PEU E . 5.34 7.14 -1.07
OAZ PEU E . 5.06 6.34 -2.22
CBA PEU E . 5.78 6.65 -3.42
CBB PEU E . 6.24 5.41 -4.16
OBC PEU E . 7.31 5.70 -5.08
CCG PEU E . 8.55 5.99 -4.42
CCF PEU E . 9.74 5.57 -5.26
OCE PEU E . 10.77 5.03 -4.43
CCD PEU E . 10.82 3.60 -4.43
CCC PEU E . 11.33 3.08 -3.09
OCB PEU E . 12.08 1.88 -3.29
CCA PEU E . 12.77 1.40 -2.12
CBZ PEU E . 12.56 -0.11 -1.96
OBY PEU E . 12.30 -0.46 -0.60
CBX PEU E . 11.79 -1.79 -0.46
CBW PEU E . 12.08 -2.33 0.92
OBV PEU E . 11.86 -3.73 0.99
CBU PEU E . 10.88 -4.15 1.94
CBT PEU E . 9.49 -3.65 1.59
OBS PEU E . 8.55 -4.72 1.67
CBR PEU E . 7.30 -4.43 1.02
CBQ PEU E . 7.15 -5.23 -0.25
OBP PEU E . 6.45 -6.46 0.00
CBO PEU E . 6.56 -7.41 -1.06
CBN PEU E . 5.38 -8.36 -1.12
OBM PEU E . 5.38 -9.00 -2.40
CBL PEU E . 4.55 -10.16 -2.54
CBK PEU E . 3.24 -9.85 -3.24
OBJ PEU E . 2.13 -10.16 -2.38
CBI PEU E . 1.68 -9.05 -1.59
CBH PEU E . 0.24 -9.26 -1.15
OBG PEU E . 0.15 -10.34 -0.21
CBF PEU E . -0.28 -9.91 1.07
CBE PEU E . -1.06 -10.99 1.79
OBD PEU E . -2.24 -11.33 1.07
CCH PEU E . -3.27 -10.34 1.10
CCI PEU E . -3.59 -9.87 -0.31
OCJ PEU E . -4.72 -8.99 -0.28
CCK PEU E . -4.42 -7.71 -0.82
CCL PEU E . -5.57 -6.78 -0.53
OCM PEU E . -5.73 -5.85 -1.60
CCN PEU E . -6.84 -6.10 -2.47
CCO PEU E . -7.76 -4.92 -2.54
OCP PEU E . -9.05 -5.34 -2.96
CCQ PEU E . -10.00 -5.54 -1.91
CCR PEU E . -11.14 -4.55 -2.00
OCS PEU E . -11.54 -4.14 -0.69
CCT PEU E . -11.76 -2.73 -0.56
OCV PEU E . -57.87 94.04 90.63
CCX PEU E . 148.99 264.97 -19.01
ODB PEU E . -360.63 259.27 127.72
ODE PEU E . -25.66 423.98 -664.13
#